data_1N5O
# 
_entry.id   1N5O 
# 
_audit_conform.dict_name       mmcif_pdbx.dic 
_audit_conform.dict_version    5.386 
_audit_conform.dict_location   http://mmcif.pdb.org/dictionaries/ascii/mmcif_pdbx.dic 
# 
loop_
_database_2.database_id 
_database_2.database_code 
_database_2.pdbx_database_accession 
_database_2.pdbx_DOI 
PDB   1N5O         pdb_00001n5o 10.2210/pdb1n5o/pdb 
RCSB  RCSB017549   ?            ?                   
WWPDB D_1000017549 ?            ?                   
# 
loop_
_pdbx_audit_revision_history.ordinal 
_pdbx_audit_revision_history.data_content_type 
_pdbx_audit_revision_history.major_revision 
_pdbx_audit_revision_history.minor_revision 
_pdbx_audit_revision_history.revision_date 
1 'Structure model' 1 0 2002-12-25 
2 'Structure model' 1 1 2008-04-28 
3 'Structure model' 1 2 2011-07-13 
4 'Structure model' 1 3 2019-07-24 
5 'Structure model' 1 4 2021-10-27 
6 'Structure model' 1 5 2024-02-14 
# 
_pdbx_audit_revision_details.ordinal             1 
_pdbx_audit_revision_details.revision_ordinal    1 
_pdbx_audit_revision_details.data_content_type   'Structure model' 
_pdbx_audit_revision_details.provider            repository 
_pdbx_audit_revision_details.type                'Initial release' 
_pdbx_audit_revision_details.description         ? 
_pdbx_audit_revision_details.details             ? 
# 
loop_
_pdbx_audit_revision_group.ordinal 
_pdbx_audit_revision_group.revision_ordinal 
_pdbx_audit_revision_group.data_content_type 
_pdbx_audit_revision_group.group 
1  2 'Structure model' 'Version format compliance' 
2  3 'Structure model' Advisory                    
3  3 'Structure model' 'Refinement description'    
4  3 'Structure model' 'Version format compliance' 
5  4 'Structure model' 'Data collection'           
6  4 'Structure model' 'Refinement description'    
7  5 'Structure model' 'Database references'       
8  5 'Structure model' 'Derived calculations'      
9  6 'Structure model' 'Data collection'           
10 6 'Structure model' 'Refinement description'    
# 
loop_
_pdbx_audit_revision_category.ordinal 
_pdbx_audit_revision_category.revision_ordinal 
_pdbx_audit_revision_category.data_content_type 
_pdbx_audit_revision_category.category 
1 4 'Structure model' software                      
2 5 'Structure model' database_2                    
3 5 'Structure model' pdbx_struct_conn_angle        
4 5 'Structure model' struct_conn                   
5 5 'Structure model' struct_ref_seq_dif            
6 5 'Structure model' struct_site                   
7 6 'Structure model' chem_comp_atom                
8 6 'Structure model' chem_comp_bond                
9 6 'Structure model' pdbx_initial_refinement_model 
# 
loop_
_pdbx_audit_revision_item.ordinal 
_pdbx_audit_revision_item.revision_ordinal 
_pdbx_audit_revision_item.data_content_type 
_pdbx_audit_revision_item.item 
1  4 'Structure model' '_software.classification'                    
2  4 'Structure model' '_software.name'                              
3  4 'Structure model' '_software.version'                           
4  5 'Structure model' '_database_2.pdbx_DOI'                        
5  5 'Structure model' '_database_2.pdbx_database_accession'         
6  5 'Structure model' '_pdbx_struct_conn_angle.ptnr1_auth_comp_id'  
7  5 'Structure model' '_pdbx_struct_conn_angle.ptnr1_auth_seq_id'   
8  5 'Structure model' '_pdbx_struct_conn_angle.ptnr1_label_asym_id' 
9  5 'Structure model' '_pdbx_struct_conn_angle.ptnr1_label_atom_id' 
10 5 'Structure model' '_pdbx_struct_conn_angle.ptnr1_label_comp_id' 
11 5 'Structure model' '_pdbx_struct_conn_angle.ptnr1_label_seq_id'  
12 5 'Structure model' '_pdbx_struct_conn_angle.ptnr1_symmetry'      
13 5 'Structure model' '_pdbx_struct_conn_angle.ptnr3_auth_comp_id'  
14 5 'Structure model' '_pdbx_struct_conn_angle.ptnr3_auth_seq_id'   
15 5 'Structure model' '_pdbx_struct_conn_angle.ptnr3_label_asym_id' 
16 5 'Structure model' '_pdbx_struct_conn_angle.ptnr3_label_atom_id' 
17 5 'Structure model' '_pdbx_struct_conn_angle.ptnr3_label_comp_id' 
18 5 'Structure model' '_pdbx_struct_conn_angle.ptnr3_label_seq_id'  
19 5 'Structure model' '_pdbx_struct_conn_angle.ptnr3_symmetry'      
20 5 'Structure model' '_struct_conn.pdbx_dist_value'                
21 5 'Structure model' '_struct_conn.ptnr1_auth_comp_id'             
22 5 'Structure model' '_struct_conn.ptnr1_auth_seq_id'              
23 5 'Structure model' '_struct_conn.ptnr1_label_asym_id'            
24 5 'Structure model' '_struct_conn.ptnr1_label_atom_id'            
25 5 'Structure model' '_struct_conn.ptnr1_label_comp_id'            
26 5 'Structure model' '_struct_conn.ptnr1_symmetry'                 
27 5 'Structure model' '_struct_conn.ptnr2_auth_comp_id'             
28 5 'Structure model' '_struct_conn.ptnr2_auth_seq_id'              
29 5 'Structure model' '_struct_conn.ptnr2_label_asym_id'            
30 5 'Structure model' '_struct_conn.ptnr2_label_atom_id'            
31 5 'Structure model' '_struct_conn.ptnr2_label_comp_id'            
32 5 'Structure model' '_struct_conn.ptnr2_label_seq_id'             
33 5 'Structure model' '_struct_conn.ptnr2_symmetry'                 
34 5 'Structure model' '_struct_ref_seq_dif.details'                 
35 5 'Structure model' '_struct_site.pdbx_auth_asym_id'              
36 5 'Structure model' '_struct_site.pdbx_auth_comp_id'              
37 5 'Structure model' '_struct_site.pdbx_auth_seq_id'               
# 
_pdbx_database_status.status_code                     REL 
_pdbx_database_status.entry_id                        1N5O 
_pdbx_database_status.recvd_initial_deposition_date   2002-11-06 
_pdbx_database_status.deposit_site                    RCSB 
_pdbx_database_status.process_site                    RCSB 
_pdbx_database_status.status_code_sf                  REL 
_pdbx_database_status.SG_entry                        . 
_pdbx_database_status.pdb_format_compatible           Y 
_pdbx_database_status.status_code_mr                  ? 
_pdbx_database_status.status_code_cs                  ? 
_pdbx_database_status.methods_development_category    ? 
_pdbx_database_status.status_code_nmr_data            ? 
# 
_pdbx_database_related.db_name        PDB 
_pdbx_database_related.db_id          1jnx 
_pdbx_database_related.details        . 
_pdbx_database_related.content_type   unspecified 
# 
loop_
_audit_author.name 
_audit_author.pdbx_ordinal 
'Williams, R.S.' 1 
'Glover, J.N.M.' 2 
# 
_citation.id                        primary 
_citation.title                     'Structural consequences of a cancer-causing BRCA1-BRCT missense mutation' 
_citation.journal_abbrev            J.Biol.Chem. 
_citation.journal_volume            278 
_citation.page_first                2630 
_citation.page_last                 2635 
_citation.year                      2003 
_citation.journal_id_ASTM           JBCHA3 
_citation.country                   US 
_citation.journal_id_ISSN           0021-9258 
_citation.journal_id_CSD            0071 
_citation.book_publisher            ? 
_citation.pdbx_database_id_PubMed   12427738 
_citation.pdbx_database_id_DOI      10.1074/jbc.M210019200 
# 
loop_
_citation_author.citation_id 
_citation_author.name 
_citation_author.ordinal 
_citation_author.identifier_ORCID 
primary 'Williams, R.S.' 1 ? 
primary 'Glover, J.N.M.' 2 ? 
# 
loop_
_entity.id 
_entity.type 
_entity.src_method 
_entity.pdbx_description 
_entity.formula_weight 
_entity.pdbx_number_of_molecules 
_entity.pdbx_ec 
_entity.pdbx_mutation 
_entity.pdbx_fragment 
_entity.details 
1 polymer     man 'Breast cancer type 1 susceptibility protein' 24557.232 1  ? M1775R 'BRCT (residues 1646-1859)' ? 
2 non-polymer syn 'COBALT (II) ION'                             58.933    1  ? ?      ?                           ? 
3 non-polymer syn 'SULFATE ION'                                 96.063    2  ? ?      ?                           ? 
4 water       nat water                                         18.015    59 ? ?      ?                           ? 
# 
_entity_poly.entity_id                      1 
_entity_poly.type                           'polypeptide(L)' 
_entity_poly.nstd_linkage                   no 
_entity_poly.nstd_monomer                   no 
_entity_poly.pdbx_seq_one_letter_code       
;VNKRMSMVVSGLTPEEFMLVYKFARKHHITLTNLITEETTHVVMKTDAEFVCERTLKYFLGIAGGKWVVSYFWVTQSIKE
RKMLNEHDFEVRGDVVNGRNHQGPKRARESQDRKIFRGLEICCYGPFTNRPTDQLEWMVQLCGASVVKELSSFTLGTGVH
PIVVVQPDAWTEDNGFHAIGQMCEAPVVTREWVLDSVALYQCQELDTYLIPQIP
;
_entity_poly.pdbx_seq_one_letter_code_can   
;VNKRMSMVVSGLTPEEFMLVYKFARKHHITLTNLITEETTHVVMKTDAEFVCERTLKYFLGIAGGKWVVSYFWVTQSIKE
RKMLNEHDFEVRGDVVNGRNHQGPKRARESQDRKIFRGLEICCYGPFTNRPTDQLEWMVQLCGASVVKELSSFTLGTGVH
PIVVVQPDAWTEDNGFHAIGQMCEAPVVTREWVLDSVALYQCQELDTYLIPQIP
;
_entity_poly.pdbx_strand_id                 X 
_entity_poly.pdbx_target_identifier         ? 
# 
loop_
_pdbx_entity_nonpoly.entity_id 
_pdbx_entity_nonpoly.name 
_pdbx_entity_nonpoly.comp_id 
2 'COBALT (II) ION' CO  
3 'SULFATE ION'     SO4 
4 water             HOH 
# 
loop_
_entity_poly_seq.entity_id 
_entity_poly_seq.num 
_entity_poly_seq.mon_id 
_entity_poly_seq.hetero 
1 1   VAL n 
1 2   ASN n 
1 3   LYS n 
1 4   ARG n 
1 5   MET n 
1 6   SER n 
1 7   MET n 
1 8   VAL n 
1 9   VAL n 
1 10  SER n 
1 11  GLY n 
1 12  LEU n 
1 13  THR n 
1 14  PRO n 
1 15  GLU n 
1 16  GLU n 
1 17  PHE n 
1 18  MET n 
1 19  LEU n 
1 20  VAL n 
1 21  TYR n 
1 22  LYS n 
1 23  PHE n 
1 24  ALA n 
1 25  ARG n 
1 26  LYS n 
1 27  HIS n 
1 28  HIS n 
1 29  ILE n 
1 30  THR n 
1 31  LEU n 
1 32  THR n 
1 33  ASN n 
1 34  LEU n 
1 35  ILE n 
1 36  THR n 
1 37  GLU n 
1 38  GLU n 
1 39  THR n 
1 40  THR n 
1 41  HIS n 
1 42  VAL n 
1 43  VAL n 
1 44  MET n 
1 45  LYS n 
1 46  THR n 
1 47  ASP n 
1 48  ALA n 
1 49  GLU n 
1 50  PHE n 
1 51  VAL n 
1 52  CYS n 
1 53  GLU n 
1 54  ARG n 
1 55  THR n 
1 56  LEU n 
1 57  LYS n 
1 58  TYR n 
1 59  PHE n 
1 60  LEU n 
1 61  GLY n 
1 62  ILE n 
1 63  ALA n 
1 64  GLY n 
1 65  GLY n 
1 66  LYS n 
1 67  TRP n 
1 68  VAL n 
1 69  VAL n 
1 70  SER n 
1 71  TYR n 
1 72  PHE n 
1 73  TRP n 
1 74  VAL n 
1 75  THR n 
1 76  GLN n 
1 77  SER n 
1 78  ILE n 
1 79  LYS n 
1 80  GLU n 
1 81  ARG n 
1 82  LYS n 
1 83  MET n 
1 84  LEU n 
1 85  ASN n 
1 86  GLU n 
1 87  HIS n 
1 88  ASP n 
1 89  PHE n 
1 90  GLU n 
1 91  VAL n 
1 92  ARG n 
1 93  GLY n 
1 94  ASP n 
1 95  VAL n 
1 96  VAL n 
1 97  ASN n 
1 98  GLY n 
1 99  ARG n 
1 100 ASN n 
1 101 HIS n 
1 102 GLN n 
1 103 GLY n 
1 104 PRO n 
1 105 LYS n 
1 106 ARG n 
1 107 ALA n 
1 108 ARG n 
1 109 GLU n 
1 110 SER n 
1 111 GLN n 
1 112 ASP n 
1 113 ARG n 
1 114 LYS n 
1 115 ILE n 
1 116 PHE n 
1 117 ARG n 
1 118 GLY n 
1 119 LEU n 
1 120 GLU n 
1 121 ILE n 
1 122 CYS n 
1 123 CYS n 
1 124 TYR n 
1 125 GLY n 
1 126 PRO n 
1 127 PHE n 
1 128 THR n 
1 129 ASN n 
1 130 ARG n 
1 131 PRO n 
1 132 THR n 
1 133 ASP n 
1 134 GLN n 
1 135 LEU n 
1 136 GLU n 
1 137 TRP n 
1 138 MET n 
1 139 VAL n 
1 140 GLN n 
1 141 LEU n 
1 142 CYS n 
1 143 GLY n 
1 144 ALA n 
1 145 SER n 
1 146 VAL n 
1 147 VAL n 
1 148 LYS n 
1 149 GLU n 
1 150 LEU n 
1 151 SER n 
1 152 SER n 
1 153 PHE n 
1 154 THR n 
1 155 LEU n 
1 156 GLY n 
1 157 THR n 
1 158 GLY n 
1 159 VAL n 
1 160 HIS n 
1 161 PRO n 
1 162 ILE n 
1 163 VAL n 
1 164 VAL n 
1 165 VAL n 
1 166 GLN n 
1 167 PRO n 
1 168 ASP n 
1 169 ALA n 
1 170 TRP n 
1 171 THR n 
1 172 GLU n 
1 173 ASP n 
1 174 ASN n 
1 175 GLY n 
1 176 PHE n 
1 177 HIS n 
1 178 ALA n 
1 179 ILE n 
1 180 GLY n 
1 181 GLN n 
1 182 MET n 
1 183 CYS n 
1 184 GLU n 
1 185 ALA n 
1 186 PRO n 
1 187 VAL n 
1 188 VAL n 
1 189 THR n 
1 190 ARG n 
1 191 GLU n 
1 192 TRP n 
1 193 VAL n 
1 194 LEU n 
1 195 ASP n 
1 196 SER n 
1 197 VAL n 
1 198 ALA n 
1 199 LEU n 
1 200 TYR n 
1 201 GLN n 
1 202 CYS n 
1 203 GLN n 
1 204 GLU n 
1 205 LEU n 
1 206 ASP n 
1 207 THR n 
1 208 TYR n 
1 209 LEU n 
1 210 ILE n 
1 211 PRO n 
1 212 GLN n 
1 213 ILE n 
1 214 PRO n 
# 
_entity_src_gen.entity_id                          1 
_entity_src_gen.pdbx_src_id                        1 
_entity_src_gen.pdbx_alt_source_flag               sample 
_entity_src_gen.pdbx_seq_type                      ? 
_entity_src_gen.pdbx_beg_seq_num                   ? 
_entity_src_gen.pdbx_end_seq_num                   ? 
_entity_src_gen.gene_src_common_name               human 
_entity_src_gen.gene_src_genus                     Homo 
_entity_src_gen.pdbx_gene_src_gene                 BRCA1 
_entity_src_gen.gene_src_species                   ? 
_entity_src_gen.gene_src_strain                    ? 
_entity_src_gen.gene_src_tissue                    ? 
_entity_src_gen.gene_src_tissue_fraction           ? 
_entity_src_gen.gene_src_details                   ? 
_entity_src_gen.pdbx_gene_src_fragment             ? 
_entity_src_gen.pdbx_gene_src_scientific_name      'Homo sapiens' 
_entity_src_gen.pdbx_gene_src_ncbi_taxonomy_id     9606 
_entity_src_gen.pdbx_gene_src_variant              ? 
_entity_src_gen.pdbx_gene_src_cell_line            ? 
_entity_src_gen.pdbx_gene_src_atcc                 ? 
_entity_src_gen.pdbx_gene_src_organ                ? 
_entity_src_gen.pdbx_gene_src_organelle            ? 
_entity_src_gen.pdbx_gene_src_cell                 ? 
_entity_src_gen.pdbx_gene_src_cellular_location    ? 
_entity_src_gen.host_org_common_name               ? 
_entity_src_gen.pdbx_host_org_scientific_name      'Escherichia coli' 
_entity_src_gen.pdbx_host_org_ncbi_taxonomy_id     562 
_entity_src_gen.host_org_genus                     Escherichia 
_entity_src_gen.pdbx_host_org_gene                 ? 
_entity_src_gen.pdbx_host_org_organ                ? 
_entity_src_gen.host_org_species                   ? 
_entity_src_gen.pdbx_host_org_tissue               ? 
_entity_src_gen.pdbx_host_org_tissue_fraction      ? 
_entity_src_gen.pdbx_host_org_strain               ? 
_entity_src_gen.pdbx_host_org_variant              ? 
_entity_src_gen.pdbx_host_org_cell_line            ? 
_entity_src_gen.pdbx_host_org_atcc                 ? 
_entity_src_gen.pdbx_host_org_culture_collection   ? 
_entity_src_gen.pdbx_host_org_cell                 ? 
_entity_src_gen.pdbx_host_org_organelle            ? 
_entity_src_gen.pdbx_host_org_cellular_location    ? 
_entity_src_gen.pdbx_host_org_vector_type          ? 
_entity_src_gen.pdbx_host_org_vector               ? 
_entity_src_gen.host_org_details                   ? 
_entity_src_gen.expression_system_id               ? 
_entity_src_gen.plasmid_name                       ? 
_entity_src_gen.plasmid_details                    ? 
_entity_src_gen.pdbx_description                   ? 
# 
loop_
_chem_comp.id 
_chem_comp.type 
_chem_comp.mon_nstd_flag 
_chem_comp.name 
_chem_comp.pdbx_synonyms 
_chem_comp.formula 
_chem_comp.formula_weight 
ALA 'L-peptide linking' y ALANINE           ? 'C3 H7 N O2'     89.093  
ARG 'L-peptide linking' y ARGININE          ? 'C6 H15 N4 O2 1' 175.209 
ASN 'L-peptide linking' y ASPARAGINE        ? 'C4 H8 N2 O3'    132.118 
ASP 'L-peptide linking' y 'ASPARTIC ACID'   ? 'C4 H7 N O4'     133.103 
CO  non-polymer         . 'COBALT (II) ION' ? 'Co 2'           58.933  
CYS 'L-peptide linking' y CYSTEINE          ? 'C3 H7 N O2 S'   121.158 
GLN 'L-peptide linking' y GLUTAMINE         ? 'C5 H10 N2 O3'   146.144 
GLU 'L-peptide linking' y 'GLUTAMIC ACID'   ? 'C5 H9 N O4'     147.129 
GLY 'peptide linking'   y GLYCINE           ? 'C2 H5 N O2'     75.067  
HIS 'L-peptide linking' y HISTIDINE         ? 'C6 H10 N3 O2 1' 156.162 
HOH non-polymer         . WATER             ? 'H2 O'           18.015  
ILE 'L-peptide linking' y ISOLEUCINE        ? 'C6 H13 N O2'    131.173 
LEU 'L-peptide linking' y LEUCINE           ? 'C6 H13 N O2'    131.173 
LYS 'L-peptide linking' y LYSINE            ? 'C6 H15 N2 O2 1' 147.195 
MET 'L-peptide linking' y METHIONINE        ? 'C5 H11 N O2 S'  149.211 
PHE 'L-peptide linking' y PHENYLALANINE     ? 'C9 H11 N O2'    165.189 
PRO 'L-peptide linking' y PROLINE           ? 'C5 H9 N O2'     115.130 
SER 'L-peptide linking' y SERINE            ? 'C3 H7 N O3'     105.093 
SO4 non-polymer         . 'SULFATE ION'     ? 'O4 S -2'        96.063  
THR 'L-peptide linking' y THREONINE         ? 'C4 H9 N O3'     119.119 
TRP 'L-peptide linking' y TRYPTOPHAN        ? 'C11 H12 N2 O2'  204.225 
TYR 'L-peptide linking' y TYROSINE          ? 'C9 H11 N O3'    181.189 
VAL 'L-peptide linking' y VALINE            ? 'C5 H11 N O2'    117.146 
# 
loop_
_pdbx_poly_seq_scheme.asym_id 
_pdbx_poly_seq_scheme.entity_id 
_pdbx_poly_seq_scheme.seq_id 
_pdbx_poly_seq_scheme.mon_id 
_pdbx_poly_seq_scheme.ndb_seq_num 
_pdbx_poly_seq_scheme.pdb_seq_num 
_pdbx_poly_seq_scheme.auth_seq_num 
_pdbx_poly_seq_scheme.pdb_mon_id 
_pdbx_poly_seq_scheme.auth_mon_id 
_pdbx_poly_seq_scheme.pdb_strand_id 
_pdbx_poly_seq_scheme.pdb_ins_code 
_pdbx_poly_seq_scheme.hetero 
A 1 1   VAL 1   1646 ?    ?   ?   X . n 
A 1 2   ASN 2   1647 ?    ?   ?   X . n 
A 1 3   LYS 3   1648 ?    ?   ?   X . n 
A 1 4   ARG 4   1649 1649 ARG ARG X . n 
A 1 5   MET 5   1650 1650 MET MET X . n 
A 1 6   SER 6   1651 1651 SER SER X . n 
A 1 7   MET 7   1652 1652 MET MET X . n 
A 1 8   VAL 8   1653 1653 VAL VAL X . n 
A 1 9   VAL 9   1654 1654 VAL VAL X . n 
A 1 10  SER 10  1655 1655 SER SER X . n 
A 1 11  GLY 11  1656 1656 GLY GLY X . n 
A 1 12  LEU 12  1657 1657 LEU LEU X . n 
A 1 13  THR 13  1658 1658 THR THR X . n 
A 1 14  PRO 14  1659 1659 PRO PRO X . n 
A 1 15  GLU 15  1660 1660 GLU GLU X . n 
A 1 16  GLU 16  1661 1661 GLU GLU X . n 
A 1 17  PHE 17  1662 1662 PHE PHE X . n 
A 1 18  MET 18  1663 1663 MET MET X . n 
A 1 19  LEU 19  1664 1664 LEU LEU X . n 
A 1 20  VAL 20  1665 1665 VAL VAL X . n 
A 1 21  TYR 21  1666 1666 TYR TYR X . n 
A 1 22  LYS 22  1667 1667 LYS LYS X . n 
A 1 23  PHE 23  1668 1668 PHE PHE X . n 
A 1 24  ALA 24  1669 1669 ALA ALA X . n 
A 1 25  ARG 25  1670 1670 ARG ARG X . n 
A 1 26  LYS 26  1671 1671 LYS LYS X . n 
A 1 27  HIS 27  1672 1672 HIS HIS X . n 
A 1 28  HIS 28  1673 1673 HIS HIS X . n 
A 1 29  ILE 29  1674 1674 ILE ILE X . n 
A 1 30  THR 30  1675 1675 THR THR X . n 
A 1 31  LEU 31  1676 1676 LEU LEU X . n 
A 1 32  THR 32  1677 1677 THR THR X . n 
A 1 33  ASN 33  1678 1678 ASN ASN X . n 
A 1 34  LEU 34  1679 1679 LEU LEU X . n 
A 1 35  ILE 35  1680 1680 ILE ILE X . n 
A 1 36  THR 36  1681 1681 THR THR X . n 
A 1 37  GLU 37  1682 1682 GLU GLU X . n 
A 1 38  GLU 38  1683 1683 GLU GLU X . n 
A 1 39  THR 39  1684 1684 THR THR X . n 
A 1 40  THR 40  1685 1685 THR THR X . n 
A 1 41  HIS 41  1686 1686 HIS HIS X . n 
A 1 42  VAL 42  1687 1687 VAL VAL X . n 
A 1 43  VAL 43  1688 1688 VAL VAL X . n 
A 1 44  MET 44  1689 1689 MET MET X . n 
A 1 45  LYS 45  1690 1690 LYS LYS X . n 
A 1 46  THR 46  1691 1691 THR THR X . n 
A 1 47  ASP 47  1692 1692 ASP ASP X . n 
A 1 48  ALA 48  1693 1693 ALA ALA X . n 
A 1 49  GLU 49  1694 ?    ?   ?   X . n 
A 1 50  PHE 50  1695 1695 PHE PHE X . n 
A 1 51  VAL 51  1696 1696 VAL VAL X . n 
A 1 52  CYS 52  1697 1697 CYS CYS X . n 
A 1 53  GLU 53  1698 1698 GLU GLU X . n 
A 1 54  ARG 54  1699 1699 ARG ARG X . n 
A 1 55  THR 55  1700 1700 THR THR X . n 
A 1 56  LEU 56  1701 1701 LEU LEU X . n 
A 1 57  LYS 57  1702 1702 LYS LYS X . n 
A 1 58  TYR 58  1703 1703 TYR TYR X . n 
A 1 59  PHE 59  1704 1704 PHE PHE X . n 
A 1 60  LEU 60  1705 1705 LEU LEU X . n 
A 1 61  GLY 61  1706 1706 GLY GLY X . n 
A 1 62  ILE 62  1707 1707 ILE ILE X . n 
A 1 63  ALA 63  1708 1708 ALA ALA X . n 
A 1 64  GLY 64  1709 1709 GLY GLY X . n 
A 1 65  GLY 65  1710 1710 GLY GLY X . n 
A 1 66  LYS 66  1711 1711 LYS LYS X . n 
A 1 67  TRP 67  1712 1712 TRP TRP X . n 
A 1 68  VAL 68  1713 1713 VAL VAL X . n 
A 1 69  VAL 69  1714 1714 VAL VAL X . n 
A 1 70  SER 70  1715 1715 SER SER X . n 
A 1 71  TYR 71  1716 1716 TYR TYR X . n 
A 1 72  PHE 72  1717 1717 PHE PHE X . n 
A 1 73  TRP 73  1718 1718 TRP TRP X . n 
A 1 74  VAL 74  1719 1719 VAL VAL X . n 
A 1 75  THR 75  1720 1720 THR THR X . n 
A 1 76  GLN 76  1721 1721 GLN GLN X . n 
A 1 77  SER 77  1722 1722 SER SER X . n 
A 1 78  ILE 78  1723 1723 ILE ILE X . n 
A 1 79  LYS 79  1724 1724 LYS LYS X . n 
A 1 80  GLU 80  1725 1725 GLU GLU X . n 
A 1 81  ARG 81  1726 1726 ARG ARG X . n 
A 1 82  LYS 82  1727 1727 LYS LYS X . n 
A 1 83  MET 83  1728 1728 MET MET X . n 
A 1 84  LEU 84  1729 1729 LEU LEU X . n 
A 1 85  ASN 85  1730 1730 ASN ASN X . n 
A 1 86  GLU 86  1731 1731 GLU GLU X . n 
A 1 87  HIS 87  1732 1732 HIS HIS X . n 
A 1 88  ASP 88  1733 1733 ASP ASP X . n 
A 1 89  PHE 89  1734 1734 PHE PHE X . n 
A 1 90  GLU 90  1735 1735 GLU GLU X . n 
A 1 91  VAL 91  1736 1736 VAL VAL X . n 
A 1 92  ARG 92  1737 1737 ARG ARG X . n 
A 1 93  GLY 93  1738 1738 GLY GLY X . n 
A 1 94  ASP 94  1739 1739 ASP ASP X . n 
A 1 95  VAL 95  1740 1740 VAL VAL X . n 
A 1 96  VAL 96  1741 1741 VAL VAL X . n 
A 1 97  ASN 97  1742 1742 ASN ASN X . n 
A 1 98  GLY 98  1743 1743 GLY GLY X . n 
A 1 99  ARG 99  1744 1744 ARG ARG X . n 
A 1 100 ASN 100 1745 1745 ASN ASN X . n 
A 1 101 HIS 101 1746 1746 HIS HIS X . n 
A 1 102 GLN 102 1747 1747 GLN GLN X . n 
A 1 103 GLY 103 1748 1748 GLY GLY X . n 
A 1 104 PRO 104 1749 1749 PRO PRO X . n 
A 1 105 LYS 105 1750 1750 LYS LYS X . n 
A 1 106 ARG 106 1751 1751 ARG ARG X . n 
A 1 107 ALA 107 1752 1752 ALA ALA X . n 
A 1 108 ARG 108 1753 1753 ARG ARG X . n 
A 1 109 GLU 109 1754 1754 GLU GLU X . n 
A 1 110 SER 110 1755 1755 SER SER X . n 
A 1 111 GLN 111 1756 1756 GLN GLN X . n 
A 1 112 ASP 112 1757 1757 ASP ASP X . n 
A 1 113 ARG 113 1758 1758 ARG ARG X . n 
A 1 114 LYS 114 1759 1759 LYS LYS X . n 
A 1 115 ILE 115 1760 1760 ILE ILE X . n 
A 1 116 PHE 116 1761 1761 PHE PHE X . n 
A 1 117 ARG 117 1762 1762 ARG ARG X . n 
A 1 118 GLY 118 1763 1763 GLY GLY X . n 
A 1 119 LEU 119 1764 1764 LEU LEU X . n 
A 1 120 GLU 120 1765 1765 GLU GLU X . n 
A 1 121 ILE 121 1766 1766 ILE ILE X . n 
A 1 122 CYS 122 1767 1767 CYS CYS X . n 
A 1 123 CYS 123 1768 1768 CYS CYS X . n 
A 1 124 TYR 124 1769 1769 TYR TYR X . n 
A 1 125 GLY 125 1770 1770 GLY GLY X . n 
A 1 126 PRO 126 1771 1771 PRO PRO X . n 
A 1 127 PHE 127 1772 1772 PHE PHE X . n 
A 1 128 THR 128 1773 1773 THR THR X . n 
A 1 129 ASN 129 1774 1774 ASN ASN X . n 
A 1 130 ARG 130 1775 1775 ARG ARG X . n 
A 1 131 PRO 131 1776 1776 PRO PRO X . n 
A 1 132 THR 132 1777 1777 THR THR X . n 
A 1 133 ASP 133 1778 1778 ASP ASP X . n 
A 1 134 GLN 134 1779 1779 GLN GLN X . n 
A 1 135 LEU 135 1780 1780 LEU LEU X . n 
A 1 136 GLU 136 1781 1781 GLU GLU X . n 
A 1 137 TRP 137 1782 1782 TRP TRP X . n 
A 1 138 MET 138 1783 1783 MET MET X . n 
A 1 139 VAL 139 1784 1784 VAL VAL X . n 
A 1 140 GLN 140 1785 1785 GLN GLN X . n 
A 1 141 LEU 141 1786 1786 LEU LEU X . n 
A 1 142 CYS 142 1787 1787 CYS CYS X . n 
A 1 143 GLY 143 1788 1788 GLY GLY X . n 
A 1 144 ALA 144 1789 1789 ALA ALA X . n 
A 1 145 SER 145 1790 1790 SER SER X . n 
A 1 146 VAL 146 1791 1791 VAL VAL X . n 
A 1 147 VAL 147 1792 1792 VAL VAL X . n 
A 1 148 LYS 148 1793 1793 LYS LYS X . n 
A 1 149 GLU 149 1794 1794 GLU GLU X . n 
A 1 150 LEU 150 1795 1795 LEU LEU X . n 
A 1 151 SER 151 1796 1796 SER SER X . n 
A 1 152 SER 152 1797 1797 SER SER X . n 
A 1 153 PHE 153 1798 1798 PHE PHE X . n 
A 1 154 THR 154 1799 1799 THR THR X . n 
A 1 155 LEU 155 1800 1800 LEU LEU X . n 
A 1 156 GLY 156 1801 1801 GLY GLY X . n 
A 1 157 THR 157 1802 1802 THR THR X . n 
A 1 158 GLY 158 1803 1803 GLY GLY X . n 
A 1 159 VAL 159 1804 1804 VAL VAL X . n 
A 1 160 HIS 160 1805 1805 HIS HIS X . n 
A 1 161 PRO 161 1806 1806 PRO PRO X . n 
A 1 162 ILE 162 1807 1807 ILE ILE X . n 
A 1 163 VAL 163 1808 1808 VAL VAL X . n 
A 1 164 VAL 164 1809 1809 VAL VAL X . n 
A 1 165 VAL 165 1810 1810 VAL VAL X . n 
A 1 166 GLN 166 1811 1811 GLN GLN X . n 
A 1 167 PRO 167 1812 1812 PRO PRO X . n 
A 1 168 ASP 168 1813 1813 ASP ASP X . n 
A 1 169 ALA 169 1814 1814 ALA ALA X . n 
A 1 170 TRP 170 1815 1815 TRP TRP X . n 
A 1 171 THR 171 1816 1816 THR THR X . n 
A 1 172 GLU 172 1817 ?    ?   ?   X . n 
A 1 173 ASP 173 1818 ?    ?   ?   X . n 
A 1 174 ASN 174 1819 ?    ?   ?   X . n 
A 1 175 GLY 175 1820 1820 GLY GLY X . n 
A 1 176 PHE 176 1821 1821 PHE PHE X . n 
A 1 177 HIS 177 1822 1822 HIS HIS X . n 
A 1 178 ALA 178 1823 1823 ALA ALA X . n 
A 1 179 ILE 179 1824 1824 ILE ILE X . n 
A 1 180 GLY 180 1825 1825 GLY GLY X . n 
A 1 181 GLN 181 1826 1826 GLN GLN X . n 
A 1 182 MET 182 1827 1827 MET MET X . n 
A 1 183 CYS 183 1828 1828 CYS CYS X . n 
A 1 184 GLU 184 1829 1829 GLU GLU X . n 
A 1 185 ALA 185 1830 1830 ALA ALA X . n 
A 1 186 PRO 186 1831 1831 PRO PRO X . n 
A 1 187 VAL 187 1832 1832 VAL VAL X . n 
A 1 188 VAL 188 1833 1833 VAL VAL X . n 
A 1 189 THR 189 1834 1834 THR THR X . n 
A 1 190 ARG 190 1835 1835 ARG ARG X . n 
A 1 191 GLU 191 1836 1836 GLU GLU X . n 
A 1 192 TRP 192 1837 1837 TRP TRP X . n 
A 1 193 VAL 193 1838 1838 VAL VAL X . n 
A 1 194 LEU 194 1839 1839 LEU LEU X . n 
A 1 195 ASP 195 1840 1840 ASP ASP X . n 
A 1 196 SER 196 1841 1841 SER SER X . n 
A 1 197 VAL 197 1842 1842 VAL VAL X . n 
A 1 198 ALA 198 1843 1843 ALA ALA X . n 
A 1 199 LEU 199 1844 1844 LEU LEU X . n 
A 1 200 TYR 200 1845 1845 TYR TYR X . n 
A 1 201 GLN 201 1846 1846 GLN GLN X . n 
A 1 202 CYS 202 1847 1847 CYS CYS X . n 
A 1 203 GLN 203 1848 1848 GLN GLN X . n 
A 1 204 GLU 204 1849 1849 GLU GLU X . n 
A 1 205 LEU 205 1850 1850 LEU LEU X . n 
A 1 206 ASP 206 1851 1851 ASP ASP X . n 
A 1 207 THR 207 1852 1852 THR THR X . n 
A 1 208 TYR 208 1853 1853 TYR TYR X . n 
A 1 209 LEU 209 1854 1854 LEU LEU X . n 
A 1 210 ILE 210 1855 1855 ILE ILE X . n 
A 1 211 PRO 211 1856 1856 PRO PRO X . n 
A 1 212 GLN 212 1857 1857 GLN GLN X . n 
A 1 213 ILE 213 1858 1858 ILE ILE X . n 
A 1 214 PRO 214 1859 1859 PRO PRO X . n 
# 
loop_
_pdbx_nonpoly_scheme.asym_id 
_pdbx_nonpoly_scheme.entity_id 
_pdbx_nonpoly_scheme.mon_id 
_pdbx_nonpoly_scheme.ndb_seq_num 
_pdbx_nonpoly_scheme.pdb_seq_num 
_pdbx_nonpoly_scheme.auth_seq_num 
_pdbx_nonpoly_scheme.pdb_mon_id 
_pdbx_nonpoly_scheme.auth_mon_id 
_pdbx_nonpoly_scheme.pdb_strand_id 
_pdbx_nonpoly_scheme.pdb_ins_code 
B 2 CO  1  301 301 CO  CO  X . 
C 3 SO4 1  201 201 SO4 SO4 X . 
D 3 SO4 1  202 202 SO4 SO4 X . 
E 4 HOH 1  1   1   HOH HOH X . 
E 4 HOH 2  2   2   HOH HOH X . 
E 4 HOH 3  3   3   HOH HOH X . 
E 4 HOH 4  4   4   HOH HOH X . 
E 4 HOH 5  5   5   HOH HOH X . 
E 4 HOH 6  6   6   HOH HOH X . 
E 4 HOH 7  7   7   HOH HOH X . 
E 4 HOH 8  8   8   HOH HOH X . 
E 4 HOH 9  9   9   HOH HOH X . 
E 4 HOH 10 10  10  HOH HOH X . 
E 4 HOH 11 11  11  HOH HOH X . 
E 4 HOH 12 12  12  HOH HOH X . 
E 4 HOH 13 13  13  HOH HOH X . 
E 4 HOH 14 14  14  HOH HOH X . 
E 4 HOH 15 15  15  HOH HOH X . 
E 4 HOH 16 16  16  HOH HOH X . 
E 4 HOH 17 17  17  HOH HOH X . 
E 4 HOH 18 18  18  HOH HOH X . 
E 4 HOH 19 19  19  HOH HOH X . 
E 4 HOH 20 20  20  HOH HOH X . 
E 4 HOH 21 21  21  HOH HOH X . 
E 4 HOH 22 22  22  HOH HOH X . 
E 4 HOH 23 23  23  HOH HOH X . 
E 4 HOH 24 24  24  HOH HOH X . 
E 4 HOH 25 25  25  HOH HOH X . 
E 4 HOH 26 26  26  HOH HOH X . 
E 4 HOH 27 27  27  HOH HOH X . 
E 4 HOH 28 28  28  HOH HOH X . 
E 4 HOH 29 29  29  HOH HOH X . 
E 4 HOH 30 30  30  HOH HOH X . 
E 4 HOH 31 31  31  HOH HOH X . 
E 4 HOH 32 32  32  HOH HOH X . 
E 4 HOH 33 33  33  HOH HOH X . 
E 4 HOH 34 34  34  HOH HOH X . 
E 4 HOH 35 35  35  HOH HOH X . 
E 4 HOH 36 36  36  HOH HOH X . 
E 4 HOH 37 37  37  HOH HOH X . 
E 4 HOH 38 38  38  HOH HOH X . 
E 4 HOH 39 39  39  HOH HOH X . 
E 4 HOH 40 40  40  HOH HOH X . 
E 4 HOH 41 41  41  HOH HOH X . 
E 4 HOH 42 42  42  HOH HOH X . 
E 4 HOH 43 43  43  HOH HOH X . 
E 4 HOH 44 44  44  HOH HOH X . 
E 4 HOH 45 45  45  HOH HOH X . 
E 4 HOH 46 46  46  HOH HOH X . 
E 4 HOH 47 47  47  HOH HOH X . 
E 4 HOH 48 48  48  HOH HOH X . 
E 4 HOH 49 49  49  HOH HOH X . 
E 4 HOH 50 50  50  HOH HOH X . 
E 4 HOH 51 51  51  HOH HOH X . 
E 4 HOH 52 52  52  HOH HOH X . 
E 4 HOH 53 53  53  HOH HOH X . 
E 4 HOH 54 54  54  HOH HOH X . 
E 4 HOH 55 55  55  HOH HOH X . 
E 4 HOH 56 56  56  HOH HOH X . 
E 4 HOH 57 57  57  HOH HOH X . 
E 4 HOH 58 58  58  HOH HOH X . 
E 4 HOH 59 59  59  HOH HOH X . 
# 
loop_
_pdbx_unobs_or_zero_occ_atoms.id 
_pdbx_unobs_or_zero_occ_atoms.PDB_model_num 
_pdbx_unobs_or_zero_occ_atoms.polymer_flag 
_pdbx_unobs_or_zero_occ_atoms.occupancy_flag 
_pdbx_unobs_or_zero_occ_atoms.auth_asym_id 
_pdbx_unobs_or_zero_occ_atoms.auth_comp_id 
_pdbx_unobs_or_zero_occ_atoms.auth_seq_id 
_pdbx_unobs_or_zero_occ_atoms.PDB_ins_code 
_pdbx_unobs_or_zero_occ_atoms.auth_atom_id 
_pdbx_unobs_or_zero_occ_atoms.label_alt_id 
_pdbx_unobs_or_zero_occ_atoms.label_asym_id 
_pdbx_unobs_or_zero_occ_atoms.label_comp_id 
_pdbx_unobs_or_zero_occ_atoms.label_seq_id 
_pdbx_unobs_or_zero_occ_atoms.label_atom_id 
1   1 Y 1 X ARG 1649 ? CG  ? A ARG 4   CG  
2   1 Y 1 X ARG 1649 ? CD  ? A ARG 4   CD  
3   1 Y 1 X ARG 1649 ? NE  ? A ARG 4   NE  
4   1 Y 1 X ARG 1649 ? CZ  ? A ARG 4   CZ  
5   1 Y 1 X ARG 1649 ? NH1 ? A ARG 4   NH1 
6   1 Y 1 X ARG 1649 ? NH2 ? A ARG 4   NH2 
7   1 Y 1 X ARG 1670 ? CG  ? A ARG 25  CG  
8   1 Y 1 X ARG 1670 ? CD  ? A ARG 25  CD  
9   1 Y 1 X ARG 1670 ? NE  ? A ARG 25  NE  
10  1 Y 1 X ARG 1670 ? CZ  ? A ARG 25  CZ  
11  1 Y 1 X ARG 1670 ? NH1 ? A ARG 25  NH1 
12  1 Y 1 X ARG 1670 ? NH2 ? A ARG 25  NH2 
13  1 Y 1 X LYS 1671 ? CG  ? A LYS 26  CG  
14  1 Y 1 X LYS 1671 ? CD  ? A LYS 26  CD  
15  1 Y 1 X LYS 1671 ? CE  ? A LYS 26  CE  
16  1 Y 1 X LYS 1671 ? NZ  ? A LYS 26  NZ  
17  1 Y 1 X ARG 1726 ? CG  ? A ARG 81  CG  
18  1 Y 1 X ARG 1726 ? CD  ? A ARG 81  CD  
19  1 Y 1 X ARG 1726 ? NE  ? A ARG 81  NE  
20  1 Y 1 X ARG 1726 ? CZ  ? A ARG 81  CZ  
21  1 Y 1 X ARG 1726 ? NH1 ? A ARG 81  NH1 
22  1 Y 1 X ARG 1726 ? NH2 ? A ARG 81  NH2 
23  1 Y 1 X ASP 1733 ? CG  ? A ASP 88  CG  
24  1 Y 1 X ASP 1733 ? OD1 ? A ASP 88  OD1 
25  1 Y 1 X ASP 1733 ? OD2 ? A ASP 88  OD2 
26  1 Y 1 X GLU 1735 ? CG  ? A GLU 90  CG  
27  1 Y 1 X GLU 1735 ? CD  ? A GLU 90  CD  
28  1 Y 1 X GLU 1735 ? OE1 ? A GLU 90  OE1 
29  1 Y 1 X GLU 1735 ? OE2 ? A GLU 90  OE2 
30  1 Y 1 X ARG 1737 ? CG  ? A ARG 92  CG  
31  1 Y 1 X ARG 1737 ? CD  ? A ARG 92  CD  
32  1 Y 1 X ARG 1737 ? NE  ? A ARG 92  NE  
33  1 Y 1 X ARG 1737 ? CZ  ? A ARG 92  CZ  
34  1 Y 1 X ARG 1737 ? NH1 ? A ARG 92  NH1 
35  1 Y 1 X ARG 1737 ? NH2 ? A ARG 92  NH2 
36  1 Y 1 X ARG 1744 ? CG  ? A ARG 99  CG  
37  1 Y 1 X ARG 1744 ? CD  ? A ARG 99  CD  
38  1 Y 1 X ARG 1744 ? NE  ? A ARG 99  NE  
39  1 Y 1 X ARG 1744 ? CZ  ? A ARG 99  CZ  
40  1 Y 1 X ARG 1744 ? NH1 ? A ARG 99  NH1 
41  1 Y 1 X ARG 1744 ? NH2 ? A ARG 99  NH2 
42  1 Y 1 X ASN 1745 ? CG  ? A ASN 100 CG  
43  1 Y 1 X ASN 1745 ? OD1 ? A ASN 100 OD1 
44  1 Y 1 X ASN 1745 ? ND2 ? A ASN 100 ND2 
45  1 Y 1 X HIS 1746 ? CG  ? A HIS 101 CG  
46  1 Y 1 X HIS 1746 ? ND1 ? A HIS 101 ND1 
47  1 Y 1 X HIS 1746 ? CD2 ? A HIS 101 CD2 
48  1 Y 1 X HIS 1746 ? CE1 ? A HIS 101 CE1 
49  1 Y 1 X HIS 1746 ? NE2 ? A HIS 101 NE2 
50  1 Y 1 X GLN 1747 ? CG  ? A GLN 102 CG  
51  1 Y 1 X GLN 1747 ? CD  ? A GLN 102 CD  
52  1 Y 1 X GLN 1747 ? OE1 ? A GLN 102 OE1 
53  1 Y 1 X GLN 1747 ? NE2 ? A GLN 102 NE2 
54  1 Y 1 X LYS 1750 ? CG  ? A LYS 105 CG  
55  1 Y 1 X LYS 1750 ? CD  ? A LYS 105 CD  
56  1 Y 1 X LYS 1750 ? CE  ? A LYS 105 CE  
57  1 Y 1 X LYS 1750 ? NZ  ? A LYS 105 NZ  
58  1 Y 1 X ARG 1751 ? CG  ? A ARG 106 CG  
59  1 Y 1 X ARG 1751 ? CD  ? A ARG 106 CD  
60  1 Y 1 X ARG 1751 ? NE  ? A ARG 106 NE  
61  1 Y 1 X ARG 1751 ? CZ  ? A ARG 106 CZ  
62  1 Y 1 X ARG 1751 ? NH1 ? A ARG 106 NH1 
63  1 Y 1 X ARG 1751 ? NH2 ? A ARG 106 NH2 
64  1 Y 1 X GLU 1754 ? CG  ? A GLU 109 CG  
65  1 Y 1 X GLU 1754 ? CD  ? A GLU 109 CD  
66  1 Y 1 X GLU 1754 ? OE1 ? A GLU 109 OE1 
67  1 Y 1 X GLU 1754 ? OE2 ? A GLU 109 OE2 
68  1 Y 1 X GLN 1756 ? CG  ? A GLN 111 CG  
69  1 Y 1 X GLN 1756 ? CD  ? A GLN 111 CD  
70  1 Y 1 X GLN 1756 ? OE1 ? A GLN 111 OE1 
71  1 Y 1 X GLN 1756 ? NE2 ? A GLN 111 NE2 
72  1 Y 1 X ASP 1757 ? CG  ? A ASP 112 CG  
73  1 Y 1 X ASP 1757 ? OD1 ? A ASP 112 OD1 
74  1 Y 1 X ASP 1757 ? OD2 ? A ASP 112 OD2 
75  1 Y 1 X ARG 1758 ? CG  ? A ARG 113 CG  
76  1 Y 1 X ARG 1758 ? CD  ? A ARG 113 CD  
77  1 Y 1 X ARG 1758 ? NE  ? A ARG 113 NE  
78  1 Y 1 X ARG 1758 ? CZ  ? A ARG 113 CZ  
79  1 Y 1 X ARG 1758 ? NH1 ? A ARG 113 NH1 
80  1 Y 1 X ARG 1758 ? NH2 ? A ARG 113 NH2 
81  1 Y 1 X LYS 1793 ? CG  ? A LYS 148 CG  
82  1 Y 1 X LYS 1793 ? CD  ? A LYS 148 CD  
83  1 Y 1 X LYS 1793 ? CE  ? A LYS 148 CE  
84  1 Y 1 X LYS 1793 ? NZ  ? A LYS 148 NZ  
85  1 Y 1 X LEU 1800 ? CG  ? A LEU 155 CG  
86  1 Y 1 X LEU 1800 ? CD1 ? A LEU 155 CD1 
87  1 Y 1 X LEU 1800 ? CD2 ? A LEU 155 CD2 
88  1 Y 1 X THR 1802 ? OG1 ? A THR 157 OG1 
89  1 Y 1 X THR 1802 ? CG2 ? A THR 157 CG2 
90  1 Y 1 X TRP 1815 ? CG  ? A TRP 170 CG  
91  1 Y 1 X TRP 1815 ? CD1 ? A TRP 170 CD1 
92  1 Y 1 X TRP 1815 ? CD2 ? A TRP 170 CD2 
93  1 Y 1 X TRP 1815 ? NE1 ? A TRP 170 NE1 
94  1 Y 1 X TRP 1815 ? CE2 ? A TRP 170 CE2 
95  1 Y 1 X TRP 1815 ? CE3 ? A TRP 170 CE3 
96  1 Y 1 X TRP 1815 ? CZ2 ? A TRP 170 CZ2 
97  1 Y 1 X TRP 1815 ? CZ3 ? A TRP 170 CZ3 
98  1 Y 1 X TRP 1815 ? CH2 ? A TRP 170 CH2 
99  1 Y 1 X THR 1816 ? OG1 ? A THR 171 OG1 
100 1 Y 1 X THR 1816 ? CG2 ? A THR 171 CG2 
101 1 Y 1 X PHE 1821 ? CG  ? A PHE 176 CG  
102 1 Y 1 X PHE 1821 ? CD1 ? A PHE 176 CD1 
103 1 Y 1 X PHE 1821 ? CD2 ? A PHE 176 CD2 
104 1 Y 1 X PHE 1821 ? CE1 ? A PHE 176 CE1 
105 1 Y 1 X PHE 1821 ? CE2 ? A PHE 176 CE2 
106 1 Y 1 X PHE 1821 ? CZ  ? A PHE 176 CZ  
107 1 Y 1 X GLN 1846 ? CG  ? A GLN 201 CG  
108 1 Y 1 X GLN 1846 ? CD  ? A GLN 201 CD  
109 1 Y 1 X GLN 1846 ? OE1 ? A GLN 201 OE1 
110 1 Y 1 X GLN 1846 ? NE2 ? A GLN 201 NE2 
111 1 Y 1 X GLU 1849 ? CG  ? A GLU 204 CG  
112 1 Y 1 X GLU 1849 ? CD  ? A GLU 204 CD  
113 1 Y 1 X GLU 1849 ? OE1 ? A GLU 204 OE1 
114 1 Y 1 X GLU 1849 ? OE2 ? A GLU 204 OE2 
115 1 Y 1 X ASP 1851 ? CG  ? A ASP 206 CG  
116 1 Y 1 X ASP 1851 ? OD1 ? A ASP 206 OD1 
117 1 Y 1 X ASP 1851 ? OD2 ? A ASP 206 OD2 
# 
loop_
_software.name 
_software.classification 
_software.version 
_software.citation_id 
_software.pdbx_ordinal 
REFMAC    refinement        5.0 ? 1 
SCALEPACK 'data scaling'    .   ? 2 
CNS       refinement        .   ? 3 
HKL-2000  'data collection' .   ? 4 
HKL-2000  'data reduction'  .   ? 5 
CNS       phasing           .   ? 6 
# 
_cell.entry_id           1N5O 
_cell.length_a           114.535 
_cell.length_b           114.535 
_cell.length_c           121.527 
_cell.angle_alpha        90.00 
_cell.angle_beta         90.00 
_cell.angle_gamma        120.00 
_cell.Z_PDB              12 
_cell.pdbx_unique_axis   ? 
# 
_symmetry.entry_id                         1N5O 
_symmetry.space_group_name_H-M             'P 61 2 2' 
_symmetry.pdbx_full_space_group_name_H-M   ? 
_symmetry.cell_setting                     ? 
_symmetry.Int_Tables_number                178 
# 
_exptl.entry_id          1N5O 
_exptl.method            'X-RAY DIFFRACTION' 
_exptl.crystals_number   1 
# 
_exptl_crystal.id                    1 
_exptl_crystal.density_meas          ? 
_exptl_crystal.density_Matthews      4.68 
_exptl_crystal.density_percent_sol   73.74 
_exptl_crystal.description           ? 
# 
_exptl_crystal_grow.crystal_id      1 
_exptl_crystal_grow.method          'VAPOR DIFFUSION, HANGING DROP' 
_exptl_crystal_grow.temp            293 
_exptl_crystal_grow.temp_details    ? 
_exptl_crystal_grow.pH              6.7 
_exptl_crystal_grow.pdbx_details    
'ammonium sulphate, cobalt chloride, MES, pH 6.7, VAPOR DIFFUSION, HANGING DROP, temperature 293K' 
_exptl_crystal_grow.pdbx_pH_range   . 
# 
_diffrn.id                     1 
_diffrn.ambient_temp           100 
_diffrn.ambient_temp_details   ? 
_diffrn.crystal_id             1 
# 
_diffrn_detector.diffrn_id              1 
_diffrn_detector.detector               CCD 
_diffrn_detector.type                   SBC-2 
_diffrn_detector.pdbx_collection_date   2001-12-08 
_diffrn_detector.details                ? 
# 
_diffrn_radiation.diffrn_id                        1 
_diffrn_radiation.wavelength_id                    1 
_diffrn_radiation.pdbx_monochromatic_or_laue_m_l   M 
_diffrn_radiation.monochromator                    ? 
_diffrn_radiation.pdbx_diffrn_protocol             'SINGLE WAVELENGTH' 
_diffrn_radiation.pdbx_scattering_type             x-ray 
# 
_diffrn_radiation_wavelength.id           1 
_diffrn_radiation_wavelength.wavelength   1.0093 
_diffrn_radiation_wavelength.wt           1.0 
# 
_diffrn_source.diffrn_id                   1 
_diffrn_source.source                      SYNCHROTRON 
_diffrn_source.type                        'APS BEAMLINE 19-ID' 
_diffrn_source.pdbx_synchrotron_site       APS 
_diffrn_source.pdbx_synchrotron_beamline   19-ID 
_diffrn_source.pdbx_wavelength             ? 
_diffrn_source.pdbx_wavelength_list        1.0093 
# 
_reflns.entry_id                     1N5O 
_reflns.number_all                   ? 
_reflns.number_obs                   12024 
_reflns.percent_possible_obs         ? 
_reflns.observed_criterion_sigma_F   ? 
_reflns.observed_criterion_sigma_I   0 
_reflns.d_resolution_high            2.8 
_reflns.d_resolution_low             50 
_reflns.pdbx_Rmerge_I_obs            ? 
_reflns.pdbx_Rsym_value              ? 
_reflns.pdbx_netI_over_sigmaI        ? 
_reflns.B_iso_Wilson_estimate        ? 
_reflns.pdbx_redundancy              ? 
_reflns.R_free_details               ? 
_reflns.limit_h_max                  ? 
_reflns.limit_h_min                  ? 
_reflns.limit_k_max                  ? 
_reflns.limit_k_min                  ? 
_reflns.limit_l_max                  ? 
_reflns.limit_l_min                  ? 
_reflns.observed_criterion_F_max     ? 
_reflns.observed_criterion_F_min     ? 
_reflns.pdbx_ordinal                 1 
_reflns.pdbx_diffrn_id               1 
# 
_refine.entry_id                                 1N5O 
_refine.ls_number_reflns_obs                     11141 
_refine.ls_number_reflns_all                     12035 
_refine.pdbx_ls_sigma_I                          ? 
_refine.pdbx_ls_sigma_F                          0 
_refine.pdbx_data_cutoff_high_absF               ? 
_refine.pdbx_data_cutoff_low_absF                ? 
_refine.ls_d_res_low                             20.00 
_refine.ls_d_res_high                            2.80 
_refine.ls_percent_reflns_obs                    99.43 
_refine.ls_R_factor_obs                          0.27538 
_refine.ls_R_factor_all                          0.27538 
_refine.ls_R_factor_R_work                       0.27364 
_refine.ls_R_factor_R_free                       0.29777 
_refine.ls_R_factor_R_free_error                 ? 
_refine.ls_R_factor_R_free_error_details         ? 
_refine.ls_percent_reflns_R_free                 6.9 
_refine.ls_number_reflns_R_free                  825 
_refine.ls_number_parameters                     ? 
_refine.ls_number_restraints                     ? 
_refine.occupancy_min                            ? 
_refine.occupancy_max                            ? 
_refine.correlation_coeff_Fo_to_Fc               0.907 
_refine.correlation_coeff_Fo_to_Fc_free          0.883 
_refine.B_iso_mean                               30.131 
_refine.aniso_B[1][1]                            4.63 
_refine.aniso_B[2][2]                            4.63 
_refine.aniso_B[3][3]                            -6.95 
_refine.aniso_B[1][2]                            2.32 
_refine.aniso_B[1][3]                            0.00 
_refine.aniso_B[2][3]                            0.00 
_refine.solvent_model_details                    'BABINET MODEL WITH MASK' 
_refine.solvent_model_param_ksol                 ? 
_refine.solvent_model_param_bsol                 ? 
_refine.pdbx_solvent_vdw_probe_radii             ? 
_refine.pdbx_solvent_ion_probe_radii             ? 
_refine.pdbx_solvent_shrinkage_radii             0.80 
_refine.pdbx_ls_cross_valid_method               THROUGHOUT 
_refine.details                                  ? 
_refine.pdbx_starting_model                      'pdb entry 1jnx' 
_refine.pdbx_method_to_determine_struct          'MOLECULAR REPLACEMENT' 
_refine.pdbx_isotropic_thermal_model             ? 
_refine.pdbx_stereochemistry_target_values       'MAXIMUM LIKELIHOOD' 
_refine.pdbx_stereochem_target_val_spec_case     ? 
_refine.pdbx_R_Free_selection_details            RANDOM 
_refine.pdbx_overall_ESU_R_Free                  ? 
_refine.overall_SU_B                             ? 
_refine.ls_redundancy_reflns_obs                 ? 
_refine.B_iso_min                                ? 
_refine.B_iso_max                                ? 
_refine.overall_SU_R_Cruickshank_DPI             ? 
_refine.overall_SU_R_free                        ? 
_refine.overall_SU_ML                            ? 
_refine.pdbx_overall_ESU_R                       ? 
_refine.pdbx_data_cutoff_high_rms_absF           ? 
_refine.pdbx_refine_id                           'X-RAY DIFFRACTION' 
_refine.pdbx_TLS_residual_ADP_flag               'LIKELY RESIDUAL' 
_refine.pdbx_diffrn_id                           1 
_refine.pdbx_overall_phase_error                 ? 
_refine.pdbx_overall_SU_R_free_Cruickshank_DPI   ? 
_refine.pdbx_overall_SU_R_Blow_DPI               ? 
_refine.pdbx_overall_SU_R_free_Blow_DPI          ? 
# 
_refine_hist.pdbx_refine_id                   'X-RAY DIFFRACTION' 
_refine_hist.cycle_id                         LAST 
_refine_hist.pdbx_number_atoms_protein        1548 
_refine_hist.pdbx_number_atoms_nucleic_acid   0 
_refine_hist.pdbx_number_atoms_ligand         11 
_refine_hist.number_atoms_solvent             59 
_refine_hist.number_atoms_total               1618 
_refine_hist.d_res_high                       2.80 
_refine_hist.d_res_low                        20.00 
# 
loop_
_refine_ls_restr.type 
_refine_ls_restr.dev_ideal 
_refine_ls_restr.dev_ideal_target 
_refine_ls_restr.weight 
_refine_ls_restr.number 
_refine_ls_restr.pdbx_refine_id 
_refine_ls_restr.pdbx_restraint_function 
r_bond_refined_d         0.013  0.022  ? 1595 'X-RAY DIFFRACTION' ? 
r_angle_refined_deg      1.857  1.939  ? 2174 'X-RAY DIFFRACTION' ? 
r_dihedral_angle_1_deg   4.256  3.000  ? 204  'X-RAY DIFFRACTION' ? 
r_dihedral_angle_3_deg   20.367 15.000 ? 265  'X-RAY DIFFRACTION' ? 
r_chiral_restr           0.131  0.200  ? 255  'X-RAY DIFFRACTION' ? 
r_gen_planes_refined     0.007  0.020  ? 1180 'X-RAY DIFFRACTION' ? 
r_nbd_refined            0.191  0.300  ? 767  'X-RAY DIFFRACTION' ? 
r_xyhbond_nbd_refined    0.184  0.500  ? 190  'X-RAY DIFFRACTION' ? 
r_symmetry_vdw_refined   0.230  0.300  ? 35   'X-RAY DIFFRACTION' ? 
r_symmetry_hbond_refined 0.476  0.500  ? 5    'X-RAY DIFFRACTION' ? 
r_mcbond_it              0.459  1.500  ? 1028 'X-RAY DIFFRACTION' ? 
r_mcangle_it             0.875  2.000  ? 1646 'X-RAY DIFFRACTION' ? 
r_scbond_it              1.115  3.000  ? 567  'X-RAY DIFFRACTION' ? 
r_scangle_it             1.967  4.500  ? 528  'X-RAY DIFFRACTION' ? 
# 
_refine_ls_shell.pdbx_total_number_of_bins_used   20 
_refine_ls_shell.d_res_high                       2.802 
_refine_ls_shell.d_res_low                        2.874 
_refine_ls_shell.number_reflns_R_work             797 
_refine_ls_shell.R_factor_R_work                  0.34 
_refine_ls_shell.percent_reflns_obs               ? 
_refine_ls_shell.R_factor_R_free                  0.416 
_refine_ls_shell.R_factor_R_free_error            ? 
_refine_ls_shell.percent_reflns_R_free            ? 
_refine_ls_shell.number_reflns_R_free             47 
_refine_ls_shell.number_reflns_obs                ? 
_refine_ls_shell.redundancy_reflns_obs            ? 
_refine_ls_shell.number_reflns_all                ? 
_refine_ls_shell.pdbx_refine_id                   'X-RAY DIFFRACTION' 
_refine_ls_shell.R_factor_all                     ? 
# 
_struct.entry_id                  1N5O 
_struct.title                     'Structural consequences of a cancer-causing BRCA1-BRCT missense mutation' 
_struct.pdbx_model_details        ? 
_struct.pdbx_CASP_flag            ? 
_struct.pdbx_model_type_details   ? 
# 
_struct_keywords.entry_id        1N5O 
_struct_keywords.pdbx_keywords   'ANTITUMOR PROTEIN' 
_struct_keywords.text            'BRCA1, BRCT, missense mutation, protein folding, Breast Cancer, ANTITUMOR PROTEIN' 
# 
loop_
_struct_asym.id 
_struct_asym.pdbx_blank_PDB_chainid_flag 
_struct_asym.pdbx_modified 
_struct_asym.entity_id 
_struct_asym.details 
A N N 1 ? 
B N N 2 ? 
C N N 3 ? 
D N N 3 ? 
E N N 4 ? 
# 
_struct_ref.id                         1 
_struct_ref.db_name                    UNP 
_struct_ref.db_code                    BRCA1_HUMAN 
_struct_ref.pdbx_db_accession          P38398 
_struct_ref.entity_id                  1 
_struct_ref.pdbx_seq_one_letter_code   
;VNKRMSMVVSGLTPEEFMLVYKFARKHHITLTNLITEETTHVVMKTDAEFVCERTLKYFLGIAGGKWVVSYFWVTQSIKE
RKMLNEHDFEVRGDVVNGRNHQGPKRARESQDRKIFRGLEICCYGPFTNMPTDQLEWMVQLCGASVVKELSSFTLGTGVH
PIVVVQPDAWTEDNGFHAIGQMCEAPVVTREWVLDSVALYQCQELDTYLIPQIP
;
_struct_ref.pdbx_align_begin           1646 
_struct_ref.pdbx_db_isoform            ? 
# 
_struct_ref_seq.align_id                      1 
_struct_ref_seq.ref_id                        1 
_struct_ref_seq.pdbx_PDB_id_code              1N5O 
_struct_ref_seq.pdbx_strand_id                X 
_struct_ref_seq.seq_align_beg                 1 
_struct_ref_seq.pdbx_seq_align_beg_ins_code   ? 
_struct_ref_seq.seq_align_end                 214 
_struct_ref_seq.pdbx_seq_align_end_ins_code   ? 
_struct_ref_seq.pdbx_db_accession             P38398 
_struct_ref_seq.db_align_beg                  1646 
_struct_ref_seq.pdbx_db_align_beg_ins_code    ? 
_struct_ref_seq.db_align_end                  1859 
_struct_ref_seq.pdbx_db_align_end_ins_code    ? 
_struct_ref_seq.pdbx_auth_seq_align_beg       1646 
_struct_ref_seq.pdbx_auth_seq_align_end       1859 
# 
_struct_ref_seq_dif.align_id                     1 
_struct_ref_seq_dif.pdbx_pdb_id_code             1N5O 
_struct_ref_seq_dif.mon_id                       ARG 
_struct_ref_seq_dif.pdbx_pdb_strand_id           X 
_struct_ref_seq_dif.seq_num                      130 
_struct_ref_seq_dif.pdbx_pdb_ins_code            ? 
_struct_ref_seq_dif.pdbx_seq_db_name             UNP 
_struct_ref_seq_dif.pdbx_seq_db_accession_code   P38398 
_struct_ref_seq_dif.db_mon_id                    MET 
_struct_ref_seq_dif.pdbx_seq_db_seq_num          1775 
_struct_ref_seq_dif.details                      'engineered mutation' 
_struct_ref_seq_dif.pdbx_auth_seq_num            1775 
_struct_ref_seq_dif.pdbx_ordinal                 1 
# 
_pdbx_struct_assembly.id                   1 
_pdbx_struct_assembly.details              author_defined_assembly 
_pdbx_struct_assembly.method_details       ? 
_pdbx_struct_assembly.oligomeric_details   monomeric 
_pdbx_struct_assembly.oligomeric_count     1 
# 
_pdbx_struct_assembly_gen.assembly_id       1 
_pdbx_struct_assembly_gen.oper_expression   1 
_pdbx_struct_assembly_gen.asym_id_list      A,B,C,D,E 
# 
_pdbx_struct_oper_list.id                   1 
_pdbx_struct_oper_list.type                 'identity operation' 
_pdbx_struct_oper_list.name                 1_555 
_pdbx_struct_oper_list.symmetry_operation   x,y,z 
_pdbx_struct_oper_list.matrix[1][1]         1.0000000000 
_pdbx_struct_oper_list.matrix[1][2]         0.0000000000 
_pdbx_struct_oper_list.matrix[1][3]         0.0000000000 
_pdbx_struct_oper_list.vector[1]            0.0000000000 
_pdbx_struct_oper_list.matrix[2][1]         0.0000000000 
_pdbx_struct_oper_list.matrix[2][2]         1.0000000000 
_pdbx_struct_oper_list.matrix[2][3]         0.0000000000 
_pdbx_struct_oper_list.vector[2]            0.0000000000 
_pdbx_struct_oper_list.matrix[3][1]         0.0000000000 
_pdbx_struct_oper_list.matrix[3][2]         0.0000000000 
_pdbx_struct_oper_list.matrix[3][3]         1.0000000000 
_pdbx_struct_oper_list.vector[3]            0.0000000000 
# 
_struct_biol.id                    1 
_struct_biol.pdbx_parent_biol_id   ? 
_struct_biol.details               ? 
# 
loop_
_struct_conf.conf_type_id 
_struct_conf.id 
_struct_conf.pdbx_PDB_helix_id 
_struct_conf.beg_label_comp_id 
_struct_conf.beg_label_asym_id 
_struct_conf.beg_label_seq_id 
_struct_conf.pdbx_beg_PDB_ins_code 
_struct_conf.end_label_comp_id 
_struct_conf.end_label_asym_id 
_struct_conf.end_label_seq_id 
_struct_conf.pdbx_end_PDB_ins_code 
_struct_conf.beg_auth_comp_id 
_struct_conf.beg_auth_asym_id 
_struct_conf.beg_auth_seq_id 
_struct_conf.end_auth_comp_id 
_struct_conf.end_auth_asym_id 
_struct_conf.end_auth_seq_id 
_struct_conf.pdbx_PDB_helix_class 
_struct_conf.details 
_struct_conf.pdbx_PDB_helix_length 
HELX_P HELX_P1  1  THR A 13  ? HIS A 27  ? THR X 1658 HIS X 1672 1 ? 15 
HELX_P HELX_P2  2  THR A 55  ? GLY A 64  ? THR X 1700 GLY X 1709 1 ? 10 
HELX_P HELX_P3  3  TYR A 71  ? ARG A 81  ? TYR X 1716 ARG X 1726 1 ? 11 
HELX_P HELX_P4  4  ASN A 85  ? GLU A 90  ? ASN X 1730 GLU X 1735 5 ? 6  
HELX_P HELX_P5  5  GLN A 102 ? SER A 110 ? GLN X 1747 SER X 1755 1 ? 9  
HELX_P HELX_P6  6  PRO A 131 ? CYS A 142 ? PRO X 1776 CYS X 1787 1 ? 12 
HELX_P HELX_P7  7  GLU A 149 ? PHE A 153 ? GLU X 1794 PHE X 1798 5 ? 5  
HELX_P HELX_P8  8  GLN A 166 ? TRP A 170 ? GLN X 1811 TRP X 1815 5 ? 5  
HELX_P HELX_P9  9  ARG A 190 ? LEU A 199 ? ARG X 1835 LEU X 1844 1 ? 10 
HELX_P HELX_P10 10 GLU A 204 ? TYR A 208 ? GLU X 1849 TYR X 1853 5 ? 5  
# 
_struct_conf_type.id          HELX_P 
_struct_conf_type.criteria    ? 
_struct_conf_type.reference   ? 
# 
loop_
_struct_conn.id 
_struct_conn.conn_type_id 
_struct_conn.pdbx_leaving_atom_flag 
_struct_conn.pdbx_PDB_id 
_struct_conn.ptnr1_label_asym_id 
_struct_conn.ptnr1_label_comp_id 
_struct_conn.ptnr1_label_seq_id 
_struct_conn.ptnr1_label_atom_id 
_struct_conn.pdbx_ptnr1_label_alt_id 
_struct_conn.pdbx_ptnr1_PDB_ins_code 
_struct_conn.pdbx_ptnr1_standard_comp_id 
_struct_conn.ptnr1_symmetry 
_struct_conn.ptnr2_label_asym_id 
_struct_conn.ptnr2_label_comp_id 
_struct_conn.ptnr2_label_seq_id 
_struct_conn.ptnr2_label_atom_id 
_struct_conn.pdbx_ptnr2_label_alt_id 
_struct_conn.pdbx_ptnr2_PDB_ins_code 
_struct_conn.ptnr1_auth_asym_id 
_struct_conn.ptnr1_auth_comp_id 
_struct_conn.ptnr1_auth_seq_id 
_struct_conn.ptnr2_auth_asym_id 
_struct_conn.ptnr2_auth_comp_id 
_struct_conn.ptnr2_auth_seq_id 
_struct_conn.ptnr2_symmetry 
_struct_conn.pdbx_ptnr3_label_atom_id 
_struct_conn.pdbx_ptnr3_label_seq_id 
_struct_conn.pdbx_ptnr3_label_comp_id 
_struct_conn.pdbx_ptnr3_label_asym_id 
_struct_conn.pdbx_ptnr3_label_alt_id 
_struct_conn.pdbx_ptnr3_PDB_ins_code 
_struct_conn.details 
_struct_conn.pdbx_dist_value 
_struct_conn.pdbx_value_order 
_struct_conn.pdbx_role 
metalc1 metalc ? ? E HOH . O  ? ? ? 5_564 B CO  .   CO  ? ? X HOH 4   X CO  301  1_555 ? ? ? ? ? ? ? 1.805 ? ? 
metalc2 metalc ? ? B CO  . CO ? ? ? 1_555 A HIS 160 NE2 ? ? X CO  301 X HIS 1805 1_555 ? ? ? ? ? ? ? 2.067 ? ? 
# 
_struct_conn_type.id          metalc 
_struct_conn_type.criteria    ? 
_struct_conn_type.reference   ? 
# 
_pdbx_struct_conn_angle.id                    1 
_pdbx_struct_conn_angle.ptnr1_label_atom_id   O 
_pdbx_struct_conn_angle.ptnr1_label_alt_id    ? 
_pdbx_struct_conn_angle.ptnr1_label_asym_id   E 
_pdbx_struct_conn_angle.ptnr1_label_comp_id   HOH 
_pdbx_struct_conn_angle.ptnr1_label_seq_id    . 
_pdbx_struct_conn_angle.ptnr1_auth_atom_id    ? 
_pdbx_struct_conn_angle.ptnr1_auth_asym_id    X 
_pdbx_struct_conn_angle.ptnr1_auth_comp_id    HOH 
_pdbx_struct_conn_angle.ptnr1_auth_seq_id     4 
_pdbx_struct_conn_angle.ptnr1_PDB_ins_code    ? 
_pdbx_struct_conn_angle.ptnr1_symmetry        5_564 
_pdbx_struct_conn_angle.ptnr2_label_atom_id   CO 
_pdbx_struct_conn_angle.ptnr2_label_alt_id    ? 
_pdbx_struct_conn_angle.ptnr2_label_asym_id   B 
_pdbx_struct_conn_angle.ptnr2_label_comp_id   CO 
_pdbx_struct_conn_angle.ptnr2_label_seq_id    . 
_pdbx_struct_conn_angle.ptnr2_auth_atom_id    ? 
_pdbx_struct_conn_angle.ptnr2_auth_asym_id    X 
_pdbx_struct_conn_angle.ptnr2_auth_comp_id    CO 
_pdbx_struct_conn_angle.ptnr2_auth_seq_id     301 
_pdbx_struct_conn_angle.ptnr2_PDB_ins_code    ? 
_pdbx_struct_conn_angle.ptnr2_symmetry        1_555 
_pdbx_struct_conn_angle.ptnr3_label_atom_id   NE2 
_pdbx_struct_conn_angle.ptnr3_label_alt_id    ? 
_pdbx_struct_conn_angle.ptnr3_label_asym_id   A 
_pdbx_struct_conn_angle.ptnr3_label_comp_id   HIS 
_pdbx_struct_conn_angle.ptnr3_label_seq_id    160 
_pdbx_struct_conn_angle.ptnr3_auth_atom_id    ? 
_pdbx_struct_conn_angle.ptnr3_auth_asym_id    X 
_pdbx_struct_conn_angle.ptnr3_auth_comp_id    HIS 
_pdbx_struct_conn_angle.ptnr3_auth_seq_id     1805 
_pdbx_struct_conn_angle.ptnr3_PDB_ins_code    ? 
_pdbx_struct_conn_angle.ptnr3_symmetry        1_555 
_pdbx_struct_conn_angle.value                 82.6 
_pdbx_struct_conn_angle.value_esd             ? 
# 
loop_
_struct_sheet.id 
_struct_sheet.type 
_struct_sheet.number_strands 
_struct_sheet.details 
A ? 4 ? 
B ? 4 ? 
# 
loop_
_struct_sheet_order.sheet_id 
_struct_sheet_order.range_id_1 
_struct_sheet_order.range_id_2 
_struct_sheet_order.offset 
_struct_sheet_order.sense 
A 1 2 ? parallel 
A 2 3 ? parallel 
A 3 4 ? parallel 
B 1 2 ? parallel 
B 2 3 ? parallel 
B 3 4 ? parallel 
# 
loop_
_struct_sheet_range.sheet_id 
_struct_sheet_range.id 
_struct_sheet_range.beg_label_comp_id 
_struct_sheet_range.beg_label_asym_id 
_struct_sheet_range.beg_label_seq_id 
_struct_sheet_range.pdbx_beg_PDB_ins_code 
_struct_sheet_range.end_label_comp_id 
_struct_sheet_range.end_label_asym_id 
_struct_sheet_range.end_label_seq_id 
_struct_sheet_range.pdbx_end_PDB_ins_code 
_struct_sheet_range.beg_auth_comp_id 
_struct_sheet_range.beg_auth_asym_id 
_struct_sheet_range.beg_auth_seq_id 
_struct_sheet_range.end_auth_comp_id 
_struct_sheet_range.end_auth_asym_id 
_struct_sheet_range.end_auth_seq_id 
A 1 THR A 30  ? LEU A 31  ? THR X 1675 LEU X 1676 
A 2 SER A 6   ? SER A 10  ? SER X 1651 SER X 1655 
A 3 HIS A 41  ? MET A 44  ? HIS X 1686 MET X 1689 
A 4 TRP A 67  ? SER A 70  ? TRP X 1712 SER X 1715 
B 1 SER A 145 ? VAL A 147 ? SER X 1790 VAL X 1792 
B 2 LEU A 119 ? CYS A 123 ? LEU X 1764 CYS X 1768 
B 3 HIS A 160 ? VAL A 165 ? HIS X 1805 VAL X 1810 
B 4 VAL A 187 ? THR A 189 ? VAL X 1832 THR X 1834 
# 
loop_
_pdbx_struct_sheet_hbond.sheet_id 
_pdbx_struct_sheet_hbond.range_id_1 
_pdbx_struct_sheet_hbond.range_id_2 
_pdbx_struct_sheet_hbond.range_1_label_atom_id 
_pdbx_struct_sheet_hbond.range_1_label_comp_id 
_pdbx_struct_sheet_hbond.range_1_label_asym_id 
_pdbx_struct_sheet_hbond.range_1_label_seq_id 
_pdbx_struct_sheet_hbond.range_1_PDB_ins_code 
_pdbx_struct_sheet_hbond.range_1_auth_atom_id 
_pdbx_struct_sheet_hbond.range_1_auth_comp_id 
_pdbx_struct_sheet_hbond.range_1_auth_asym_id 
_pdbx_struct_sheet_hbond.range_1_auth_seq_id 
_pdbx_struct_sheet_hbond.range_2_label_atom_id 
_pdbx_struct_sheet_hbond.range_2_label_comp_id 
_pdbx_struct_sheet_hbond.range_2_label_asym_id 
_pdbx_struct_sheet_hbond.range_2_label_seq_id 
_pdbx_struct_sheet_hbond.range_2_PDB_ins_code 
_pdbx_struct_sheet_hbond.range_2_auth_atom_id 
_pdbx_struct_sheet_hbond.range_2_auth_comp_id 
_pdbx_struct_sheet_hbond.range_2_auth_asym_id 
_pdbx_struct_sheet_hbond.range_2_auth_seq_id 
A 1 2 O THR A 30  ? O THR X 1675 N MET A 7   ? N MET X 1652 
A 2 3 N VAL A 8   ? N VAL X 1653 O HIS A 41  ? O HIS X 1686 
A 3 4 N VAL A 42  ? N VAL X 1687 O TRP A 67  ? O TRP X 1712 
B 1 2 O SER A 145 ? O SER X 1790 N ILE A 121 ? N ILE X 1766 
B 2 3 N CYS A 122 ? N CYS X 1767 O VAL A 164 ? O VAL X 1809 
B 3 4 N VAL A 163 ? N VAL X 1808 O VAL A 188 ? O VAL X 1833 
# 
loop_
_struct_site.id 
_struct_site.pdbx_evidence_code 
_struct_site.pdbx_auth_asym_id 
_struct_site.pdbx_auth_comp_id 
_struct_site.pdbx_auth_seq_id 
_struct_site.pdbx_auth_ins_code 
_struct_site.pdbx_num_residues 
_struct_site.details 
AC1 Software X CO  301 ? 3 'BINDING SITE FOR RESIDUE CO X 301'  
AC2 Software X SO4 201 ? 3 'BINDING SITE FOR RESIDUE SO4 X 201' 
AC3 Software X SO4 202 ? 4 'BINDING SITE FOR RESIDUE SO4 X 202' 
# 
loop_
_struct_site_gen.id 
_struct_site_gen.site_id 
_struct_site_gen.pdbx_num_res 
_struct_site_gen.label_comp_id 
_struct_site_gen.label_asym_id 
_struct_site_gen.label_seq_id 
_struct_site_gen.pdbx_auth_ins_code 
_struct_site_gen.auth_comp_id 
_struct_site_gen.auth_asym_id 
_struct_site_gen.auth_seq_id 
_struct_site_gen.label_atom_id 
_struct_site_gen.label_alt_id 
_struct_site_gen.symmetry 
_struct_site_gen.details 
1  AC1 3 HOH E .   ? HOH X 4    . ? 5_564 ? 
2  AC1 3 HIS A 28  ? HIS X 1673 . ? 5_564 ? 
3  AC1 3 HIS A 160 ? HIS X 1805 . ? 1_555 ? 
4  AC2 3 ARG A 54  ? ARG X 1699 . ? 1_555 ? 
5  AC2 3 ARG A 130 ? ARG X 1775 . ? 1_555 ? 
6  AC2 3 ARG A 190 ? ARG X 1835 . ? 1_555 ? 
7  AC3 4 HOH E .   ? HOH X 47   . ? 1_555 ? 
8  AC3 4 THR A 55  ? THR X 1700 . ? 1_555 ? 
9  AC3 4 LEU A 56  ? LEU X 1701 . ? 1_555 ? 
10 AC3 4 ARG A 130 ? ARG X 1775 . ? 1_555 ? 
# 
loop_
_pdbx_validate_torsion.id 
_pdbx_validate_torsion.PDB_model_num 
_pdbx_validate_torsion.auth_comp_id 
_pdbx_validate_torsion.auth_asym_id 
_pdbx_validate_torsion.auth_seq_id 
_pdbx_validate_torsion.PDB_ins_code 
_pdbx_validate_torsion.label_alt_id 
_pdbx_validate_torsion.phi 
_pdbx_validate_torsion.psi 
1  1 ASP X 1739 ? ? -170.12 -75.80 
2  1 VAL X 1740 ? ? -167.04 -18.66 
3  1 ARG X 1744 ? ? 9.37    -86.33 
4  1 HIS X 1746 ? ? -35.64  135.69 
5  1 GLN X 1747 ? ? -107.30 58.89  
6  1 GLN X 1756 ? ? -147.61 -20.57 
7  1 ASP X 1757 ? ? -71.42  -78.62 
8  1 ARG X 1762 ? ? -24.47  -90.00 
9  1 THR X 1773 ? ? -110.26 -75.02 
10 1 PRO X 1776 ? ? -39.28  141.61 
11 1 GLU X 1829 ? ? -105.72 58.72  
12 1 PRO X 1856 ? ? -44.10  107.81 
# 
_pdbx_refine_tls.pdbx_refine_id   'X-RAY DIFFRACTION' 
_pdbx_refine_tls.id               1 
_pdbx_refine_tls.details          ? 
_pdbx_refine_tls.method           refined 
_pdbx_refine_tls.origin_x         -0.2197 
_pdbx_refine_tls.origin_y         0.6067 
_pdbx_refine_tls.origin_z         -0.3179 
_pdbx_refine_tls.T[1][1]          0.5843 
_pdbx_refine_tls.T[2][2]          0.2256 
_pdbx_refine_tls.T[3][3]          0.5600 
_pdbx_refine_tls.T[1][2]          0.0120 
_pdbx_refine_tls.T[1][3]          -0.5026 
_pdbx_refine_tls.T[2][3]          0.1593 
_pdbx_refine_tls.L[1][1]          10.5212 
_pdbx_refine_tls.L[2][2]          8.2616 
_pdbx_refine_tls.L[3][3]          4.0832 
_pdbx_refine_tls.L[1][2]          -7.6545 
_pdbx_refine_tls.L[1][3]          4.9451 
_pdbx_refine_tls.L[2][3]          -1.8545 
_pdbx_refine_tls.S[1][1]          1.3461 
_pdbx_refine_tls.S[2][2]          0.0880 
_pdbx_refine_tls.S[3][3]          -1.4341 
_pdbx_refine_tls.S[1][2]          -0.5287 
_pdbx_refine_tls.S[1][3]          -1.6058 
_pdbx_refine_tls.S[2][3]          1.1463 
_pdbx_refine_tls.S[2][1]          -1.1673 
_pdbx_refine_tls.S[3][1]          1.1611 
_pdbx_refine_tls.S[3][2]          0.0903 
# 
loop_
_pdbx_refine_tls_group.pdbx_refine_id 
_pdbx_refine_tls_group.id 
_pdbx_refine_tls_group.refine_tls_id 
_pdbx_refine_tls_group.beg_auth_asym_id 
_pdbx_refine_tls_group.beg_auth_seq_id 
_pdbx_refine_tls_group.end_auth_asym_id 
_pdbx_refine_tls_group.end_auth_seq_id 
_pdbx_refine_tls_group.selection_details 
_pdbx_refine_tls_group.beg_label_asym_id 
_pdbx_refine_tls_group.beg_label_seq_id 
_pdbx_refine_tls_group.end_label_asym_id 
_pdbx_refine_tls_group.end_label_seq_id 
_pdbx_refine_tls_group.selection 
'X-RAY DIFFRACTION' 1 1 X 1649 X 1859 ? . . . . ? 
'X-RAY DIFFRACTION' 2 1 X 301  X 301  ? . . . . ? 
'X-RAY DIFFRACTION' 3 1 X 201  X 202  ? . . . . ? 
'X-RAY DIFFRACTION' 4 1 X 1    X 59   ? . . . . ? 
# 
loop_
_pdbx_unobs_or_zero_occ_residues.id 
_pdbx_unobs_or_zero_occ_residues.PDB_model_num 
_pdbx_unobs_or_zero_occ_residues.polymer_flag 
_pdbx_unobs_or_zero_occ_residues.occupancy_flag 
_pdbx_unobs_or_zero_occ_residues.auth_asym_id 
_pdbx_unobs_or_zero_occ_residues.auth_comp_id 
_pdbx_unobs_or_zero_occ_residues.auth_seq_id 
_pdbx_unobs_or_zero_occ_residues.PDB_ins_code 
_pdbx_unobs_or_zero_occ_residues.label_asym_id 
_pdbx_unobs_or_zero_occ_residues.label_comp_id 
_pdbx_unobs_or_zero_occ_residues.label_seq_id 
1 1 Y 1 X VAL 1646 ? A VAL 1   
2 1 Y 1 X ASN 1647 ? A ASN 2   
3 1 Y 1 X LYS 1648 ? A LYS 3   
4 1 Y 1 X GLU 1694 ? A GLU 49  
5 1 Y 1 X GLU 1817 ? A GLU 172 
6 1 Y 1 X ASP 1818 ? A ASP 173 
7 1 Y 1 X ASN 1819 ? A ASN 174 
# 
loop_
_chem_comp_atom.comp_id 
_chem_comp_atom.atom_id 
_chem_comp_atom.type_symbol 
_chem_comp_atom.pdbx_aromatic_flag 
_chem_comp_atom.pdbx_stereo_config 
_chem_comp_atom.pdbx_ordinal 
ALA N    N  N N 1   
ALA CA   C  N S 2   
ALA C    C  N N 3   
ALA O    O  N N 4   
ALA CB   C  N N 5   
ALA OXT  O  N N 6   
ALA H    H  N N 7   
ALA H2   H  N N 8   
ALA HA   H  N N 9   
ALA HB1  H  N N 10  
ALA HB2  H  N N 11  
ALA HB3  H  N N 12  
ALA HXT  H  N N 13  
ARG N    N  N N 14  
ARG CA   C  N S 15  
ARG C    C  N N 16  
ARG O    O  N N 17  
ARG CB   C  N N 18  
ARG CG   C  N N 19  
ARG CD   C  N N 20  
ARG NE   N  N N 21  
ARG CZ   C  N N 22  
ARG NH1  N  N N 23  
ARG NH2  N  N N 24  
ARG OXT  O  N N 25  
ARG H    H  N N 26  
ARG H2   H  N N 27  
ARG HA   H  N N 28  
ARG HB2  H  N N 29  
ARG HB3  H  N N 30  
ARG HG2  H  N N 31  
ARG HG3  H  N N 32  
ARG HD2  H  N N 33  
ARG HD3  H  N N 34  
ARG HE   H  N N 35  
ARG HH11 H  N N 36  
ARG HH12 H  N N 37  
ARG HH21 H  N N 38  
ARG HH22 H  N N 39  
ARG HXT  H  N N 40  
ASN N    N  N N 41  
ASN CA   C  N S 42  
ASN C    C  N N 43  
ASN O    O  N N 44  
ASN CB   C  N N 45  
ASN CG   C  N N 46  
ASN OD1  O  N N 47  
ASN ND2  N  N N 48  
ASN OXT  O  N N 49  
ASN H    H  N N 50  
ASN H2   H  N N 51  
ASN HA   H  N N 52  
ASN HB2  H  N N 53  
ASN HB3  H  N N 54  
ASN HD21 H  N N 55  
ASN HD22 H  N N 56  
ASN HXT  H  N N 57  
ASP N    N  N N 58  
ASP CA   C  N S 59  
ASP C    C  N N 60  
ASP O    O  N N 61  
ASP CB   C  N N 62  
ASP CG   C  N N 63  
ASP OD1  O  N N 64  
ASP OD2  O  N N 65  
ASP OXT  O  N N 66  
ASP H    H  N N 67  
ASP H2   H  N N 68  
ASP HA   H  N N 69  
ASP HB2  H  N N 70  
ASP HB3  H  N N 71  
ASP HD2  H  N N 72  
ASP HXT  H  N N 73  
CO  CO   CO N N 74  
CYS N    N  N N 75  
CYS CA   C  N R 76  
CYS C    C  N N 77  
CYS O    O  N N 78  
CYS CB   C  N N 79  
CYS SG   S  N N 80  
CYS OXT  O  N N 81  
CYS H    H  N N 82  
CYS H2   H  N N 83  
CYS HA   H  N N 84  
CYS HB2  H  N N 85  
CYS HB3  H  N N 86  
CYS HG   H  N N 87  
CYS HXT  H  N N 88  
GLN N    N  N N 89  
GLN CA   C  N S 90  
GLN C    C  N N 91  
GLN O    O  N N 92  
GLN CB   C  N N 93  
GLN CG   C  N N 94  
GLN CD   C  N N 95  
GLN OE1  O  N N 96  
GLN NE2  N  N N 97  
GLN OXT  O  N N 98  
GLN H    H  N N 99  
GLN H2   H  N N 100 
GLN HA   H  N N 101 
GLN HB2  H  N N 102 
GLN HB3  H  N N 103 
GLN HG2  H  N N 104 
GLN HG3  H  N N 105 
GLN HE21 H  N N 106 
GLN HE22 H  N N 107 
GLN HXT  H  N N 108 
GLU N    N  N N 109 
GLU CA   C  N S 110 
GLU C    C  N N 111 
GLU O    O  N N 112 
GLU CB   C  N N 113 
GLU CG   C  N N 114 
GLU CD   C  N N 115 
GLU OE1  O  N N 116 
GLU OE2  O  N N 117 
GLU OXT  O  N N 118 
GLU H    H  N N 119 
GLU H2   H  N N 120 
GLU HA   H  N N 121 
GLU HB2  H  N N 122 
GLU HB3  H  N N 123 
GLU HG2  H  N N 124 
GLU HG3  H  N N 125 
GLU HE2  H  N N 126 
GLU HXT  H  N N 127 
GLY N    N  N N 128 
GLY CA   C  N N 129 
GLY C    C  N N 130 
GLY O    O  N N 131 
GLY OXT  O  N N 132 
GLY H    H  N N 133 
GLY H2   H  N N 134 
GLY HA2  H  N N 135 
GLY HA3  H  N N 136 
GLY HXT  H  N N 137 
HIS N    N  N N 138 
HIS CA   C  N S 139 
HIS C    C  N N 140 
HIS O    O  N N 141 
HIS CB   C  N N 142 
HIS CG   C  Y N 143 
HIS ND1  N  Y N 144 
HIS CD2  C  Y N 145 
HIS CE1  C  Y N 146 
HIS NE2  N  Y N 147 
HIS OXT  O  N N 148 
HIS H    H  N N 149 
HIS H2   H  N N 150 
HIS HA   H  N N 151 
HIS HB2  H  N N 152 
HIS HB3  H  N N 153 
HIS HD1  H  N N 154 
HIS HD2  H  N N 155 
HIS HE1  H  N N 156 
HIS HE2  H  N N 157 
HIS HXT  H  N N 158 
HOH O    O  N N 159 
HOH H1   H  N N 160 
HOH H2   H  N N 161 
ILE N    N  N N 162 
ILE CA   C  N S 163 
ILE C    C  N N 164 
ILE O    O  N N 165 
ILE CB   C  N S 166 
ILE CG1  C  N N 167 
ILE CG2  C  N N 168 
ILE CD1  C  N N 169 
ILE OXT  O  N N 170 
ILE H    H  N N 171 
ILE H2   H  N N 172 
ILE HA   H  N N 173 
ILE HB   H  N N 174 
ILE HG12 H  N N 175 
ILE HG13 H  N N 176 
ILE HG21 H  N N 177 
ILE HG22 H  N N 178 
ILE HG23 H  N N 179 
ILE HD11 H  N N 180 
ILE HD12 H  N N 181 
ILE HD13 H  N N 182 
ILE HXT  H  N N 183 
LEU N    N  N N 184 
LEU CA   C  N S 185 
LEU C    C  N N 186 
LEU O    O  N N 187 
LEU CB   C  N N 188 
LEU CG   C  N N 189 
LEU CD1  C  N N 190 
LEU CD2  C  N N 191 
LEU OXT  O  N N 192 
LEU H    H  N N 193 
LEU H2   H  N N 194 
LEU HA   H  N N 195 
LEU HB2  H  N N 196 
LEU HB3  H  N N 197 
LEU HG   H  N N 198 
LEU HD11 H  N N 199 
LEU HD12 H  N N 200 
LEU HD13 H  N N 201 
LEU HD21 H  N N 202 
LEU HD22 H  N N 203 
LEU HD23 H  N N 204 
LEU HXT  H  N N 205 
LYS N    N  N N 206 
LYS CA   C  N S 207 
LYS C    C  N N 208 
LYS O    O  N N 209 
LYS CB   C  N N 210 
LYS CG   C  N N 211 
LYS CD   C  N N 212 
LYS CE   C  N N 213 
LYS NZ   N  N N 214 
LYS OXT  O  N N 215 
LYS H    H  N N 216 
LYS H2   H  N N 217 
LYS HA   H  N N 218 
LYS HB2  H  N N 219 
LYS HB3  H  N N 220 
LYS HG2  H  N N 221 
LYS HG3  H  N N 222 
LYS HD2  H  N N 223 
LYS HD3  H  N N 224 
LYS HE2  H  N N 225 
LYS HE3  H  N N 226 
LYS HZ1  H  N N 227 
LYS HZ2  H  N N 228 
LYS HZ3  H  N N 229 
LYS HXT  H  N N 230 
MET N    N  N N 231 
MET CA   C  N S 232 
MET C    C  N N 233 
MET O    O  N N 234 
MET CB   C  N N 235 
MET CG   C  N N 236 
MET SD   S  N N 237 
MET CE   C  N N 238 
MET OXT  O  N N 239 
MET H    H  N N 240 
MET H2   H  N N 241 
MET HA   H  N N 242 
MET HB2  H  N N 243 
MET HB3  H  N N 244 
MET HG2  H  N N 245 
MET HG3  H  N N 246 
MET HE1  H  N N 247 
MET HE2  H  N N 248 
MET HE3  H  N N 249 
MET HXT  H  N N 250 
PHE N    N  N N 251 
PHE CA   C  N S 252 
PHE C    C  N N 253 
PHE O    O  N N 254 
PHE CB   C  N N 255 
PHE CG   C  Y N 256 
PHE CD1  C  Y N 257 
PHE CD2  C  Y N 258 
PHE CE1  C  Y N 259 
PHE CE2  C  Y N 260 
PHE CZ   C  Y N 261 
PHE OXT  O  N N 262 
PHE H    H  N N 263 
PHE H2   H  N N 264 
PHE HA   H  N N 265 
PHE HB2  H  N N 266 
PHE HB3  H  N N 267 
PHE HD1  H  N N 268 
PHE HD2  H  N N 269 
PHE HE1  H  N N 270 
PHE HE2  H  N N 271 
PHE HZ   H  N N 272 
PHE HXT  H  N N 273 
PRO N    N  N N 274 
PRO CA   C  N S 275 
PRO C    C  N N 276 
PRO O    O  N N 277 
PRO CB   C  N N 278 
PRO CG   C  N N 279 
PRO CD   C  N N 280 
PRO OXT  O  N N 281 
PRO H    H  N N 282 
PRO HA   H  N N 283 
PRO HB2  H  N N 284 
PRO HB3  H  N N 285 
PRO HG2  H  N N 286 
PRO HG3  H  N N 287 
PRO HD2  H  N N 288 
PRO HD3  H  N N 289 
PRO HXT  H  N N 290 
SER N    N  N N 291 
SER CA   C  N S 292 
SER C    C  N N 293 
SER O    O  N N 294 
SER CB   C  N N 295 
SER OG   O  N N 296 
SER OXT  O  N N 297 
SER H    H  N N 298 
SER H2   H  N N 299 
SER HA   H  N N 300 
SER HB2  H  N N 301 
SER HB3  H  N N 302 
SER HG   H  N N 303 
SER HXT  H  N N 304 
SO4 S    S  N N 305 
SO4 O1   O  N N 306 
SO4 O2   O  N N 307 
SO4 O3   O  N N 308 
SO4 O4   O  N N 309 
THR N    N  N N 310 
THR CA   C  N S 311 
THR C    C  N N 312 
THR O    O  N N 313 
THR CB   C  N R 314 
THR OG1  O  N N 315 
THR CG2  C  N N 316 
THR OXT  O  N N 317 
THR H    H  N N 318 
THR H2   H  N N 319 
THR HA   H  N N 320 
THR HB   H  N N 321 
THR HG1  H  N N 322 
THR HG21 H  N N 323 
THR HG22 H  N N 324 
THR HG23 H  N N 325 
THR HXT  H  N N 326 
TRP N    N  N N 327 
TRP CA   C  N S 328 
TRP C    C  N N 329 
TRP O    O  N N 330 
TRP CB   C  N N 331 
TRP CG   C  Y N 332 
TRP CD1  C  Y N 333 
TRP CD2  C  Y N 334 
TRP NE1  N  Y N 335 
TRP CE2  C  Y N 336 
TRP CE3  C  Y N 337 
TRP CZ2  C  Y N 338 
TRP CZ3  C  Y N 339 
TRP CH2  C  Y N 340 
TRP OXT  O  N N 341 
TRP H    H  N N 342 
TRP H2   H  N N 343 
TRP HA   H  N N 344 
TRP HB2  H  N N 345 
TRP HB3  H  N N 346 
TRP HD1  H  N N 347 
TRP HE1  H  N N 348 
TRP HE3  H  N N 349 
TRP HZ2  H  N N 350 
TRP HZ3  H  N N 351 
TRP HH2  H  N N 352 
TRP HXT  H  N N 353 
TYR N    N  N N 354 
TYR CA   C  N S 355 
TYR C    C  N N 356 
TYR O    O  N N 357 
TYR CB   C  N N 358 
TYR CG   C  Y N 359 
TYR CD1  C  Y N 360 
TYR CD2  C  Y N 361 
TYR CE1  C  Y N 362 
TYR CE2  C  Y N 363 
TYR CZ   C  Y N 364 
TYR OH   O  N N 365 
TYR OXT  O  N N 366 
TYR H    H  N N 367 
TYR H2   H  N N 368 
TYR HA   H  N N 369 
TYR HB2  H  N N 370 
TYR HB3  H  N N 371 
TYR HD1  H  N N 372 
TYR HD2  H  N N 373 
TYR HE1  H  N N 374 
TYR HE2  H  N N 375 
TYR HH   H  N N 376 
TYR HXT  H  N N 377 
VAL N    N  N N 378 
VAL CA   C  N S 379 
VAL C    C  N N 380 
VAL O    O  N N 381 
VAL CB   C  N N 382 
VAL CG1  C  N N 383 
VAL CG2  C  N N 384 
VAL OXT  O  N N 385 
VAL H    H  N N 386 
VAL H2   H  N N 387 
VAL HA   H  N N 388 
VAL HB   H  N N 389 
VAL HG11 H  N N 390 
VAL HG12 H  N N 391 
VAL HG13 H  N N 392 
VAL HG21 H  N N 393 
VAL HG22 H  N N 394 
VAL HG23 H  N N 395 
VAL HXT  H  N N 396 
# 
loop_
_chem_comp_bond.comp_id 
_chem_comp_bond.atom_id_1 
_chem_comp_bond.atom_id_2 
_chem_comp_bond.value_order 
_chem_comp_bond.pdbx_aromatic_flag 
_chem_comp_bond.pdbx_stereo_config 
_chem_comp_bond.pdbx_ordinal 
ALA N   CA   sing N N 1   
ALA N   H    sing N N 2   
ALA N   H2   sing N N 3   
ALA CA  C    sing N N 4   
ALA CA  CB   sing N N 5   
ALA CA  HA   sing N N 6   
ALA C   O    doub N N 7   
ALA C   OXT  sing N N 8   
ALA CB  HB1  sing N N 9   
ALA CB  HB2  sing N N 10  
ALA CB  HB3  sing N N 11  
ALA OXT HXT  sing N N 12  
ARG N   CA   sing N N 13  
ARG N   H    sing N N 14  
ARG N   H2   sing N N 15  
ARG CA  C    sing N N 16  
ARG CA  CB   sing N N 17  
ARG CA  HA   sing N N 18  
ARG C   O    doub N N 19  
ARG C   OXT  sing N N 20  
ARG CB  CG   sing N N 21  
ARG CB  HB2  sing N N 22  
ARG CB  HB3  sing N N 23  
ARG CG  CD   sing N N 24  
ARG CG  HG2  sing N N 25  
ARG CG  HG3  sing N N 26  
ARG CD  NE   sing N N 27  
ARG CD  HD2  sing N N 28  
ARG CD  HD3  sing N N 29  
ARG NE  CZ   sing N N 30  
ARG NE  HE   sing N N 31  
ARG CZ  NH1  sing N N 32  
ARG CZ  NH2  doub N N 33  
ARG NH1 HH11 sing N N 34  
ARG NH1 HH12 sing N N 35  
ARG NH2 HH21 sing N N 36  
ARG NH2 HH22 sing N N 37  
ARG OXT HXT  sing N N 38  
ASN N   CA   sing N N 39  
ASN N   H    sing N N 40  
ASN N   H2   sing N N 41  
ASN CA  C    sing N N 42  
ASN CA  CB   sing N N 43  
ASN CA  HA   sing N N 44  
ASN C   O    doub N N 45  
ASN C   OXT  sing N N 46  
ASN CB  CG   sing N N 47  
ASN CB  HB2  sing N N 48  
ASN CB  HB3  sing N N 49  
ASN CG  OD1  doub N N 50  
ASN CG  ND2  sing N N 51  
ASN ND2 HD21 sing N N 52  
ASN ND2 HD22 sing N N 53  
ASN OXT HXT  sing N N 54  
ASP N   CA   sing N N 55  
ASP N   H    sing N N 56  
ASP N   H2   sing N N 57  
ASP CA  C    sing N N 58  
ASP CA  CB   sing N N 59  
ASP CA  HA   sing N N 60  
ASP C   O    doub N N 61  
ASP C   OXT  sing N N 62  
ASP CB  CG   sing N N 63  
ASP CB  HB2  sing N N 64  
ASP CB  HB3  sing N N 65  
ASP CG  OD1  doub N N 66  
ASP CG  OD2  sing N N 67  
ASP OD2 HD2  sing N N 68  
ASP OXT HXT  sing N N 69  
CYS N   CA   sing N N 70  
CYS N   H    sing N N 71  
CYS N   H2   sing N N 72  
CYS CA  C    sing N N 73  
CYS CA  CB   sing N N 74  
CYS CA  HA   sing N N 75  
CYS C   O    doub N N 76  
CYS C   OXT  sing N N 77  
CYS CB  SG   sing N N 78  
CYS CB  HB2  sing N N 79  
CYS CB  HB3  sing N N 80  
CYS SG  HG   sing N N 81  
CYS OXT HXT  sing N N 82  
GLN N   CA   sing N N 83  
GLN N   H    sing N N 84  
GLN N   H2   sing N N 85  
GLN CA  C    sing N N 86  
GLN CA  CB   sing N N 87  
GLN CA  HA   sing N N 88  
GLN C   O    doub N N 89  
GLN C   OXT  sing N N 90  
GLN CB  CG   sing N N 91  
GLN CB  HB2  sing N N 92  
GLN CB  HB3  sing N N 93  
GLN CG  CD   sing N N 94  
GLN CG  HG2  sing N N 95  
GLN CG  HG3  sing N N 96  
GLN CD  OE1  doub N N 97  
GLN CD  NE2  sing N N 98  
GLN NE2 HE21 sing N N 99  
GLN NE2 HE22 sing N N 100 
GLN OXT HXT  sing N N 101 
GLU N   CA   sing N N 102 
GLU N   H    sing N N 103 
GLU N   H2   sing N N 104 
GLU CA  C    sing N N 105 
GLU CA  CB   sing N N 106 
GLU CA  HA   sing N N 107 
GLU C   O    doub N N 108 
GLU C   OXT  sing N N 109 
GLU CB  CG   sing N N 110 
GLU CB  HB2  sing N N 111 
GLU CB  HB3  sing N N 112 
GLU CG  CD   sing N N 113 
GLU CG  HG2  sing N N 114 
GLU CG  HG3  sing N N 115 
GLU CD  OE1  doub N N 116 
GLU CD  OE2  sing N N 117 
GLU OE2 HE2  sing N N 118 
GLU OXT HXT  sing N N 119 
GLY N   CA   sing N N 120 
GLY N   H    sing N N 121 
GLY N   H2   sing N N 122 
GLY CA  C    sing N N 123 
GLY CA  HA2  sing N N 124 
GLY CA  HA3  sing N N 125 
GLY C   O    doub N N 126 
GLY C   OXT  sing N N 127 
GLY OXT HXT  sing N N 128 
HIS N   CA   sing N N 129 
HIS N   H    sing N N 130 
HIS N   H2   sing N N 131 
HIS CA  C    sing N N 132 
HIS CA  CB   sing N N 133 
HIS CA  HA   sing N N 134 
HIS C   O    doub N N 135 
HIS C   OXT  sing N N 136 
HIS CB  CG   sing N N 137 
HIS CB  HB2  sing N N 138 
HIS CB  HB3  sing N N 139 
HIS CG  ND1  sing Y N 140 
HIS CG  CD2  doub Y N 141 
HIS ND1 CE1  doub Y N 142 
HIS ND1 HD1  sing N N 143 
HIS CD2 NE2  sing Y N 144 
HIS CD2 HD2  sing N N 145 
HIS CE1 NE2  sing Y N 146 
HIS CE1 HE1  sing N N 147 
HIS NE2 HE2  sing N N 148 
HIS OXT HXT  sing N N 149 
HOH O   H1   sing N N 150 
HOH O   H2   sing N N 151 
ILE N   CA   sing N N 152 
ILE N   H    sing N N 153 
ILE N   H2   sing N N 154 
ILE CA  C    sing N N 155 
ILE CA  CB   sing N N 156 
ILE CA  HA   sing N N 157 
ILE C   O    doub N N 158 
ILE C   OXT  sing N N 159 
ILE CB  CG1  sing N N 160 
ILE CB  CG2  sing N N 161 
ILE CB  HB   sing N N 162 
ILE CG1 CD1  sing N N 163 
ILE CG1 HG12 sing N N 164 
ILE CG1 HG13 sing N N 165 
ILE CG2 HG21 sing N N 166 
ILE CG2 HG22 sing N N 167 
ILE CG2 HG23 sing N N 168 
ILE CD1 HD11 sing N N 169 
ILE CD1 HD12 sing N N 170 
ILE CD1 HD13 sing N N 171 
ILE OXT HXT  sing N N 172 
LEU N   CA   sing N N 173 
LEU N   H    sing N N 174 
LEU N   H2   sing N N 175 
LEU CA  C    sing N N 176 
LEU CA  CB   sing N N 177 
LEU CA  HA   sing N N 178 
LEU C   O    doub N N 179 
LEU C   OXT  sing N N 180 
LEU CB  CG   sing N N 181 
LEU CB  HB2  sing N N 182 
LEU CB  HB3  sing N N 183 
LEU CG  CD1  sing N N 184 
LEU CG  CD2  sing N N 185 
LEU CG  HG   sing N N 186 
LEU CD1 HD11 sing N N 187 
LEU CD1 HD12 sing N N 188 
LEU CD1 HD13 sing N N 189 
LEU CD2 HD21 sing N N 190 
LEU CD2 HD22 sing N N 191 
LEU CD2 HD23 sing N N 192 
LEU OXT HXT  sing N N 193 
LYS N   CA   sing N N 194 
LYS N   H    sing N N 195 
LYS N   H2   sing N N 196 
LYS CA  C    sing N N 197 
LYS CA  CB   sing N N 198 
LYS CA  HA   sing N N 199 
LYS C   O    doub N N 200 
LYS C   OXT  sing N N 201 
LYS CB  CG   sing N N 202 
LYS CB  HB2  sing N N 203 
LYS CB  HB3  sing N N 204 
LYS CG  CD   sing N N 205 
LYS CG  HG2  sing N N 206 
LYS CG  HG3  sing N N 207 
LYS CD  CE   sing N N 208 
LYS CD  HD2  sing N N 209 
LYS CD  HD3  sing N N 210 
LYS CE  NZ   sing N N 211 
LYS CE  HE2  sing N N 212 
LYS CE  HE3  sing N N 213 
LYS NZ  HZ1  sing N N 214 
LYS NZ  HZ2  sing N N 215 
LYS NZ  HZ3  sing N N 216 
LYS OXT HXT  sing N N 217 
MET N   CA   sing N N 218 
MET N   H    sing N N 219 
MET N   H2   sing N N 220 
MET CA  C    sing N N 221 
MET CA  CB   sing N N 222 
MET CA  HA   sing N N 223 
MET C   O    doub N N 224 
MET C   OXT  sing N N 225 
MET CB  CG   sing N N 226 
MET CB  HB2  sing N N 227 
MET CB  HB3  sing N N 228 
MET CG  SD   sing N N 229 
MET CG  HG2  sing N N 230 
MET CG  HG3  sing N N 231 
MET SD  CE   sing N N 232 
MET CE  HE1  sing N N 233 
MET CE  HE2  sing N N 234 
MET CE  HE3  sing N N 235 
MET OXT HXT  sing N N 236 
PHE N   CA   sing N N 237 
PHE N   H    sing N N 238 
PHE N   H2   sing N N 239 
PHE CA  C    sing N N 240 
PHE CA  CB   sing N N 241 
PHE CA  HA   sing N N 242 
PHE C   O    doub N N 243 
PHE C   OXT  sing N N 244 
PHE CB  CG   sing N N 245 
PHE CB  HB2  sing N N 246 
PHE CB  HB3  sing N N 247 
PHE CG  CD1  doub Y N 248 
PHE CG  CD2  sing Y N 249 
PHE CD1 CE1  sing Y N 250 
PHE CD1 HD1  sing N N 251 
PHE CD2 CE2  doub Y N 252 
PHE CD2 HD2  sing N N 253 
PHE CE1 CZ   doub Y N 254 
PHE CE1 HE1  sing N N 255 
PHE CE2 CZ   sing Y N 256 
PHE CE2 HE2  sing N N 257 
PHE CZ  HZ   sing N N 258 
PHE OXT HXT  sing N N 259 
PRO N   CA   sing N N 260 
PRO N   CD   sing N N 261 
PRO N   H    sing N N 262 
PRO CA  C    sing N N 263 
PRO CA  CB   sing N N 264 
PRO CA  HA   sing N N 265 
PRO C   O    doub N N 266 
PRO C   OXT  sing N N 267 
PRO CB  CG   sing N N 268 
PRO CB  HB2  sing N N 269 
PRO CB  HB3  sing N N 270 
PRO CG  CD   sing N N 271 
PRO CG  HG2  sing N N 272 
PRO CG  HG3  sing N N 273 
PRO CD  HD2  sing N N 274 
PRO CD  HD3  sing N N 275 
PRO OXT HXT  sing N N 276 
SER N   CA   sing N N 277 
SER N   H    sing N N 278 
SER N   H2   sing N N 279 
SER CA  C    sing N N 280 
SER CA  CB   sing N N 281 
SER CA  HA   sing N N 282 
SER C   O    doub N N 283 
SER C   OXT  sing N N 284 
SER CB  OG   sing N N 285 
SER CB  HB2  sing N N 286 
SER CB  HB3  sing N N 287 
SER OG  HG   sing N N 288 
SER OXT HXT  sing N N 289 
SO4 S   O1   doub N N 290 
SO4 S   O2   doub N N 291 
SO4 S   O3   sing N N 292 
SO4 S   O4   sing N N 293 
THR N   CA   sing N N 294 
THR N   H    sing N N 295 
THR N   H2   sing N N 296 
THR CA  C    sing N N 297 
THR CA  CB   sing N N 298 
THR CA  HA   sing N N 299 
THR C   O    doub N N 300 
THR C   OXT  sing N N 301 
THR CB  OG1  sing N N 302 
THR CB  CG2  sing N N 303 
THR CB  HB   sing N N 304 
THR OG1 HG1  sing N N 305 
THR CG2 HG21 sing N N 306 
THR CG2 HG22 sing N N 307 
THR CG2 HG23 sing N N 308 
THR OXT HXT  sing N N 309 
TRP N   CA   sing N N 310 
TRP N   H    sing N N 311 
TRP N   H2   sing N N 312 
TRP CA  C    sing N N 313 
TRP CA  CB   sing N N 314 
TRP CA  HA   sing N N 315 
TRP C   O    doub N N 316 
TRP C   OXT  sing N N 317 
TRP CB  CG   sing N N 318 
TRP CB  HB2  sing N N 319 
TRP CB  HB3  sing N N 320 
TRP CG  CD1  doub Y N 321 
TRP CG  CD2  sing Y N 322 
TRP CD1 NE1  sing Y N 323 
TRP CD1 HD1  sing N N 324 
TRP CD2 CE2  doub Y N 325 
TRP CD2 CE3  sing Y N 326 
TRP NE1 CE2  sing Y N 327 
TRP NE1 HE1  sing N N 328 
TRP CE2 CZ2  sing Y N 329 
TRP CE3 CZ3  doub Y N 330 
TRP CE3 HE3  sing N N 331 
TRP CZ2 CH2  doub Y N 332 
TRP CZ2 HZ2  sing N N 333 
TRP CZ3 CH2  sing Y N 334 
TRP CZ3 HZ3  sing N N 335 
TRP CH2 HH2  sing N N 336 
TRP OXT HXT  sing N N 337 
TYR N   CA   sing N N 338 
TYR N   H    sing N N 339 
TYR N   H2   sing N N 340 
TYR CA  C    sing N N 341 
TYR CA  CB   sing N N 342 
TYR CA  HA   sing N N 343 
TYR C   O    doub N N 344 
TYR C   OXT  sing N N 345 
TYR CB  CG   sing N N 346 
TYR CB  HB2  sing N N 347 
TYR CB  HB3  sing N N 348 
TYR CG  CD1  doub Y N 349 
TYR CG  CD2  sing Y N 350 
TYR CD1 CE1  sing Y N 351 
TYR CD1 HD1  sing N N 352 
TYR CD2 CE2  doub Y N 353 
TYR CD2 HD2  sing N N 354 
TYR CE1 CZ   doub Y N 355 
TYR CE1 HE1  sing N N 356 
TYR CE2 CZ   sing Y N 357 
TYR CE2 HE2  sing N N 358 
TYR CZ  OH   sing N N 359 
TYR OH  HH   sing N N 360 
TYR OXT HXT  sing N N 361 
VAL N   CA   sing N N 362 
VAL N   H    sing N N 363 
VAL N   H2   sing N N 364 
VAL CA  C    sing N N 365 
VAL CA  CB   sing N N 366 
VAL CA  HA   sing N N 367 
VAL C   O    doub N N 368 
VAL C   OXT  sing N N 369 
VAL CB  CG1  sing N N 370 
VAL CB  CG2  sing N N 371 
VAL CB  HB   sing N N 372 
VAL CG1 HG11 sing N N 373 
VAL CG1 HG12 sing N N 374 
VAL CG1 HG13 sing N N 375 
VAL CG2 HG21 sing N N 376 
VAL CG2 HG22 sing N N 377 
VAL CG2 HG23 sing N N 378 
VAL OXT HXT  sing N N 379 
# 
_pdbx_initial_refinement_model.id               1 
_pdbx_initial_refinement_model.entity_id_list   ? 
_pdbx_initial_refinement_model.type             'experimental model' 
_pdbx_initial_refinement_model.source_name      PDB 
_pdbx_initial_refinement_model.accession_code   1JNX 
_pdbx_initial_refinement_model.details          'pdb entry 1jnx' 
# 
_atom_sites.entry_id                    1N5O 
_atom_sites.fract_transf_matrix[1][1]   -0.00584838 
_atom_sites.fract_transf_matrix[1][2]   0.00085856 
_atom_sites.fract_transf_matrix[1][3]   0.00816709 
_atom_sites.fract_transf_matrix[2][1]   0.00296199 
_atom_sites.fract_transf_matrix[2][2]   -0.00400577 
_atom_sites.fract_transf_matrix[2][3]   0.00876511 
_atom_sites.fract_transf_matrix[3][1]   0.00376187 
_atom_sites.fract_transf_matrix[3][2]   0.00705359 
_atom_sites.fract_transf_matrix[3][3]   0.00195233 
_atom_sites.fract_transf_vector[1]      0.509253 
_atom_sites.fract_transf_vector[2]      0.596461 
_atom_sites.fract_transf_vector[3]      0.301481 
# 
loop_
_atom_type.symbol 
C  
CO 
N  
O  
S  
# 
loop_
_atom_site.group_PDB 
_atom_site.id 
_atom_site.type_symbol 
_atom_site.label_atom_id 
_atom_site.label_alt_id 
_atom_site.label_comp_id 
_atom_site.label_asym_id 
_atom_site.label_entity_id 
_atom_site.label_seq_id 
_atom_site.pdbx_PDB_ins_code 
_atom_site.Cartn_x 
_atom_site.Cartn_y 
_atom_site.Cartn_z 
_atom_site.occupancy 
_atom_site.B_iso_or_equiv 
_atom_site.pdbx_formal_charge 
_atom_site.auth_seq_id 
_atom_site.auth_comp_id 
_atom_site.auth_asym_id 
_atom_site.auth_atom_id 
_atom_site.pdbx_PDB_model_num 
ATOM   1    N  N   . ARG A 1 4   ? -15.054 8.835   12.563  1.00 42.47  ? 1649 ARG X N   1 
ATOM   2    C  CA  . ARG A 1 4   ? -16.066 9.397   11.613  1.00 42.58  ? 1649 ARG X CA  1 
ATOM   3    C  C   . ARG A 1 4   ? -15.616 9.193   10.172  1.00 42.46  ? 1649 ARG X C   1 
ATOM   4    O  O   . ARG A 1 4   ? -15.242 8.088   9.792   1.00 42.76  ? 1649 ARG X O   1 
ATOM   5    C  CB  . ARG A 1 4   ? -16.307 10.873  11.897  1.00 42.57  ? 1649 ARG X CB  1 
ATOM   6    N  N   . MET A 1 5   ? -15.664 10.247  9.365   1.00 42.07  ? 1650 MET X N   1 
ATOM   7    C  CA  . MET A 1 5   ? -15.186 10.150  7.992   1.00 41.57  ? 1650 MET X CA  1 
ATOM   8    C  C   . MET A 1 5   ? -14.088 11.164  7.704   1.00 40.77  ? 1650 MET X C   1 
ATOM   9    O  O   . MET A 1 5   ? -14.305 12.371  7.794   1.00 40.72  ? 1650 MET X O   1 
ATOM   10   C  CB  . MET A 1 5   ? -16.327 10.319  6.997   1.00 42.01  ? 1650 MET X CB  1 
ATOM   11   C  CG  . MET A 1 5   ? -17.125 9.059   6.748   1.00 43.21  ? 1650 MET X CG  1 
ATOM   12   S  SD  . MET A 1 5   ? -17.811 9.064   5.084   1.00 45.38  ? 1650 MET X SD  1 
ATOM   13   C  CE  . MET A 1 5   ? -18.811 7.592   5.159   1.00 45.72  ? 1650 MET X CE  1 
ATOM   14   N  N   . SER A 1 6   ? -12.901 10.656  7.387   1.00 39.70  ? 1651 SER X N   1 
ATOM   15   C  CA  . SER A 1 6   ? -11.776 11.488  6.991   1.00 38.48  ? 1651 SER X CA  1 
ATOM   16   C  C   . SER A 1 6   ? -11.338 11.022  5.619   1.00 37.20  ? 1651 SER X C   1 
ATOM   17   O  O   . SER A 1 6   ? -11.057 9.846   5.412   1.00 37.08  ? 1651 SER X O   1 
ATOM   18   C  CB  . SER A 1 6   ? -10.618 11.390  7.987   1.00 38.91  ? 1651 SER X CB  1 
ATOM   19   O  OG  . SER A 1 6   ? -9.377  11.768  7.392   1.00 39.53  ? 1651 SER X OG  1 
ATOM   20   N  N   . MET A 1 7   ? -11.285 11.949  4.682   1.00 35.75  ? 1652 MET X N   1 
ATOM   21   C  CA  . MET A 1 7   ? -10.951 11.603  3.319   1.00 34.60  ? 1652 MET X CA  1 
ATOM   22   C  C   . MET A 1 7   ? -9.609  12.125  2.873   1.00 33.63  ? 1652 MET X C   1 
ATOM   23   O  O   . MET A 1 7   ? -9.216  13.256  3.167   1.00 33.38  ? 1652 MET X O   1 
ATOM   24   C  CB  . MET A 1 7   ? -12.002 12.163  2.348   1.00 34.77  ? 1652 MET X CB  1 
ATOM   25   C  CG  . MET A 1 7   ? -13.248 11.331  2.196   1.00 35.09  ? 1652 MET X CG  1 
ATOM   26   S  SD  . MET A 1 7   ? -14.231 11.779  0.756   1.00 36.30  ? 1652 MET X SD  1 
ATOM   27   C  CE  . MET A 1 7   ? -14.327 13.507  0.939   1.00 35.12  ? 1652 MET X CE  1 
ATOM   28   N  N   . VAL A 1 8   ? -8.917  11.298  2.119   1.00 32.42  ? 1653 VAL X N   1 
ATOM   29   C  CA  . VAL A 1 8   ? -7.700  11.740  1.495   1.00 31.59  ? 1653 VAL X CA  1 
ATOM   30   C  C   . VAL A 1 8   ? -7.999  11.631  -0.007  1.00 31.12  ? 1653 VAL X C   1 
ATOM   31   O  O   . VAL A 1 8   ? -9.044  11.123  -0.379  1.00 31.32  ? 1653 VAL X O   1 
ATOM   32   C  CB  . VAL A 1 8   ? -6.511  10.948  2.048   1.00 31.37  ? 1653 VAL X CB  1 
ATOM   33   C  CG1 . VAL A 1 8   ? -6.001  9.907   1.076   1.00 32.22  ? 1653 VAL X CG1 1 
ATOM   34   C  CG2 . VAL A 1 8   ? -5.444  11.888  2.458   1.00 31.07  ? 1653 VAL X CG2 1 
ATOM   35   N  N   . VAL A 1 9   ? -7.143  12.140  -0.877  1.00 30.62  ? 1654 VAL X N   1 
ATOM   36   C  CA  . VAL A 1 9   ? -7.485  12.171  -2.294  1.00 29.90  ? 1654 VAL X CA  1 
ATOM   37   C  C   . VAL A 1 9   ? -6.244  11.857  -3.116  1.00 29.69  ? 1654 VAL X C   1 
ATOM   38   O  O   . VAL A 1 9   ? -5.150  12.225  -2.699  1.00 30.43  ? 1654 VAL X O   1 
ATOM   39   C  CB  . VAL A 1 9   ? -8.064  13.576  -2.607  1.00 29.91  ? 1654 VAL X CB  1 
ATOM   40   C  CG1 . VAL A 1 9   ? -7.324  14.307  -3.737  1.00 29.24  ? 1654 VAL X CG1 1 
ATOM   41   C  CG2 . VAL A 1 9   ? -9.565  13.515  -2.787  1.00 28.77  ? 1654 VAL X CG2 1 
ATOM   42   N  N   . SER A 1 10  ? -6.373  11.159  -4.243  1.00 28.65  ? 1655 SER X N   1 
ATOM   43   C  CA  . SER A 1 10  ? -5.185  10.856  -5.038  1.00 27.99  ? 1655 SER X CA  1 
ATOM   44   C  C   . SER A 1 10  ? -5.423  10.929  -6.539  1.00 27.73  ? 1655 SER X C   1 
ATOM   45   O  O   . SER A 1 10  ? -6.446  10.468  -7.038  1.00 27.90  ? 1655 SER X O   1 
ATOM   46   C  CB  . SER A 1 10  ? -4.654  9.476   -4.667  1.00 28.29  ? 1655 SER X CB  1 
ATOM   47   O  OG  . SER A 1 10  ? -3.354  9.244   -5.186  1.00 29.02  ? 1655 SER X OG  1 
ATOM   48   N  N   . GLY A 1 11  ? -4.481  11.519  -7.258  1.00 27.24  ? 1656 GLY X N   1 
ATOM   49   C  CA  . GLY A 1 11  ? -4.572  11.616  -8.704  1.00 27.21  ? 1656 GLY X CA  1 
ATOM   50   C  C   . GLY A 1 11  ? -5.623  12.526  -9.327  1.00 27.22  ? 1656 GLY X C   1 
ATOM   51   O  O   . GLY A 1 11  ? -5.928  12.385  -10.516 1.00 27.18  ? 1656 GLY X O   1 
ATOM   52   N  N   . LEU A 1 12  ? -6.170  13.462  -8.552  1.00 26.99  ? 1657 LEU X N   1 
ATOM   53   C  CA  . LEU A 1 12  ? -7.161  14.407  -9.066  1.00 26.85  ? 1657 LEU X CA  1 
ATOM   54   C  C   . LEU A 1 12  ? -6.592  15.771  -9.446  1.00 27.18  ? 1657 LEU X C   1 
ATOM   55   O  O   . LEU A 1 12  ? -5.527  16.159  -8.969  1.00 27.28  ? 1657 LEU X O   1 
ATOM   56   C  CB  . LEU A 1 12  ? -8.234  14.632  -8.023  1.00 26.59  ? 1657 LEU X CB  1 
ATOM   57   C  CG  . LEU A 1 12  ? -8.878  13.365  -7.500  1.00 26.30  ? 1657 LEU X CG  1 
ATOM   58   C  CD1 . LEU A 1 12  ? -9.842  13.756  -6.436  1.00 24.77  ? 1657 LEU X CD1 1 
ATOM   59   C  CD2 . LEU A 1 12  ? -9.599  12.652  -8.636  1.00 26.99  ? 1657 LEU X CD2 1 
ATOM   60   N  N   . THR A 1 13  ? -7.325  16.500  -10.287 1.00 27.59  ? 1658 THR X N   1 
ATOM   61   C  CA  . THR A 1 13  ? -6.958  17.855  -10.705 1.00 28.29  ? 1658 THR X CA  1 
ATOM   62   C  C   . THR A 1 13  ? -7.574  18.819  -9.696  1.00 28.88  ? 1658 THR X C   1 
ATOM   63   O  O   . THR A 1 13  ? -8.391  18.378  -8.887  1.00 28.80  ? 1658 THR X O   1 
ATOM   64   C  CB  . THR A 1 13  ? -7.530  18.168  -12.122 1.00 28.38  ? 1658 THR X CB  1 
ATOM   65   O  OG1 . THR A 1 13  ? -8.944  17.959  -12.136 1.00 28.59  ? 1658 THR X OG1 1 
ATOM   66   C  CG2 . THR A 1 13  ? -7.011  17.213  -13.167 1.00 28.14  ? 1658 THR X CG2 1 
ATOM   67   N  N   . PRO A 1 14  ? -7.196  20.111  -9.711  1.00 29.54  ? 1659 PRO X N   1 
ATOM   68   C  CA  . PRO A 1 14  ? -7.812  21.091  -8.812  1.00 30.05  ? 1659 PRO X CA  1 
ATOM   69   C  C   . PRO A 1 14  ? -9.306  21.153  -8.951  1.00 30.81  ? 1659 PRO X C   1 
ATOM   70   O  O   . PRO A 1 14  ? -9.968  21.142  -7.940  1.00 30.67  ? 1659 PRO X O   1 
ATOM   71   C  CB  . PRO A 1 14  ? -7.207  22.411  -9.276  1.00 29.69  ? 1659 PRO X CB  1 
ATOM   72   C  CG  . PRO A 1 14  ? -5.903  22.044  -9.736  1.00 29.30  ? 1659 PRO X CG  1 
ATOM   73   C  CD  . PRO A 1 14  ? -6.115  20.752  -10.485 1.00 29.55  ? 1659 PRO X CD  1 
ATOM   74   N  N   . GLU A 1 15  ? -9.822  21.144  -10.170 1.00 32.04  ? 1660 GLU X N   1 
ATOM   75   C  CA  . GLU A 1 15  ? -11.266 21.210  -10.373 1.00 33.43  ? 1660 GLU X CA  1 
ATOM   76   C  C   . GLU A 1 15  ? -11.947 19.925  -9.910  1.00 33.77  ? 1660 GLU X C   1 
ATOM   77   O  O   . GLU A 1 15  ? -13.114 19.938  -9.542  1.00 34.14  ? 1660 GLU X O   1 
ATOM   78   C  CB  . GLU A 1 15  ? -11.628 21.566  -11.823 1.00 33.45  ? 1660 GLU X CB  1 
ATOM   79   C  CG  . GLU A 1 15  ? -10.516 21.309  -12.826 1.00 35.21  ? 1660 GLU X CG  1 
ATOM   80   C  CD  . GLU A 1 15  ? -9.528  22.460  -12.927 1.00 36.48  ? 1660 GLU X CD  1 
ATOM   81   O  OE1 . GLU A 1 15  ? -9.969  23.622  -12.855 1.00 38.12  ? 1660 GLU X OE1 1 
ATOM   82   O  OE2 . GLU A 1 15  ? -8.310  22.203  -13.051 1.00 36.88  ? 1660 GLU X OE2 1 
ATOM   83   N  N   . GLU A 1 16  ? -11.208 18.824  -9.907  1.00 34.23  ? 1661 GLU X N   1 
ATOM   84   C  CA  . GLU A 1 16  ? -11.742 17.580  -9.378  1.00 34.69  ? 1661 GLU X CA  1 
ATOM   85   C  C   . GLU A 1 16  ? -11.641 17.592  -7.852  1.00 34.95  ? 1661 GLU X C   1 
ATOM   86   O  O   . GLU A 1 16  ? -12.494 17.030  -7.161  1.00 35.23  ? 1661 GLU X O   1 
ATOM   87   C  CB  . GLU A 1 16  ? -11.006 16.364  -9.953  1.00 34.70  ? 1661 GLU X CB  1 
ATOM   88   C  CG  . GLU A 1 16  ? -11.463 15.932  -11.338 1.00 34.47  ? 1661 GLU X CG  1 
ATOM   89   C  CD  . GLU A 1 16  ? -10.501 14.957  -11.995 1.00 34.14  ? 1661 GLU X CD  1 
ATOM   90   O  OE1 . GLU A 1 16  ? -9.488  14.622  -11.378 1.00 34.97  ? 1661 GLU X OE1 1 
ATOM   91   O  OE2 . GLU A 1 16  ? -10.750 14.521  -13.129 1.00 34.23  ? 1661 GLU X OE2 1 
ATOM   92   N  N   . PHE A 1 17  ? -10.608 18.236  -7.317  1.00 35.09  ? 1662 PHE X N   1 
ATOM   93   C  CA  . PHE A 1 17  ? -10.462 18.323  -5.866  1.00 35.53  ? 1662 PHE X CA  1 
ATOM   94   C  C   . PHE A 1 17  ? -11.613 19.120  -5.286  1.00 35.56  ? 1662 PHE X C   1 
ATOM   95   O  O   . PHE A 1 17  ? -12.101 18.843  -4.193  1.00 35.55  ? 1662 PHE X O   1 
ATOM   96   C  CB  . PHE A 1 17  ? -9.163  19.018  -5.476  1.00 35.67  ? 1662 PHE X CB  1 
ATOM   97   C  CG  . PHE A 1 17  ? -8.986  19.149  -3.999  1.00 36.56  ? 1662 PHE X CG  1 
ATOM   98   C  CD1 . PHE A 1 17  ? -8.539  18.070  -3.257  1.00 38.03  ? 1662 PHE X CD1 1 
ATOM   99   C  CD2 . PHE A 1 17  ? -9.284  20.338  -3.341  1.00 37.27  ? 1662 PHE X CD2 1 
ATOM   100  C  CE1 . PHE A 1 17  ? -8.382  18.168  -1.886  1.00 38.58  ? 1662 PHE X CE1 1 
ATOM   101  C  CE2 . PHE A 1 17  ? -9.140  20.438  -1.976  1.00 37.51  ? 1662 PHE X CE2 1 
ATOM   102  C  CZ  . PHE A 1 17  ? -8.681  19.349  -1.249  1.00 38.20  ? 1662 PHE X CZ  1 
ATOM   103  N  N   . MET A 1 18  ? -12.031 20.118  -6.050  1.00 35.47  ? 1663 MET X N   1 
ATOM   104  C  CA  . MET A 1 18  ? -13.078 21.025  -5.654  1.00 35.23  ? 1663 MET X CA  1 
ATOM   105  C  C   . MET A 1 18  ? -14.415 20.373  -5.532  1.00 34.27  ? 1663 MET X C   1 
ATOM   106  O  O   . MET A 1 18  ? -15.205 20.738  -4.675  1.00 34.43  ? 1663 MET X O   1 
ATOM   107  C  CB  . MET A 1 18  ? -13.150 22.140  -6.668  1.00 35.75  ? 1663 MET X CB  1 
ATOM   108  C  CG  . MET A 1 18  ? -11.853 22.835  -6.731  1.00 38.49  ? 1663 MET X CG  1 
ATOM   109  S  SD  . MET A 1 18  ? -11.439 23.475  -5.122  1.00 42.95  ? 1663 MET X SD  1 
ATOM   110  C  CE  . MET A 1 18  ? -13.113 24.650  -5.038  1.00 43.37  ? 1663 MET X CE  1 
ATOM   111  N  N   . LEU A 1 19  ? -14.668 19.414  -6.406  1.00 33.24  ? 1664 LEU X N   1 
ATOM   112  C  CA  . LEU A 1 19  ? -15.908 18.664  -6.363  1.00 32.20  ? 1664 LEU X CA  1 
ATOM   113  C  C   . LEU A 1 19  ? -15.927 17.759  -5.133  1.00 31.08  ? 1664 LEU X C   1 
ATOM   114  O  O   . LEU A 1 19  ? -16.973 17.606  -4.507  1.00 30.95  ? 1664 LEU X O   1 
ATOM   115  C  CB  . LEU A 1 19  ? -16.114 17.886  -7.669  1.00 32.47  ? 1664 LEU X CB  1 
ATOM   116  C  CG  . LEU A 1 19  ? -16.674 18.858  -8.705  1.00 32.45  ? 1664 LEU X CG  1 
ATOM   117  C  CD1 . LEU A 1 19  ? -16.462 18.454  -10.154 1.00 32.48  ? 1664 LEU X CD1 1 
ATOM   118  C  CD2 . LEU A 1 19  ? -18.131 19.034  -8.416  1.00 33.62  ? 1664 LEU X CD2 1 
ATOM   119  N  N   . VAL A 1 20  ? -14.764 17.197  -4.783  1.00 29.59  ? 1665 VAL X N   1 
ATOM   120  C  CA  . VAL A 1 20  ? -14.618 16.387  -3.577  1.00 28.08  ? 1665 VAL X CA  1 
ATOM   121  C  C   . VAL A 1 20  ? -14.874 17.312  -2.393  1.00 27.58  ? 1665 VAL X C   1 
ATOM   122  O  O   . VAL A 1 20  ? -15.606 16.952  -1.473  1.00 27.22  ? 1665 VAL X O   1 
ATOM   123  C  CB  . VAL A 1 20  ? -13.203 15.732  -3.472  1.00 28.15  ? 1665 VAL X CB  1 
ATOM   124  C  CG1 . VAL A 1 20  ? -12.989 15.051  -2.135  1.00 26.95  ? 1665 VAL X CG1 1 
ATOM   125  C  CG2 . VAL A 1 20  ? -12.974 14.747  -4.588  1.00 27.49  ? 1665 VAL X CG2 1 
ATOM   126  N  N   . TYR A 1 21  ? -14.320 18.526  -2.455  1.00 26.90  ? 1666 TYR X N   1 
ATOM   127  C  CA  . TYR A 1 21  ? -14.539 19.521  -1.411  1.00 26.35  ? 1666 TYR X CA  1 
ATOM   128  C  C   . TYR A 1 21  ? -15.999 19.817  -1.225  1.00 25.67  ? 1666 TYR X C   1 
ATOM   129  O  O   . TYR A 1 21  ? -16.474 19.860  -0.104  1.00 25.92  ? 1666 TYR X O   1 
ATOM   130  C  CB  . TYR A 1 21  ? -13.808 20.826  -1.681  1.00 26.65  ? 1666 TYR X CB  1 
ATOM   131  C  CG  . TYR A 1 21  ? -13.886 21.793  -0.512  1.00 27.57  ? 1666 TYR X CG  1 
ATOM   132  C  CD1 . TYR A 1 21  ? -13.085 21.623  0.602   1.00 29.66  ? 1666 TYR X CD1 1 
ATOM   133  C  CD2 . TYR A 1 21  ? -14.772 22.854  -0.517  1.00 28.53  ? 1666 TYR X CD2 1 
ATOM   134  C  CE1 . TYR A 1 21  ? -13.154 22.498  1.668   1.00 30.79  ? 1666 TYR X CE1 1 
ATOM   135  C  CE2 . TYR A 1 21  ? -14.842 23.734  0.521   1.00 30.21  ? 1666 TYR X CE2 1 
ATOM   136  C  CZ  . TYR A 1 21  ? -14.040 23.553  1.615   1.00 31.55  ? 1666 TYR X CZ  1 
ATOM   137  O  OH  . TYR A 1 21  ? -14.137 24.438  2.664   1.00 33.58  ? 1666 TYR X OH  1 
ATOM   138  N  N   . LYS A 1 22  ? -16.706 20.030  -2.324  1.00 24.87  ? 1667 LYS X N   1 
ATOM   139  C  CA  . LYS A 1 22  ? -18.131 20.292  -2.265  1.00 24.31  ? 1667 LYS X CA  1 
ATOM   140  C  C   . LYS A 1 22  ? -18.852 19.174  -1.549  1.00 23.91  ? 1667 LYS X C   1 
ATOM   141  O  O   . LYS A 1 22  ? -19.582 19.411  -0.585  1.00 24.19  ? 1667 LYS X O   1 
ATOM   142  C  CB  . LYS A 1 22  ? -18.679 20.386  -3.657  1.00 24.30  ? 1667 LYS X CB  1 
ATOM   143  C  CG  . LYS A 1 22  ? -20.133 20.608  -3.684  1.00 24.60  ? 1667 LYS X CG  1 
ATOM   144  C  CD  . LYS A 1 22  ? -20.429 21.284  -4.956  1.00 26.12  ? 1667 LYS X CD  1 
ATOM   145  C  CE  . LYS A 1 22  ? -21.829 21.071  -5.359  1.00 27.26  ? 1667 LYS X CE  1 
ATOM   146  N  NZ  . LYS A 1 22  ? -22.176 22.247  -6.166  1.00 28.96  ? 1667 LYS X NZ  1 
ATOM   147  N  N   . PHE A 1 23  ? -18.595 17.956  -2.026  1.00 23.13  ? 1668 PHE X N   1 
ATOM   148  C  CA  . PHE A 1 23  ? -19.111 16.714  -1.463  1.00 21.97  ? 1668 PHE X CA  1 
ATOM   149  C  C   . PHE A 1 23  ? -18.755 16.588  0.032   1.00 21.86  ? 1668 PHE X C   1 
ATOM   150  O  O   . PHE A 1 23  ? -19.574 16.145  0.830   1.00 21.95  ? 1668 PHE X O   1 
ATOM   151  C  CB  . PHE A 1 23  ? -18.563 15.551  -2.296  1.00 21.26  ? 1668 PHE X CB  1 
ATOM   152  C  CG  . PHE A 1 23  ? -18.869 14.185  -1.754  1.00 19.44  ? 1668 PHE X CG  1 
ATOM   153  C  CD1 . PHE A 1 23  ? -20.132 13.630  -1.898  1.00 17.86  ? 1668 PHE X CD1 1 
ATOM   154  C  CD2 . PHE A 1 23  ? -17.869 13.435  -1.133  1.00 17.19  ? 1668 PHE X CD2 1 
ATOM   155  C  CE1 . PHE A 1 23  ? -20.397 12.365  -1.405  1.00 18.32  ? 1668 PHE X CE1 1 
ATOM   156  C  CE2 . PHE A 1 23  ? -18.115 12.175  -0.647  1.00 16.49  ? 1668 PHE X CE2 1 
ATOM   157  C  CZ  . PHE A 1 23  ? -19.375 11.628  -0.775  1.00 18.30  ? 1668 PHE X CZ  1 
ATOM   158  N  N   . ALA A 1 24  ? -17.567 17.036  0.414   1.00 21.52  ? 1669 ALA X N   1 
ATOM   159  C  CA  . ALA A 1 24  ? -17.139 16.952  1.808   1.00 21.70  ? 1669 ALA X CA  1 
ATOM   160  C  C   . ALA A 1 24  ? -17.927 17.888  2.713   1.00 21.63  ? 1669 ALA X C   1 
ATOM   161  O  O   . ALA A 1 24  ? -18.221 17.551  3.861   1.00 21.50  ? 1669 ALA X O   1 
ATOM   162  C  CB  . ALA A 1 24  ? -15.637 17.236  1.929   1.00 21.19  ? 1669 ALA X CB  1 
ATOM   163  N  N   . ARG A 1 25  ? -18.267 19.056  2.183   1.00 21.84  ? 1670 ARG X N   1 
ATOM   164  C  CA  . ARG A 1 25  ? -18.968 20.063  2.960   1.00 22.24  ? 1670 ARG X CA  1 
ATOM   165  C  C   . ARG A 1 25  ? -20.422 19.653  3.186   1.00 22.31  ? 1670 ARG X C   1 
ATOM   166  O  O   . ARG A 1 25  ? -20.917 19.724  4.306   1.00 22.18  ? 1670 ARG X O   1 
ATOM   167  C  CB  . ARG A 1 25  ? -18.871 21.430  2.283   1.00 22.27  ? 1670 ARG X CB  1 
ATOM   168  N  N   . LYS A 1 26  ? -21.075 19.177  2.128   1.00 22.54  ? 1671 LYS X N   1 
ATOM   169  C  CA  . LYS A 1 26  ? -22.452 18.698  2.206   1.00 22.97  ? 1671 LYS X CA  1 
ATOM   170  C  C   . LYS A 1 26  ? -22.664 17.547  3.202   1.00 23.36  ? 1671 LYS X C   1 
ATOM   171  O  O   . LYS A 1 26  ? -23.726 17.446  3.809   1.00 23.54  ? 1671 LYS X O   1 
ATOM   172  C  CB  . LYS A 1 26  ? -22.941 18.282  0.828   1.00 22.80  ? 1671 LYS X CB  1 
ATOM   173  N  N   . HIS A 1 27  ? -21.652 16.707  3.390   1.00 23.70  ? 1672 HIS X N   1 
ATOM   174  C  CA  . HIS A 1 27  ? -21.801 15.522  4.223   1.00 24.03  ? 1672 HIS X CA  1 
ATOM   175  C  C   . HIS A 1 27  ? -20.944 15.468  5.478   1.00 24.69  ? 1672 HIS X C   1 
ATOM   176  O  O   . HIS A 1 27  ? -20.854 14.403  6.095   1.00 24.60  ? 1672 HIS X O   1 
ATOM   177  C  CB  . HIS A 1 27  ? -21.490 14.282  3.398   1.00 23.86  ? 1672 HIS X CB  1 
ATOM   178  C  CG  . HIS A 1 27  ? -22.380 14.101  2.215   1.00 23.12  ? 1672 HIS X CG  1 
ATOM   179  N  ND1 . HIS A 1 27  ? -23.644 13.566  2.317   1.00 22.42  ? 1672 HIS X ND1 1 
ATOM   180  C  CD2 . HIS A 1 27  ? -22.185 14.365  0.902   1.00 22.58  ? 1672 HIS X CD2 1 
ATOM   181  C  CE1 . HIS A 1 27  ? -24.199 13.525  1.119   1.00 22.38  ? 1672 HIS X CE1 1 
ATOM   182  N  NE2 . HIS A 1 27  ? -23.334 14.002  0.243   1.00 22.58  ? 1672 HIS X NE2 1 
ATOM   183  N  N   . HIS A 1 28  ? -20.321 16.594  5.835   1.00 25.47  ? 1673 HIS X N   1 
ATOM   184  C  CA  . HIS A 1 28  ? -19.476 16.733  7.031   1.00 26.35  ? 1673 HIS X CA  1 
ATOM   185  C  C   . HIS A 1 28  ? -18.382 15.718  7.101   1.00 27.05  ? 1673 HIS X C   1 
ATOM   186  O  O   . HIS A 1 28  ? -18.221 15.040  8.110   1.00 27.38  ? 1673 HIS X O   1 
ATOM   187  C  CB  . HIS A 1 28  ? -20.295 16.659  8.308   1.00 26.29  ? 1673 HIS X CB  1 
ATOM   188  C  CG  . HIS A 1 28  ? -21.570 17.415  8.220   1.00 26.68  ? 1673 HIS X CG  1 
ATOM   189  N  ND1 . HIS A 1 28  ? -21.599 18.786  8.134   1.00 27.15  ? 1673 HIS X ND1 1 
ATOM   190  C  CD2 . HIS A 1 28  ? -22.855 16.998  8.137   1.00 27.04  ? 1673 HIS X CD2 1 
ATOM   191  C  CE1 . HIS A 1 28  ? -22.852 19.183  8.038   1.00 27.31  ? 1673 HIS X CE1 1 
ATOM   192  N  NE2 . HIS A 1 28  ? -23.635 18.122  8.030   1.00 26.86  ? 1673 HIS X NE2 1 
ATOM   193  N  N   . ILE A 1 29  ? -17.650 15.600  6.009   1.00 27.92  ? 1674 ILE X N   1 
ATOM   194  C  CA  . ILE A 1 29  ? -16.548 14.676  5.945   1.00 28.65  ? 1674 ILE X CA  1 
ATOM   195  C  C   . ILE A 1 29  ? -15.287 15.501  6.016   1.00 28.91  ? 1674 ILE X C   1 
ATOM   196  O  O   . ILE A 1 29  ? -15.096 16.404  5.210   1.00 29.26  ? 1674 ILE X O   1 
ATOM   197  C  CB  . ILE A 1 29  ? -16.564 13.945  4.611   1.00 28.76  ? 1674 ILE X CB  1 
ATOM   198  C  CG1 . ILE A 1 29  ? -17.845 13.145  4.429   1.00 28.90  ? 1674 ILE X CG1 1 
ATOM   199  C  CG2 . ILE A 1 29  ? -15.394 13.021  4.525   1.00 29.57  ? 1674 ILE X CG2 1 
ATOM   200  C  CD1 . ILE A 1 29  ? -18.125 12.868  2.977   1.00 29.37  ? 1674 ILE X CD1 1 
ATOM   201  N  N   . THR A 1 30  ? -14.434 15.216  6.983   1.00 29.15  ? 1675 THR X N   1 
ATOM   202  C  CA  . THR A 1 30  ? -13.174 15.922  7.056   1.00 29.49  ? 1675 THR X CA  1 
ATOM   203  C  C   . THR A 1 30  ? -12.345 15.569  5.822   1.00 29.92  ? 1675 THR X C   1 
ATOM   204  O  O   . THR A 1 30  ? -12.272 14.414  5.411   1.00 30.37  ? 1675 THR X O   1 
ATOM   205  C  CB  . THR A 1 30  ? -12.442 15.577  8.360   1.00 29.36  ? 1675 THR X CB  1 
ATOM   206  O  OG1 . THR A 1 30  ? -12.894 16.461  9.396   1.00 29.00  ? 1675 THR X OG1 1 
ATOM   207  C  CG2 . THR A 1 30  ? -10.970 15.896  8.257   1.00 28.91  ? 1675 THR X CG2 1 
ATOM   208  N  N   . LEU A 1 31  ? -11.776 16.581  5.193   1.00 29.93  ? 1676 LEU X N   1 
ATOM   209  C  CA  . LEU A 1 31  ? -10.988 16.367  4.009   1.00 29.93  ? 1676 LEU X CA  1 
ATOM   210  C  C   . LEU A 1 31  ? -9.593  16.848  4.309   1.00 30.42  ? 1676 LEU X C   1 
ATOM   211  O  O   . LEU A 1 31  ? -9.425  17.931  4.858   1.00 30.79  ? 1676 LEU X O   1 
ATOM   212  C  CB  . LEU A 1 31  ? -11.587 17.190  2.892   1.00 29.49  ? 1676 LEU X CB  1 
ATOM   213  C  CG  . LEU A 1 31  ? -11.011 17.027  1.505   1.00 29.08  ? 1676 LEU X CG  1 
ATOM   214  C  CD1 . LEU A 1 31  ? -10.871 15.575  1.138   1.00 27.95  ? 1676 LEU X CD1 1 
ATOM   215  C  CD2 . LEU A 1 31  ? -11.929 17.744  0.550   1.00 29.23  ? 1676 LEU X CD2 1 
ATOM   216  N  N   . THR A 1 32  ? -8.587  16.063  3.952   1.00 30.77  ? 1677 THR X N   1 
ATOM   217  C  CA  . THR A 1 32  ? -7.223  16.461  4.268   1.00 31.30  ? 1677 THR X CA  1 
ATOM   218  C  C   . THR A 1 32  ? -6.172  16.133  3.202   1.00 31.47  ? 1677 THR X C   1 
ATOM   219  O  O   . THR A 1 32  ? -6.477  15.507  2.193   1.00 31.51  ? 1677 THR X O   1 
ATOM   220  C  CB  . THR A 1 32  ? -6.815  15.863  5.621   1.00 31.22  ? 1677 THR X CB  1 
ATOM   221  O  OG1 . THR A 1 32  ? -5.512  16.341  5.958   1.00 32.73  ? 1677 THR X OG1 1 
ATOM   222  C  CG2 . THR A 1 32  ? -6.613  14.360  5.518   1.00 31.02  ? 1677 THR X CG2 1 
ATOM   223  N  N   . ASN A 1 33  ? -4.933  16.564  3.426   1.00 31.94  ? 1678 ASN X N   1 
ATOM   224  C  CA  . ASN A 1 33  ? -3.853  16.301  2.479   1.00 32.46  ? 1678 ASN X CA  1 
ATOM   225  C  C   . ASN A 1 33  ? -3.070  15.026  2.734   1.00 32.83  ? 1678 ASN X C   1 
ATOM   226  O  O   . ASN A 1 33  ? -2.809  14.256  1.819   1.00 32.50  ? 1678 ASN X O   1 
ATOM   227  C  CB  . ASN A 1 33  ? -2.896  17.481  2.425   1.00 32.36  ? 1678 ASN X CB  1 
ATOM   228  C  CG  . ASN A 1 33  ? -3.550  18.715  1.882   1.00 33.25  ? 1678 ASN X CG  1 
ATOM   229  O  OD1 . ASN A 1 33  ? -4.280  18.658  0.895   1.00 33.30  ? 1678 ASN X OD1 1 
ATOM   230  N  ND2 . ASN A 1 33  ? -3.309  19.848  2.531   1.00 35.84  ? 1678 ASN X ND2 1 
ATOM   231  N  N   . LEU A 1 34  ? -2.691  14.801  3.978   1.00 33.71  ? 1679 LEU X N   1 
ATOM   232  C  CA  . LEU A 1 34  ? -1.891  13.632  4.281   1.00 35.03  ? 1679 LEU X CA  1 
ATOM   233  C  C   . LEU A 1 34  ? -2.730  12.463  4.721   1.00 35.91  ? 1679 LEU X C   1 
ATOM   234  O  O   . LEU A 1 34  ? -3.786  12.631  5.320   1.00 36.34  ? 1679 LEU X O   1 
ATOM   235  C  CB  . LEU A 1 34  ? -0.881  13.959  5.364   1.00 35.10  ? 1679 LEU X CB  1 
ATOM   236  C  CG  . LEU A 1 34  ? 0.059   15.086  4.954   1.00 35.49  ? 1679 LEU X CG  1 
ATOM   237  C  CD1 . LEU A 1 34  ? 1.103   15.283  6.022   1.00 34.75  ? 1679 LEU X CD1 1 
ATOM   238  C  CD2 . LEU A 1 34  ? 0.704   14.773  3.603   1.00 36.06  ? 1679 LEU X CD2 1 
ATOM   239  N  N   . ILE A 1 35  ? -2.265  11.263  4.424   1.00 36.74  ? 1680 ILE X N   1 
ATOM   240  C  CA  . ILE A 1 35  ? -3.009  10.103  4.845   1.00 37.88  ? 1680 ILE X CA  1 
ATOM   241  C  C   . ILE A 1 35  ? -2.506  9.675   6.215   1.00 38.63  ? 1680 ILE X C   1 
ATOM   242  O  O   . ILE A 1 35  ? -1.302  9.632   6.483   1.00 38.57  ? 1680 ILE X O   1 
ATOM   243  C  CB  . ILE A 1 35  ? -2.915  8.983   3.785   1.00 37.86  ? 1680 ILE X CB  1 
ATOM   244  C  CG1 . ILE A 1 35  ? -3.670  7.734   4.230   1.00 37.88  ? 1680 ILE X CG1 1 
ATOM   245  C  CG2 . ILE A 1 35  ? -1.465  8.651   3.462   1.00 38.95  ? 1680 ILE X CG2 1 
ATOM   246  C  CD1 . ILE A 1 35  ? -3.573  6.597   3.234   1.00 37.91  ? 1680 ILE X CD1 1 
ATOM   247  N  N   . THR A 1 36  ? -3.433  9.467   7.134   1.00 39.55  ? 1681 THR X N   1 
ATOM   248  C  CA  . THR A 1 36  ? -3.048  8.940   8.427   1.00 40.36  ? 1681 THR X CA  1 
ATOM   249  C  C   . THR A 1 36  ? -3.951  7.790   8.739   1.00 41.05  ? 1681 THR X C   1 
ATOM   250  O  O   . THR A 1 36  ? -4.979  7.584   8.109   1.00 41.23  ? 1681 THR X O   1 
ATOM   251  C  CB  . THR A 1 36  ? -3.274  9.934   9.565   1.00 40.25  ? 1681 THR X CB  1 
ATOM   252  O  OG1 . THR A 1 36  ? -4.682  10.161  9.720   1.00 40.15  ? 1681 THR X OG1 1 
ATOM   253  C  CG2 . THR A 1 36  ? -2.681  11.287  9.267   1.00 40.50  ? 1681 THR X CG2 1 
ATOM   254  N  N   . GLU A 1 37  ? -3.569  7.087   9.785   1.00 41.37  ? 1682 GLU X N   1 
ATOM   255  C  CA  . GLU A 1 37  ? -4.330  6.018   10.379  1.00 41.81  ? 1682 GLU X CA  1 
ATOM   256  C  C   . GLU A 1 37  ? -5.789  6.449   10.610  1.00 41.30  ? 1682 GLU X C   1 
ATOM   257  O  O   . GLU A 1 37  ? -6.704  5.646   10.451  1.00 41.38  ? 1682 GLU X O   1 
ATOM   258  C  CB  . GLU A 1 37  ? -3.649  5.679   11.700  1.00 42.15  ? 1682 GLU X CB  1 
ATOM   259  C  CG  . GLU A 1 37  ? -2.126  5.902   11.663  1.00 45.04  ? 1682 GLU X CG  1 
ATOM   260  C  CD  . GLU A 1 37  ? -1.688  7.357   11.903  1.00 47.91  ? 1682 GLU X CD  1 
ATOM   261  O  OE1 . GLU A 1 37  ? -2.528  8.157   12.371  1.00 48.58  ? 1682 GLU X OE1 1 
ATOM   262  O  OE2 . GLU A 1 37  ? -0.516  7.706   11.602  1.00 48.21  ? 1682 GLU X OE2 1 
ATOM   263  N  N   . GLU A 1 38  ? -5.996  7.734   10.912  1.00 40.68  ? 1683 GLU X N   1 
ATOM   264  C  CA  . GLU A 1 38  ? -7.322  8.294   11.190  1.00 40.20  ? 1683 GLU X CA  1 
ATOM   265  C  C   . GLU A 1 38  ? -8.203  8.471   9.942   1.00 39.48  ? 1683 GLU X C   1 
ATOM   266  O  O   . GLU A 1 38  ? -9.413  8.653   10.051  1.00 39.25  ? 1683 GLU X O   1 
ATOM   267  C  CB  . GLU A 1 38  ? -7.199  9.616   11.957  1.00 40.38  ? 1683 GLU X CB  1 
ATOM   268  C  CG  . GLU A 1 38  ? -6.770  9.462   13.411  1.00 42.13  ? 1683 GLU X CG  1 
ATOM   269  C  CD  . GLU A 1 38  ? -5.259  9.370   13.591  1.00 44.87  ? 1683 GLU X CD  1 
ATOM   270  O  OE1 . GLU A 1 38  ? -4.539  10.182  12.962  1.00 45.93  ? 1683 GLU X OE1 1 
ATOM   271  O  OE2 . GLU A 1 38  ? -4.786  8.493   14.358  1.00 45.34  ? 1683 GLU X OE2 1 
ATOM   272  N  N   . THR A 1 39  ? -7.576  8.428   8.770   1.00 38.68  ? 1684 THR X N   1 
ATOM   273  C  CA  . THR A 1 39  ? -8.260  8.502   7.487   1.00 37.60  ? 1684 THR X CA  1 
ATOM   274  C  C   . THR A 1 39  ? -9.102  7.254   7.287   1.00 36.79  ? 1684 THR X C   1 
ATOM   275  O  O   . THR A 1 39  ? -8.668  6.146   7.586   1.00 36.61  ? 1684 THR X O   1 
ATOM   276  C  CB  . THR A 1 39  ? -7.212  8.566   6.369   1.00 37.75  ? 1684 THR X CB  1 
ATOM   277  O  OG1 . THR A 1 39  ? -6.411  9.744   6.527   1.00 38.47  ? 1684 THR X OG1 1 
ATOM   278  C  CG2 . THR A 1 39  ? -7.837  8.716   5.003   1.00 37.72  ? 1684 THR X CG2 1 
ATOM   279  N  N   . THR A 1 40  ? -10.320 7.429   6.795   1.00 35.70  ? 1685 THR X N   1 
ATOM   280  C  CA  . THR A 1 40  ? -11.176 6.290   6.533   1.00 34.39  ? 1685 THR X CA  1 
ATOM   281  C  C   . THR A 1 40  ? -11.253 6.043   5.027   1.00 33.70  ? 1685 THR X C   1 
ATOM   282  O  O   . THR A 1 40  ? -11.293 4.894   4.574   1.00 33.47  ? 1685 THR X O   1 
ATOM   283  C  CB  . THR A 1 40  ? -12.560 6.558   7.102   1.00 34.37  ? 1685 THR X CB  1 
ATOM   284  O  OG1 . THR A 1 40  ? -13.149 7.659   6.397   1.00 34.60  ? 1685 THR X OG1 1 
ATOM   285  C  CG2 . THR A 1 40  ? -12.445 7.083   8.512   1.00 33.59  ? 1685 THR X CG2 1 
ATOM   286  N  N   . HIS A 1 41  ? -11.229 7.127   4.252   1.00 32.64  ? 1686 HIS X N   1 
ATOM   287  C  CA  . HIS A 1 41  ? -11.383 7.025   2.805   1.00 31.55  ? 1686 HIS X CA  1 
ATOM   288  C  C   . HIS A 1 41  ? -10.230 7.545   1.965   1.00 30.94  ? 1686 HIS X C   1 
ATOM   289  O  O   . HIS A 1 41  ? -9.687  8.618   2.216   1.00 30.78  ? 1686 HIS X O   1 
ATOM   290  C  CB  . HIS A 1 41  ? -12.622 7.777   2.359   1.00 31.28  ? 1686 HIS X CB  1 
ATOM   291  C  CG  . HIS A 1 41  ? -13.903 7.159   2.806   1.00 31.71  ? 1686 HIS X CG  1 
ATOM   292  N  ND1 . HIS A 1 41  ? -14.286 7.112   4.127   1.00 32.04  ? 1686 HIS X ND1 1 
ATOM   293  C  CD2 . HIS A 1 41  ? -14.904 6.584   2.102   1.00 31.62  ? 1686 HIS X CD2 1 
ATOM   294  C  CE1 . HIS A 1 41  ? -15.461 6.520   4.221   1.00 31.86  ? 1686 HIS X CE1 1 
ATOM   295  N  NE2 . HIS A 1 41  ? -15.862 6.194   3.006   1.00 31.47  ? 1686 HIS X NE2 1 
ATOM   296  N  N   . VAL A 1 42  ? -9.878  6.775   0.943   1.00 30.11  ? 1687 VAL X N   1 
ATOM   297  C  CA  . VAL A 1 42  ? -8.917  7.215   -0.052  1.00 29.42  ? 1687 VAL X CA  1 
ATOM   298  C  C   . VAL A 1 42  ? -9.697  7.326   -1.356  1.00 29.06  ? 1687 VAL X C   1 
ATOM   299  O  O   . VAL A 1 42  ? -10.324 6.359   -1.793  1.00 29.50  ? 1687 VAL X O   1 
ATOM   300  C  CB  . VAL A 1 42  ? -7.799  6.212   -0.245  1.00 29.37  ? 1687 VAL X CB  1 
ATOM   301  C  CG1 . VAL A 1 42  ? -6.789  6.763   -1.222  1.00 29.08  ? 1687 VAL X CG1 1 
ATOM   302  C  CG2 . VAL A 1 42  ? -7.141  5.904   1.082   1.00 29.11  ? 1687 VAL X CG2 1 
ATOM   303  N  N   . VAL A 1 43  ? -9.689  8.493   -1.981  1.00 27.71  ? 1688 VAL X N   1 
ATOM   304  C  CA  . VAL A 1 43  ? -10.464 8.660   -3.190  1.00 26.42  ? 1688 VAL X CA  1 
ATOM   305  C  C   . VAL A 1 43  ? -9.547  8.615   -4.405  1.00 25.97  ? 1688 VAL X C   1 
ATOM   306  O  O   . VAL A 1 43  ? -8.770  9.533   -4.626  1.00 26.37  ? 1688 VAL X O   1 
ATOM   307  C  CB  . VAL A 1 43  ? -11.271 9.958   -3.116  1.00 26.44  ? 1688 VAL X CB  1 
ATOM   308  C  CG1 . VAL A 1 43  ? -12.078 10.164  -4.361  1.00 25.85  ? 1688 VAL X CG1 1 
ATOM   309  C  CG2 . VAL A 1 43  ? -12.180 9.928   -1.894  1.00 26.12  ? 1688 VAL X CG2 1 
ATOM   310  N  N   . MET A 1 44  ? -9.608  7.542   -5.183  1.00 25.11  ? 1689 MET X N   1 
ATOM   311  C  CA  . MET A 1 44  ? -8.729  7.431   -6.337  1.00 24.88  ? 1689 MET X CA  1 
ATOM   312  C  C   . MET A 1 44  ? -9.345  7.853   -7.653  1.00 24.56  ? 1689 MET X C   1 
ATOM   313  O  O   . MET A 1 44  ? -10.508 7.587   -7.941  1.00 24.15  ? 1689 MET X O   1 
ATOM   314  C  CB  . MET A 1 44  ? -8.249  5.993   -6.543  1.00 24.99  ? 1689 MET X CB  1 
ATOM   315  C  CG  . MET A 1 44  ? -7.671  5.329   -5.338  1.00 26.52  ? 1689 MET X CG  1 
ATOM   316  S  SD  . MET A 1 44  ? -6.150  6.107   -4.823  1.00 28.95  ? 1689 MET X SD  1 
ATOM   317  C  CE  . MET A 1 44  ? -5.115  5.727   -6.229  1.00 27.97  ? 1689 MET X CE  1 
ATOM   318  N  N   . LYS A 1 45  ? -8.520  8.480   -8.471  1.00 24.18  ? 1690 LYS X N   1 
ATOM   319  C  CA  . LYS A 1 45  ? -8.898  8.767   -9.828  1.00 24.04  ? 1690 LYS X CA  1 
ATOM   320  C  C   . LYS A 1 45  ? -8.848  7.411   -10.508 1.00 24.19  ? 1690 LYS X C   1 
ATOM   321  O  O   . LYS A 1 45  ? -7.940  6.625   -10.243 1.00 24.45  ? 1690 LYS X O   1 
ATOM   322  C  CB  . LYS A 1 45  ? -7.865  9.705   -10.434 1.00 23.80  ? 1690 LYS X CB  1 
ATOM   323  C  CG  . LYS A 1 45  ? -8.107  10.096  -11.852 1.00 23.14  ? 1690 LYS X CG  1 
ATOM   324  C  CD  . LYS A 1 45  ? -9.514  10.599  -12.042 1.00 21.71  ? 1690 LYS X CD  1 
ATOM   325  C  CE  . LYS A 1 45  ? -9.729  11.062  -13.456 1.00 19.28  ? 1690 LYS X CE  1 
ATOM   326  N  NZ  . LYS A 1 45  ? -11.141 11.444  -13.617 1.00 18.92  ? 1690 LYS X NZ  1 
ATOM   327  N  N   . THR A 1 46  ? -9.849  7.100   -11.325 1.00 24.33  ? 1691 THR X N   1 
ATOM   328  C  CA  . THR A 1 46  ? -9.862  5.824   -12.040 1.00 24.33  ? 1691 THR X CA  1 
ATOM   329  C  C   . THR A 1 46  ? -10.388 5.999   -13.424 1.00 24.49  ? 1691 THR X C   1 
ATOM   330  O  O   . THR A 1 46  ? -10.811 7.068   -13.831 1.00 24.73  ? 1691 THR X O   1 
ATOM   331  C  CB  . THR A 1 46  ? -10.780 4.740   -11.395 1.00 24.20  ? 1691 THR X CB  1 
ATOM   332  O  OG1 . THR A 1 46  ? -12.102 5.263   -11.210 1.00 23.24  ? 1691 THR X OG1 1 
ATOM   333  C  CG2 . THR A 1 46  ? -10.322 4.314   -10.022 1.00 23.80  ? 1691 THR X CG2 1 
ATOM   334  N  N   . ASP A 1 47  ? -10.377 4.899   -14.144 1.00 24.69  ? 1692 ASP X N   1 
ATOM   335  C  CA  . ASP A 1 47  ? -11.003 4.863   -15.431 1.00 24.76  ? 1692 ASP X CA  1 
ATOM   336  C  C   . ASP A 1 47  ? -12.349 4.193   -15.122 1.00 25.02  ? 1692 ASP X C   1 
ATOM   337  O  O   . ASP A 1 47  ? -12.576 3.757   -13.980 1.00 25.94  ? 1692 ASP X O   1 
ATOM   338  C  CB  . ASP A 1 47  ? -10.121 4.083   -16.406 1.00 24.51  ? 1692 ASP X CB  1 
ATOM   339  C  CG  . ASP A 1 47  ? -10.272 2.585   -16.280 1.00 23.78  ? 1692 ASP X CG  1 
ATOM   340  O  OD1 . ASP A 1 47  ? -10.718 2.078   -15.231 1.00 21.80  ? 1692 ASP X OD1 1 
ATOM   341  O  OD2 . ASP A 1 47  ? -9.965  1.829   -17.221 1.00 24.65  ? 1692 ASP X OD2 1 
ATOM   342  N  N   . ALA A 1 48  ? -13.216 4.086   -16.122 1.00 24.32  ? 1693 ALA X N   1 
ATOM   343  C  CA  . ALA A 1 48  ? -14.523 3.458   -15.969 1.00 23.80  ? 1693 ALA X CA  1 
ATOM   344  C  C   . ALA A 1 48  ? -14.487 1.965   -15.573 1.00 23.78  ? 1693 ALA X C   1 
ATOM   345  O  O   . ALA A 1 48  ? -15.179 1.521   -14.647 1.00 23.45  ? 1693 ALA X O   1 
ATOM   346  C  CB  . ALA A 1 48  ? -15.233 3.607   -17.241 1.00 23.75  ? 1693 ALA X CB  1 
ATOM   347  N  N   . PHE A 1 50  ? -12.699 0.403   -12.837 1.00 25.84  ? 1695 PHE X N   1 
ATOM   348  C  CA  . PHE A 1 50  ? -12.333 1.128   -11.628 1.00 25.47  ? 1695 PHE X CA  1 
ATOM   349  C  C   . PHE A 1 50  ? -10.871 0.799   -11.283 1.00 25.58  ? 1695 PHE X C   1 
ATOM   350  O  O   . PHE A 1 50  ? -10.568 0.329   -10.186 1.00 25.07  ? 1695 PHE X O   1 
ATOM   351  C  CB  . PHE A 1 50  ? -13.234 0.714   -10.463 1.00 25.49  ? 1695 PHE X CB  1 
ATOM   352  C  CG  . PHE A 1 50  ? -14.642 1.213   -10.553 1.00 24.45  ? 1695 PHE X CG  1 
ATOM   353  C  CD1 . PHE A 1 50  ? -15.536 0.688   -11.465 1.00 25.75  ? 1695 PHE X CD1 1 
ATOM   354  C  CD2 . PHE A 1 50  ? -15.093 2.170   -9.680  1.00 23.88  ? 1695 PHE X CD2 1 
ATOM   355  C  CE1 . PHE A 1 50  ? -16.847 1.157   -11.528 1.00 24.58  ? 1695 PHE X CE1 1 
ATOM   356  C  CE2 . PHE A 1 50  ? -16.401 2.640   -9.733  1.00 23.83  ? 1695 PHE X CE2 1 
ATOM   357  C  CZ  . PHE A 1 50  ? -17.273 2.137   -10.651 1.00 22.95  ? 1695 PHE X CZ  1 
ATOM   358  N  N   . VAL A 1 51  ? -9.988  1.030   -12.253 1.00 25.83  ? 1696 VAL X N   1 
ATOM   359  C  CA  . VAL A 1 51  ? -8.553  0.783   -12.141 1.00 26.16  ? 1696 VAL X CA  1 
ATOM   360  C  C   . VAL A 1 51  ? -7.805  2.095   -11.985 1.00 26.42  ? 1696 VAL X C   1 
ATOM   361  O  O   . VAL A 1 51  ? -8.048  3.063   -12.727 1.00 26.36  ? 1696 VAL X O   1 
ATOM   362  C  CB  . VAL A 1 51  ? -8.033  0.114   -13.416 1.00 26.22  ? 1696 VAL X CB  1 
ATOM   363  C  CG1 . VAL A 1 51  ? -6.513  0.082   -13.466 1.00 25.91  ? 1696 VAL X CG1 1 
ATOM   364  C  CG2 . VAL A 1 51  ? -8.571  -1.254  -13.510 1.00 26.82  ? 1696 VAL X CG2 1 
ATOM   365  N  N   . CYS A 1 52  ? -6.874  2.123   -11.041 1.00 26.50  ? 1697 CYS X N   1 
ATOM   366  C  CA  . CYS A 1 52  ? -6.158  3.344   -10.759 1.00 26.82  ? 1697 CYS X CA  1 
ATOM   367  C  C   . CYS A 1 52  ? -4.667  3.223   -10.899 1.00 27.20  ? 1697 CYS X C   1 
ATOM   368  O  O   . CYS A 1 52  ? -4.137  2.168   -11.109 1.00 27.42  ? 1697 CYS X O   1 
ATOM   369  C  CB  . CYS A 1 52  ? -6.461  3.767   -9.338  1.00 26.96  ? 1697 CYS X CB  1 
ATOM   370  S  SG  . CYS A 1 52  ? -5.916  2.531   -8.155  1.00 25.97  ? 1697 CYS X SG  1 
ATOM   371  N  N   . GLU A 1 53  ? -3.989  4.348   -10.810 1.00 27.96  ? 1698 GLU X N   1 
ATOM   372  C  CA  . GLU A 1 53  ? -2.553  4.320   -10.786 1.00 28.59  ? 1698 GLU X CA  1 
ATOM   373  C  C   . GLU A 1 53  ? -2.184  3.898   -9.365  1.00 28.84  ? 1698 GLU X C   1 
ATOM   374  O  O   . GLU A 1 53  ? -2.924  4.166   -8.410  1.00 28.68  ? 1698 GLU X O   1 
ATOM   375  C  CB  . GLU A 1 53  ? -1.995  5.695   -11.123 1.00 28.83  ? 1698 GLU X CB  1 
ATOM   376  C  CG  . GLU A 1 53  ? -2.263  6.134   -12.557 1.00 30.42  ? 1698 GLU X CG  1 
ATOM   377  C  CD  . GLU A 1 53  ? -1.090  5.835   -13.471 1.00 32.35  ? 1698 GLU X CD  1 
ATOM   378  O  OE1 . GLU A 1 53  ? -1.301  5.356   -14.610 1.00 32.20  ? 1698 GLU X OE1 1 
ATOM   379  O  OE2 . GLU A 1 53  ? 0.052   6.082   -13.032 1.00 33.80  ? 1698 GLU X OE2 1 
ATOM   380  N  N   . ARG A 1 54  ? -1.077  3.168   -9.257  1.00 29.26  ? 1699 ARG X N   1 
ATOM   381  C  CA  . ARG A 1 54  ? -0.514  2.739   -7.988  1.00 29.38  ? 1699 ARG X CA  1 
ATOM   382  C  C   . ARG A 1 54  ? 0.094   3.942   -7.332  1.00 29.78  ? 1699 ARG X C   1 
ATOM   383  O  O   . ARG A 1 54  ? 1.078   4.464   -7.843  1.00 29.86  ? 1699 ARG X O   1 
ATOM   384  C  CB  . ARG A 1 54  ? 0.689   1.892   -8.288  1.00 29.52  ? 1699 ARG X CB  1 
ATOM   385  C  CG  . ARG A 1 54  ? 0.622   0.433   -8.045  1.00 28.62  ? 1699 ARG X CG  1 
ATOM   386  C  CD  . ARG A 1 54  ? 1.772   -0.177  -8.751  1.00 26.49  ? 1699 ARG X CD  1 
ATOM   387  N  NE  . ARG A 1 54  ? 2.302   -1.343  -8.110  1.00 26.39  ? 1699 ARG X NE  1 
ATOM   388  C  CZ  . ARG A 1 54  ? 3.585   -1.611  -8.072  1.00 27.42  ? 1699 ARG X CZ  1 
ATOM   389  N  NH1 . ARG A 1 54  ? 4.453   -0.774  -8.621  1.00 28.04  ? 1699 ARG X NH1 1 
ATOM   390  N  NH2 . ARG A 1 54  ? 4.006   -2.715  -7.490  1.00 28.05  ? 1699 ARG X NH2 1 
ATOM   391  N  N   . THR A 1 55  ? -0.448  4.422   -6.225  1.00 30.21  ? 1700 THR X N   1 
ATOM   392  C  CA  . THR A 1 55  ? 0.206   5.560   -5.577  1.00 30.27  ? 1700 THR X CA  1 
ATOM   393  C  C   . THR A 1 55  ? 0.439   5.251   -4.152  1.00 30.59  ? 1700 THR X C   1 
ATOM   394  O  O   . THR A 1 55  ? 0.021   4.213   -3.660  1.00 31.34  ? 1700 THR X O   1 
ATOM   395  C  CB  . THR A 1 55  ? -0.580  6.861   -5.668  1.00 29.99  ? 1700 THR X CB  1 
ATOM   396  O  OG1 . THR A 1 55  ? -1.910  6.650   -5.192  1.00 30.23  ? 1700 THR X OG1 1 
ATOM   397  C  CG2 . THR A 1 55  ? -0.714  7.321   -7.103  1.00 29.29  ? 1700 THR X CG2 1 
ATOM   398  N  N   . LEU A 1 56  ? 1.105   6.160   -3.470  1.00 30.56  ? 1701 LEU X N   1 
ATOM   399  C  CA  . LEU A 1 56  ? 1.467   5.895   -2.101  1.00 30.54  ? 1701 LEU X CA  1 
ATOM   400  C  C   . LEU A 1 56  ? 0.229   5.848   -1.227  1.00 30.29  ? 1701 LEU X C   1 
ATOM   401  O  O   . LEU A 1 56  ? 0.108   4.974   -0.397  1.00 30.38  ? 1701 LEU X O   1 
ATOM   402  C  CB  . LEU A 1 56  ? 2.497   6.905   -1.621  1.00 30.70  ? 1701 LEU X CB  1 
ATOM   403  C  CG  . LEU A 1 56  ? 3.275   6.676   -0.337  1.00 31.84  ? 1701 LEU X CG  1 
ATOM   404  C  CD1 . LEU A 1 56  ? 3.514   5.197   -0.058  1.00 32.56  ? 1701 LEU X CD1 1 
ATOM   405  C  CD2 . LEU A 1 56  ? 4.599   7.416   -0.447  1.00 33.40  ? 1701 LEU X CD2 1 
ATOM   406  N  N   . LYS A 1 57  ? -0.719  6.739   -1.463  1.00 30.34  ? 1702 LYS X N   1 
ATOM   407  C  CA  . LYS A 1 57  ? -1.981  6.702   -0.736  1.00 30.41  ? 1702 LYS X CA  1 
ATOM   408  C  C   . LYS A 1 57  ? -2.809  5.475   -1.107  1.00 30.77  ? 1702 LYS X C   1 
ATOM   409  O  O   . LYS A 1 57  ? -3.664  5.036   -0.337  1.00 31.06  ? 1702 LYS X O   1 
ATOM   410  C  CB  . LYS A 1 57  ? -2.781  7.945   -1.045  1.00 30.42  ? 1702 LYS X CB  1 
ATOM   411  C  CG  . LYS A 1 57  ? -2.049  9.195   -0.683  1.00 29.33  ? 1702 LYS X CG  1 
ATOM   412  C  CD  . LYS A 1 57  ? -2.803  10.398  -1.180  1.00 27.94  ? 1702 LYS X CD  1 
ATOM   413  C  CE  . LYS A 1 57  ? -2.842  11.450  -0.112  1.00 25.88  ? 1702 LYS X CE  1 
ATOM   414  N  NZ  . LYS A 1 57  ? -2.826  12.780  -0.688  1.00 25.76  ? 1702 LYS X NZ  1 
ATOM   415  N  N   . TYR A 1 58  ? -2.562  4.938   -2.295  1.00 30.76  ? 1703 TYR X N   1 
ATOM   416  C  CA  . TYR A 1 58  ? -3.178  3.683   -2.692  1.00 30.48  ? 1703 TYR X CA  1 
ATOM   417  C  C   . TYR A 1 58  ? -2.616  2.554   -1.840  1.00 29.74  ? 1703 TYR X C   1 
ATOM   418  O  O   . TYR A 1 58  ? -3.396  1.854   -1.207  1.00 29.91  ? 1703 TYR X O   1 
ATOM   419  C  CB  . TYR A 1 58  ? -2.941  3.426   -4.174  1.00 30.84  ? 1703 TYR X CB  1 
ATOM   420  C  CG  . TYR A 1 58  ? -3.346  2.077   -4.715  1.00 31.96  ? 1703 TYR X CG  1 
ATOM   421  C  CD1 . TYR A 1 58  ? -4.683  1.742   -4.867  1.00 33.28  ? 1703 TYR X CD1 1 
ATOM   422  C  CD2 . TYR A 1 58  ? -2.389  1.164   -5.134  1.00 33.17  ? 1703 TYR X CD2 1 
ATOM   423  C  CE1 . TYR A 1 58  ? -5.061  0.529   -5.385  1.00 32.87  ? 1703 TYR X CE1 1 
ATOM   424  C  CE2 . TYR A 1 58  ? -2.755  -0.054  -5.653  1.00 33.08  ? 1703 TYR X CE2 1 
ATOM   425  C  CZ  . TYR A 1 58  ? -4.098  -0.360  -5.781  1.00 33.45  ? 1703 TYR X CZ  1 
ATOM   426  O  OH  . TYR A 1 58  ? -4.498  -1.565  -6.305  1.00 34.31  ? 1703 TYR X OH  1 
ATOM   427  N  N   . PHE A 1 59  ? -1.289  2.390   -1.773  1.00 29.01  ? 1704 PHE X N   1 
ATOM   428  C  CA  . PHE A 1 59  ? -0.720  1.264   -0.981  1.00 27.97  ? 1704 PHE X CA  1 
ATOM   429  C  C   . PHE A 1 59  ? -1.051  1.379   0.487   1.00 28.09  ? 1704 PHE X C   1 
ATOM   430  O  O   . PHE A 1 59  ? -1.424  0.402   1.109   1.00 28.05  ? 1704 PHE X O   1 
ATOM   431  C  CB  . PHE A 1 59  ? 0.791   1.172   -1.036  1.00 26.90  ? 1704 PHE X CB  1 
ATOM   432  C  CG  . PHE A 1 59  ? 1.361   0.965   -2.392  1.00 24.17  ? 1704 PHE X CG  1 
ATOM   433  C  CD1 . PHE A 1 59  ? 2.058   1.987   -3.006  1.00 20.62  ? 1704 PHE X CD1 1 
ATOM   434  C  CD2 . PHE A 1 59  ? 1.266   -0.256  -3.028  1.00 21.40  ? 1704 PHE X CD2 1 
ATOM   435  C  CE1 . PHE A 1 59  ? 2.616   1.817   -4.244  1.00 18.79  ? 1704 PHE X CE1 1 
ATOM   436  C  CE2 . PHE A 1 59  ? 1.831   -0.436  -4.271  1.00 19.90  ? 1704 PHE X CE2 1 
ATOM   437  C  CZ  . PHE A 1 59  ? 2.500   0.611   -4.884  1.00 18.61  ? 1704 PHE X CZ  1 
ATOM   438  N  N   . LEU A 1 60  ? -0.925  2.587   1.023   1.00 28.17  ? 1705 LEU X N   1 
ATOM   439  C  CA  . LEU A 1 60  ? -1.178  2.830   2.429   1.00 28.55  ? 1705 LEU X CA  1 
ATOM   440  C  C   . LEU A 1 60  ? -2.642  2.723   2.805   1.00 28.98  ? 1705 LEU X C   1 
ATOM   441  O  O   . LEU A 1 60  ? -2.966  2.370   3.937   1.00 28.87  ? 1705 LEU X O   1 
ATOM   442  C  CB  . LEU A 1 60  ? -0.631  4.186   2.824   1.00 28.68  ? 1705 LEU X CB  1 
ATOM   443  C  CG  . LEU A 1 60  ? 0.888   4.237   2.777   1.00 28.30  ? 1705 LEU X CG  1 
ATOM   444  C  CD1 . LEU A 1 60  ? 1.304   5.653   3.025   1.00 28.07  ? 1705 LEU X CD1 1 
ATOM   445  C  CD2 . LEU A 1 60  ? 1.486   3.270   3.798   1.00 28.08  ? 1705 LEU X CD2 1 
ATOM   446  N  N   . GLY A 1 61  ? -3.517  3.043   1.858   1.00 29.36  ? 1706 GLY X N   1 
ATOM   447  C  CA  . GLY A 1 61  ? -4.942  2.907   2.079   1.00 29.71  ? 1706 GLY X CA  1 
ATOM   448  C  C   . GLY A 1 61  ? -5.293  1.436   2.193   1.00 29.85  ? 1706 GLY X C   1 
ATOM   449  O  O   . GLY A 1 61  ? -5.998  1.044   3.114   1.00 29.80  ? 1706 GLY X O   1 
ATOM   450  N  N   . ILE A 1 62  ? -4.790  0.637   1.254   1.00 30.16  ? 1707 ILE X N   1 
ATOM   451  C  CA  . ILE A 1 62  ? -4.944  -0.819  1.273   1.00 30.42  ? 1707 ILE X CA  1 
ATOM   452  C  C   . ILE A 1 62  ? -4.283  -1.396  2.524   1.00 30.83  ? 1707 ILE X C   1 
ATOM   453  O  O   . ILE A 1 62  ? -4.872  -2.207  3.234   1.00 30.80  ? 1707 ILE X O   1 
ATOM   454  C  CB  . ILE A 1 62  ? -4.286  -1.443  0.027   1.00 30.30  ? 1707 ILE X CB  1 
ATOM   455  C  CG1 . ILE A 1 62  ? -5.130  -1.197  -1.222  1.00 29.62  ? 1707 ILE X CG1 1 
ATOM   456  C  CG2 . ILE A 1 62  ? -4.084  -2.931  0.213   1.00 30.13  ? 1707 ILE X CG2 1 
ATOM   457  C  CD1 . ILE A 1 62  ? -4.536  -1.809  -2.473  1.00 28.18  ? 1707 ILE X CD1 1 
ATOM   458  N  N   . ALA A 1 63  ? -3.074  -0.931  2.822   1.00 31.33  ? 1708 ALA X N   1 
ATOM   459  C  CA  . ALA A 1 63  ? -2.351  -1.393  3.997   1.00 32.04  ? 1708 ALA X CA  1 
ATOM   460  C  C   . ALA A 1 63  ? -3.126  -1.126  5.281   1.00 32.35  ? 1708 ALA X C   1 
ATOM   461  O  O   . ALA A 1 63  ? -2.950  -1.813  6.272   1.00 32.89  ? 1708 ALA X O   1 
ATOM   462  C  CB  . ALA A 1 63  ? -0.968  -0.747  4.072   1.00 32.04  ? 1708 ALA X CB  1 
ATOM   463  N  N   . GLY A 1 64  ? -4.004  -0.140  5.254   1.00 32.77  ? 1709 GLY X N   1 
ATOM   464  C  CA  . GLY A 1 64  ? -4.781  0.187   6.425   1.00 33.28  ? 1709 GLY X CA  1 
ATOM   465  C  C   . GLY A 1 64  ? -6.141  -0.461  6.351   1.00 33.80  ? 1709 GLY X C   1 
ATOM   466  O  O   . GLY A 1 64  ? -6.933  -0.338  7.285   1.00 34.05  ? 1709 GLY X O   1 
ATOM   467  N  N   . GLY A 1 65  ? -6.401  -1.162  5.249   1.00 34.08  ? 1710 GLY X N   1 
ATOM   468  C  CA  . GLY A 1 65  ? -7.684  -1.808  5.027   1.00 34.64  ? 1710 GLY X CA  1 
ATOM   469  C  C   . GLY A 1 65  ? -8.760  -0.750  4.970   1.00 34.81  ? 1710 GLY X C   1 
ATOM   470  O  O   . GLY A 1 65  ? -9.702  -0.751  5.757   1.00 35.01  ? 1710 GLY X O   1 
ATOM   471  N  N   . LYS A 1 66  ? -8.607  0.180   4.046   1.00 35.05  ? 1711 LYS X N   1 
ATOM   472  C  CA  . LYS A 1 66  ? -9.527  1.305   4.001   1.00 35.19  ? 1711 LYS X CA  1 
ATOM   473  C  C   . LYS A 1 66  ? -10.494 1.290   2.850   1.00 34.68  ? 1711 LYS X C   1 
ATOM   474  O  O   . LYS A 1 66  ? -10.572 0.337   2.070   1.00 34.77  ? 1711 LYS X O   1 
ATOM   475  C  CB  . LYS A 1 66  ? -8.754  2.623   4.011   1.00 35.36  ? 1711 LYS X CB  1 
ATOM   476  C  CG  . LYS A 1 66  ? -7.998  2.797   5.300   1.00 36.83  ? 1711 LYS X CG  1 
ATOM   477  C  CD  . LYS A 1 66  ? -7.189  4.061   5.378   1.00 38.79  ? 1711 LYS X CD  1 
ATOM   478  C  CE  . LYS A 1 66  ? -6.317  3.982   6.618   1.00 41.29  ? 1711 LYS X CE  1 
ATOM   479  N  NZ  . LYS A 1 66  ? -6.042  5.308   7.221   1.00 42.50  ? 1711 LYS X NZ  1 
ATOM   480  N  N   . TRP A 1 67  ? -11.276 2.353   2.782   1.00 34.06  ? 1712 TRP X N   1 
ATOM   481  C  CA  . TRP A 1 67  ? -12.152 2.512   1.659   1.00 33.21  ? 1712 TRP X CA  1 
ATOM   482  C  C   . TRP A 1 67  ? -11.311 3.194   0.621   1.00 32.42  ? 1712 TRP X C   1 
ATOM   483  O  O   . TRP A 1 67  ? -10.954 4.359   0.741   1.00 32.34  ? 1712 TRP X O   1 
ATOM   484  C  CB  . TRP A 1 67  ? -13.389 3.312   2.018   1.00 33.35  ? 1712 TRP X CB  1 
ATOM   485  C  CG  . TRP A 1 67  ? -14.492 2.443   2.507   1.00 33.79  ? 1712 TRP X CG  1 
ATOM   486  C  CD1 . TRP A 1 67  ? -15.092 2.493   3.729   1.00 33.89  ? 1712 TRP X CD1 1 
ATOM   487  C  CD2 . TRP A 1 67  ? -15.132 1.378   1.789   1.00 34.65  ? 1712 TRP X CD2 1 
ATOM   488  N  NE1 . TRP A 1 67  ? -16.073 1.535   3.814   1.00 34.60  ? 1712 TRP X NE1 1 
ATOM   489  C  CE2 . TRP A 1 67  ? -16.118 0.836   2.636   1.00 34.80  ? 1712 TRP X CE2 1 
ATOM   490  C  CE3 . TRP A 1 67  ? -14.982 0.833   0.502   1.00 35.17  ? 1712 TRP X CE3 1 
ATOM   491  C  CZ2 . TRP A 1 67  ? -16.942 -0.218  2.247   1.00 34.99  ? 1712 TRP X CZ2 1 
ATOM   492  C  CZ3 . TRP A 1 67  ? -15.800 -0.211  0.121   1.00 35.12  ? 1712 TRP X CZ3 1 
ATOM   493  C  CH2 . TRP A 1 67  ? -16.769 -0.723  0.987   1.00 35.20  ? 1712 TRP X CH2 1 
ATOM   494  N  N   . VAL A 1 68  ? -10.896 2.406   -0.347  1.00 31.41  ? 1713 VAL X N   1 
ATOM   495  C  CA  . VAL A 1 68  ? -10.135 2.923   -1.444  1.00 30.36  ? 1713 VAL X CA  1 
ATOM   496  C  C   . VAL A 1 68  ? -11.216 2.920   -2.492  1.00 29.76  ? 1713 VAL X C   1 
ATOM   497  O  O   . VAL A 1 68  ? -11.581 1.896   -3.074  1.00 29.29  ? 1713 VAL X O   1 
ATOM   498  C  CB  . VAL A 1 68  ? -8.931  2.046   -1.728  1.00 30.45  ? 1713 VAL X CB  1 
ATOM   499  C  CG1 . VAL A 1 68  ? -8.076  2.656   -2.792  1.00 30.60  ? 1713 VAL X CG1 1 
ATOM   500  C  CG2 . VAL A 1 68  ? -8.104  1.926   -0.459  1.00 30.10  ? 1713 VAL X CG2 1 
ATOM   501  N  N   . VAL A 1 69  ? -11.789 4.098   -2.663  1.00 29.05  ? 1714 VAL X N   1 
ATOM   502  C  CA  . VAL A 1 69  ? -12.971 4.252   -3.474  1.00 28.37  ? 1714 VAL X CA  1 
ATOM   503  C  C   . VAL A 1 69  ? -12.684 5.152   -4.667  1.00 27.56  ? 1714 VAL X C   1 
ATOM   504  O  O   . VAL A 1 69  ? -11.924 6.091   -4.553  1.00 28.19  ? 1714 VAL X O   1 
ATOM   505  C  CB  . VAL A 1 69  ? -14.113 4.730   -2.552  1.00 28.24  ? 1714 VAL X CB  1 
ATOM   506  C  CG1 . VAL A 1 69  ? -14.732 5.957   -3.039  1.00 28.82  ? 1714 VAL X CG1 1 
ATOM   507  C  CG2 . VAL A 1 69  ? -15.140 3.640   -2.368  1.00 28.30  ? 1714 VAL X CG2 1 
ATOM   508  N  N   . SER A 1 70  ? -13.219 4.817   -5.829  1.00 26.57  ? 1715 SER X N   1 
ATOM   509  C  CA  . SER A 1 70  ? -13.015 5.629   -7.020  1.00 25.96  ? 1715 SER X CA  1 
ATOM   510  C  C   . SER A 1 70  ? -13.700 6.994   -6.933  1.00 25.64  ? 1715 SER X C   1 
ATOM   511  O  O   . SER A 1 70  ? -14.730 7.126   -6.279  1.00 25.69  ? 1715 SER X O   1 
ATOM   512  C  CB  . SER A 1 70  ? -13.556 4.887   -8.233  1.00 25.94  ? 1715 SER X CB  1 
ATOM   513  O  OG  . SER A 1 70  ? -13.596 5.708   -9.385  1.00 24.93  ? 1715 SER X OG  1 
ATOM   514  N  N   . TYR A 1 71  ? -13.145 7.985   -7.635  1.00 25.03  ? 1716 TYR X N   1 
ATOM   515  C  CA  . TYR A 1 71  ? -13.663 9.362   -7.678  1.00 24.41  ? 1716 TYR X CA  1 
ATOM   516  C  C   . TYR A 1 71  ? -15.125 9.427   -8.155  1.00 24.16  ? 1716 TYR X C   1 
ATOM   517  O  O   . TYR A 1 71  ? -15.870 10.336  -7.793  1.00 23.82  ? 1716 TYR X O   1 
ATOM   518  C  CB  . TYR A 1 71  ? -12.711 10.250  -8.500  1.00 24.22  ? 1716 TYR X CB  1 
ATOM   519  C  CG  . TYR A 1 71  ? -13.191 11.651  -8.802  1.00 24.30  ? 1716 TYR X CG  1 
ATOM   520  C  CD1 . TYR A 1 71  ? -13.373 12.064  -10.119 1.00 23.12  ? 1716 TYR X CD1 1 
ATOM   521  C  CD2 . TYR A 1 71  ? -13.450 12.566  -7.786  1.00 24.81  ? 1716 TYR X CD2 1 
ATOM   522  C  CE1 . TYR A 1 71  ? -13.807 13.311  -10.414 1.00 22.99  ? 1716 TYR X CE1 1 
ATOM   523  C  CE2 . TYR A 1 71  ? -13.895 13.843  -8.080  1.00 24.60  ? 1716 TYR X CE2 1 
ATOM   524  C  CZ  . TYR A 1 71  ? -14.064 14.209  -9.400  1.00 24.73  ? 1716 TYR X CZ  1 
ATOM   525  O  OH  . TYR A 1 71  ? -14.505 15.482  -9.720  1.00 25.61  ? 1716 TYR X OH  1 
ATOM   526  N  N   . PHE A 1 72  ? -15.539 8.407   -8.906  1.00 23.87  ? 1717 PHE X N   1 
ATOM   527  C  CA  . PHE A 1 72  ? -16.927 8.244   -9.331  1.00 23.55  ? 1717 PHE X CA  1 
ATOM   528  C  C   . PHE A 1 72  ? -17.906 8.153   -8.170  1.00 23.94  ? 1717 PHE X C   1 
ATOM   529  O  O   . PHE A 1 72  ? -19.068 8.459   -8.345  1.00 24.01  ? 1717 PHE X O   1 
ATOM   530  C  CB  . PHE A 1 72  ? -17.090 6.991   -10.188 1.00 23.09  ? 1717 PHE X CB  1 
ATOM   531  C  CG  . PHE A 1 72  ? -16.570 7.147   -11.567 1.00 21.23  ? 1717 PHE X CG  1 
ATOM   532  C  CD1 . PHE A 1 72  ? -15.888 6.130   -12.181 1.00 20.10  ? 1717 PHE X CD1 1 
ATOM   533  C  CD2 . PHE A 1 72  ? -16.746 8.322   -12.245 1.00 19.94  ? 1717 PHE X CD2 1 
ATOM   534  C  CE1 . PHE A 1 72  ? -15.401 6.292   -13.453 1.00 19.75  ? 1717 PHE X CE1 1 
ATOM   535  C  CE2 . PHE A 1 72  ? -16.263 8.475   -13.514 1.00 19.10  ? 1717 PHE X CE2 1 
ATOM   536  C  CZ  . PHE A 1 72  ? -15.599 7.472   -14.120 1.00 17.27  ? 1717 PHE X CZ  1 
ATOM   537  N  N   . TRP A 1 73  ? -17.445 7.715   -6.999  1.00 24.26  ? 1718 TRP X N   1 
ATOM   538  C  CA  . TRP A 1 73  ? -18.278 7.705   -5.800  1.00 24.46  ? 1718 TRP X CA  1 
ATOM   539  C  C   . TRP A 1 73  ? -18.751 9.110   -5.486  1.00 24.78  ? 1718 TRP X C   1 
ATOM   540  O  O   . TRP A 1 73  ? -19.903 9.301   -5.116  1.00 24.58  ? 1718 TRP X O   1 
ATOM   541  C  CB  . TRP A 1 73  ? -17.474 7.204   -4.607  1.00 24.33  ? 1718 TRP X CB  1 
ATOM   542  C  CG  . TRP A 1 73  ? -18.191 7.214   -3.288  1.00 23.80  ? 1718 TRP X CG  1 
ATOM   543  C  CD1 . TRP A 1 73  ? -19.386 6.632   -3.008  1.00 23.39  ? 1718 TRP X CD1 1 
ATOM   544  C  CD2 . TRP A 1 73  ? -17.754 7.828   -2.068  1.00 23.19  ? 1718 TRP X CD2 1 
ATOM   545  N  NE1 . TRP A 1 73  ? -19.723 6.843   -1.694  1.00 22.83  ? 1718 TRP X NE1 1 
ATOM   546  C  CE2 . TRP A 1 73  ? -18.736 7.575   -1.094  1.00 23.04  ? 1718 TRP X CE2 1 
ATOM   547  C  CE3 . TRP A 1 73  ? -16.633 8.573   -1.699  1.00 24.01  ? 1718 TRP X CE3 1 
ATOM   548  C  CZ2 . TRP A 1 73  ? -18.632 8.034   0.216   1.00 23.23  ? 1718 TRP X CZ2 1 
ATOM   549  C  CZ3 . TRP A 1 73  ? -16.523 9.013   -0.392  1.00 24.72  ? 1718 TRP X CZ3 1 
ATOM   550  C  CH2 . TRP A 1 73  ? -17.523 8.751   0.545   1.00 23.65  ? 1718 TRP X CH2 1 
ATOM   551  N  N   . VAL A 1 74  ? -17.849 10.080  -5.643  1.00 25.13  ? 1719 VAL X N   1 
ATOM   552  C  CA  . VAL A 1 74  ? -18.146 11.479  -5.368  1.00 25.67  ? 1719 VAL X CA  1 
ATOM   553  C  C   . VAL A 1 74  ? -19.113 12.086  -6.365  1.00 26.12  ? 1719 VAL X C   1 
ATOM   554  O  O   . VAL A 1 74  ? -20.232 12.424  -5.991  1.00 26.65  ? 1719 VAL X O   1 
ATOM   555  C  CB  . VAL A 1 74  ? -16.875 12.361  -5.335  1.00 25.89  ? 1719 VAL X CB  1 
ATOM   556  C  CG1 . VAL A 1 74  ? -17.243 13.842  -5.217  1.00 25.23  ? 1719 VAL X CG1 1 
ATOM   557  C  CG2 . VAL A 1 74  ? -15.931 11.926  -4.204  1.00 25.00  ? 1719 VAL X CG2 1 
ATOM   558  N  N   . THR A 1 75  ? -18.703 12.208  -7.629  1.00 26.40  ? 1720 THR X N   1 
ATOM   559  C  CA  . THR A 1 75  ? -19.545 12.859  -8.636  1.00 26.02  ? 1720 THR X CA  1 
ATOM   560  C  C   . THR A 1 75  ? -20.903 12.203  -8.758  1.00 26.81  ? 1720 THR X C   1 
ATOM   561  O  O   . THR A 1 75  ? -21.893 12.906  -8.931  1.00 27.17  ? 1720 THR X O   1 
ATOM   562  C  CB  . THR A 1 75  ? -18.876 12.922  -10.015 1.00 25.34  ? 1720 THR X CB  1 
ATOM   563  O  OG1 . THR A 1 75  ? -18.776 11.607  -10.557 1.00 24.66  ? 1720 THR X OG1 1 
ATOM   564  C  CG2 . THR A 1 75  ? -17.458 13.358  -9.900  1.00 24.81  ? 1720 THR X CG2 1 
ATOM   565  N  N   . GLN A 1 76  ? -20.971 10.878  -8.642  1.00 27.42  ? 1721 GLN X N   1 
ATOM   566  C  CA  . GLN A 1 76  ? -22.272 10.223  -8.727  1.00 28.32  ? 1721 GLN X CA  1 
ATOM   567  C  C   . GLN A 1 76  ? -23.146 10.628  -7.543  1.00 28.61  ? 1721 GLN X C   1 
ATOM   568  O  O   . GLN A 1 76  ? -24.314 10.964  -7.737  1.00 28.57  ? 1721 GLN X O   1 
ATOM   569  C  CB  . GLN A 1 76  ? -22.155 8.696   -8.922  1.00 28.44  ? 1721 GLN X CB  1 
ATOM   570  C  CG  . GLN A 1 76  ? -23.108 8.044   -9.958  1.00 29.39  ? 1721 GLN X CG  1 
ATOM   571  C  CD  . GLN A 1 76  ? -23.174 8.750   -11.333 1.00 31.94  ? 1721 GLN X CD  1 
ATOM   572  O  OE1 . GLN A 1 76  ? -24.169 8.593   -12.057 1.00 32.20  ? 1721 GLN X OE1 1 
ATOM   573  N  NE2 . GLN A 1 76  ? -22.127 9.507   -11.694 1.00 32.46  ? 1721 GLN X NE2 1 
ATOM   574  N  N   . SER A 1 77  ? -22.555 10.675  -6.346  1.00 28.81  ? 1722 SER X N   1 
ATOM   575  C  CA  . SER A 1 77  ? -23.270 11.132  -5.158  1.00 29.30  ? 1722 SER X CA  1 
ATOM   576  C  C   . SER A 1 77  ? -23.705 12.592  -5.278  1.00 29.64  ? 1722 SER X C   1 
ATOM   577  O  O   . SER A 1 77  ? -24.800 12.953  -4.856  1.00 29.66  ? 1722 SER X O   1 
ATOM   578  C  CB  . SER A 1 77  ? -22.400 10.985  -3.927  1.00 29.31  ? 1722 SER X CB  1 
ATOM   579  O  OG  . SER A 1 77  ? -22.557 9.719   -3.330  1.00 30.08  ? 1722 SER X OG  1 
ATOM   580  N  N   . ILE A 1 78  ? -22.837 13.420  -5.856  1.00 30.01  ? 1723 ILE X N   1 
ATOM   581  C  CA  . ILE A 1 78  ? -23.151 14.819  -6.119  1.00 30.44  ? 1723 ILE X CA  1 
ATOM   582  C  C   . ILE A 1 78  ? -24.329 14.931  -7.072  1.00 30.85  ? 1723 ILE X C   1 
ATOM   583  O  O   . ILE A 1 78  ? -25.198 15.775  -6.879  1.00 31.21  ? 1723 ILE X O   1 
ATOM   584  C  CB  . ILE A 1 78  ? -21.919 15.541  -6.710  1.00 30.48  ? 1723 ILE X CB  1 
ATOM   585  C  CG1 . ILE A 1 78  ? -20.976 15.963  -5.593  1.00 29.82  ? 1723 ILE X CG1 1 
ATOM   586  C  CG2 . ILE A 1 78  ? -22.316 16.774  -7.558  1.00 29.49  ? 1723 ILE X CG2 1 
ATOM   587  C  CD1 . ILE A 1 78  ? -19.769 16.689  -6.104  1.00 30.06  ? 1723 ILE X CD1 1 
ATOM   588  N  N   . LYS A 1 79  ? -24.360 14.037  -8.060  1.00 31.24  ? 1724 LYS X N   1 
ATOM   589  C  CA  . LYS A 1 79  ? -25.378 13.986  -9.108  1.00 31.50  ? 1724 LYS X CA  1 
ATOM   590  C  C   . LYS A 1 79  ? -26.670 13.358  -8.619  1.00 31.66  ? 1724 LYS X C   1 
ATOM   591  O  O   . LYS A 1 79  ? -27.752 13.688  -9.086  1.00 31.61  ? 1724 LYS X O   1 
ATOM   592  C  CB  . LYS A 1 79  ? -24.826 13.172  -10.288 1.00 31.66  ? 1724 LYS X CB  1 
ATOM   593  C  CG  . LYS A 1 79  ? -25.716 12.988  -11.512 1.00 31.15  ? 1724 LYS X CG  1 
ATOM   594  C  CD  . LYS A 1 79  ? -24.928 12.284  -12.611 1.00 31.17  ? 1724 LYS X CD  1 
ATOM   595  C  CE  . LYS A 1 79  ? -25.820 11.796  -13.737 1.00 31.86  ? 1724 LYS X CE  1 
ATOM   596  N  NZ  . LYS A 1 79  ? -26.149 12.874  -14.712 1.00 32.30  ? 1724 LYS X NZ  1 
ATOM   597  N  N   . GLU A 1 80  ? -26.565 12.440  -7.673  1.00 32.02  ? 1725 GLU X N   1 
ATOM   598  C  CA  . GLU A 1 80  ? -27.767 11.794  -7.175  1.00 32.24  ? 1725 GLU X CA  1 
ATOM   599  C  C   . GLU A 1 80  ? -28.240 12.394  -5.866  1.00 32.48  ? 1725 GLU X C   1 
ATOM   600  O  O   . GLU A 1 80  ? -29.222 11.928  -5.284  1.00 32.79  ? 1725 GLU X O   1 
ATOM   601  C  CB  . GLU A 1 80  ? -27.599 10.282  -7.116  1.00 32.14  ? 1725 GLU X CB  1 
ATOM   602  C  CG  . GLU A 1 80  ? -27.689 9.685   -8.506  1.00 32.10  ? 1725 GLU X CG  1 
ATOM   603  C  CD  . GLU A 1 80  ? -27.275 8.237   -8.562  1.00 32.75  ? 1725 GLU X CD  1 
ATOM   604  O  OE1 . GLU A 1 80  ? -27.826 7.423   -7.789  1.00 32.74  ? 1725 GLU X OE1 1 
ATOM   605  O  OE2 . GLU A 1 80  ? -26.401 7.916   -9.389  1.00 33.22  ? 1725 GLU X OE2 1 
ATOM   606  N  N   . ARG A 1 81  ? -27.525 13.431  -5.433  1.00 32.44  ? 1726 ARG X N   1 
ATOM   607  C  CA  . ARG A 1 81  ? -27.862 14.241  -4.265  1.00 32.43  ? 1726 ARG X CA  1 
ATOM   608  C  C   . ARG A 1 81  ? -27.991 13.531  -2.922  1.00 32.45  ? 1726 ARG X C   1 
ATOM   609  O  O   . ARG A 1 81  ? -28.868 13.885  -2.140  1.00 32.46  ? 1726 ARG X O   1 
ATOM   610  C  CB  . ARG A 1 81  ? -29.099 15.114  -4.548  1.00 32.47  ? 1726 ARG X CB  1 
ATOM   611  N  N   . LYS A 1 82  ? -27.136 12.530  -2.695  1.00 32.55  ? 1727 LYS X N   1 
ATOM   612  C  CA  . LYS A 1 82  ? -26.944 11.848  -1.395  1.00 32.69  ? 1727 LYS X CA  1 
ATOM   613  C  C   . LYS A 1 82  ? -25.746 10.887  -1.406  1.00 32.37  ? 1727 LYS X C   1 
ATOM   614  O  O   . LYS A 1 82  ? -25.241 10.536  -2.467  1.00 32.16  ? 1727 LYS X O   1 
ATOM   615  C  CB  . LYS A 1 82  ? -28.199 11.139  -0.853  1.00 33.10  ? 1727 LYS X CB  1 
ATOM   616  C  CG  . LYS A 1 82  ? -28.907 11.900  0.300   1.00 33.99  ? 1727 LYS X CG  1 
ATOM   617  C  CD  . LYS A 1 82  ? -27.908 12.702  1.160   1.00 34.88  ? 1727 LYS X CD  1 
ATOM   618  C  CE  . LYS A 1 82  ? -28.586 13.839  1.930   1.00 35.05  ? 1727 LYS X CE  1 
ATOM   619  N  NZ  . LYS A 1 82  ? -27.601 14.840  2.444   1.00 34.66  ? 1727 LYS X NZ  1 
ATOM   620  N  N   . MET A 1 83  ? -25.309 10.466  -0.220  1.00 32.13  ? 1728 MET X N   1 
ATOM   621  C  CA  . MET A 1 83  ? -24.136 9.596   -0.081  1.00 32.00  ? 1728 MET X CA  1 
ATOM   622  C  C   . MET A 1 83  ? -24.375 8.171   -0.553  1.00 31.50  ? 1728 MET X C   1 
ATOM   623  O  O   . MET A 1 83  ? -25.082 7.409   0.095   1.00 31.55  ? 1728 MET X O   1 
ATOM   624  C  CB  . MET A 1 83  ? -23.631 9.560   1.371   1.00 32.19  ? 1728 MET X CB  1 
ATOM   625  C  CG  . MET A 1 83  ? -22.324 10.308  1.619   1.00 33.34  ? 1728 MET X CG  1 
ATOM   626  S  SD  . MET A 1 83  ? -21.234 9.545   2.888   1.00 36.78  ? 1728 MET X SD  1 
ATOM   627  C  CE  . MET A 1 83  ? -22.254 9.642   4.392   1.00 35.77  ? 1728 MET X CE  1 
ATOM   628  N  N   . LEU A 1 84  ? -23.758 7.807   -1.670  1.00 30.95  ? 1729 LEU X N   1 
ATOM   629  C  CA  . LEU A 1 84  ? -23.893 6.460   -2.206  1.00 30.48  ? 1729 LEU X CA  1 
ATOM   630  C  C   . LEU A 1 84  ? -23.051 5.447   -1.418  1.00 30.34  ? 1729 LEU X C   1 
ATOM   631  O  O   . LEU A 1 84  ? -22.226 5.822   -0.589  1.00 30.54  ? 1729 LEU X O   1 
ATOM   632  C  CB  . LEU A 1 84  ? -23.568 6.449   -3.704  1.00 30.31  ? 1729 LEU X CB  1 
ATOM   633  C  CG  . LEU A 1 84  ? -24.559 7.249   -4.569  1.00 29.85  ? 1729 LEU X CG  1 
ATOM   634  C  CD1 . LEU A 1 84  ? -24.158 7.278   -6.034  1.00 29.17  ? 1729 LEU X CD1 1 
ATOM   635  C  CD2 . LEU A 1 84  ? -25.981 6.720   -4.423  1.00 28.85  ? 1729 LEU X CD2 1 
ATOM   636  N  N   . ASN A 1 85  ? -23.284 4.159   -1.645  1.00 30.14  ? 1730 ASN X N   1 
ATOM   637  C  CA  . ASN A 1 85  ? -22.529 3.132   -0.937  1.00 29.80  ? 1730 ASN X CA  1 
ATOM   638  C  C   . ASN A 1 85  ? -21.160 2.899   -1.549  1.00 29.23  ? 1730 ASN X C   1 
ATOM   639  O  O   . ASN A 1 85  ? -21.045 2.597   -2.738  1.00 29.28  ? 1730 ASN X O   1 
ATOM   640  C  CB  . ASN A 1 85  ? -23.307 1.812   -0.846  1.00 30.07  ? 1730 ASN X CB  1 
ATOM   641  C  CG  . ASN A 1 85  ? -23.889 1.369   -2.187  1.00 31.47  ? 1730 ASN X CG  1 
ATOM   642  O  OD1 . ASN A 1 85  ? -24.577 2.140   -2.875  1.00 33.17  ? 1730 ASN X OD1 1 
ATOM   643  N  ND2 . ASN A 1 85  ? -23.626 0.118   -2.558  1.00 32.26  ? 1730 ASN X ND2 1 
ATOM   644  N  N   . GLU A 1 86  ? -20.128 3.022   -0.712  1.00 28.37  ? 1731 GLU X N   1 
ATOM   645  C  CA  . GLU A 1 86  ? -18.737 2.826   -1.106  1.00 27.51  ? 1731 GLU X CA  1 
ATOM   646  C  C   . GLU A 1 86  ? -18.514 1.481   -1.758  1.00 26.71  ? 1731 GLU X C   1 
ATOM   647  O  O   . GLU A 1 86  ? -17.636 1.318   -2.603  1.00 26.39  ? 1731 GLU X O   1 
ATOM   648  C  CB  . GLU A 1 86  ? -17.842 2.905   0.120   1.00 27.80  ? 1731 GLU X CB  1 
ATOM   649  C  CG  . GLU A 1 86  ? -17.700 4.279   0.734   1.00 28.41  ? 1731 GLU X CG  1 
ATOM   650  C  CD  . GLU A 1 86  ? -18.566 4.442   1.963   1.00 29.57  ? 1731 GLU X CD  1 
ATOM   651  O  OE1 . GLU A 1 86  ? -19.800 4.215   1.867   1.00 30.28  ? 1731 GLU X OE1 1 
ATOM   652  O  OE2 . GLU A 1 86  ? -18.006 4.786   3.027   1.00 28.98  ? 1731 GLU X OE2 1 
ATOM   653  N  N   . HIS A 1 87  ? -19.330 0.526   -1.334  1.00 26.06  ? 1732 HIS X N   1 
ATOM   654  C  CA  . HIS A 1 87  ? -19.347 -0.820  -1.864  1.00 25.43  ? 1732 HIS X CA  1 
ATOM   655  C  C   . HIS A 1 87  ? -19.354 -0.863  -3.385  1.00 24.79  ? 1732 HIS X C   1 
ATOM   656  O  O   . HIS A 1 87  ? -18.536 -1.542  -3.995  1.00 24.15  ? 1732 HIS X O   1 
ATOM   657  C  CB  . HIS A 1 87  ? -20.568 -1.549  -1.307  1.00 25.59  ? 1732 HIS X CB  1 
ATOM   658  C  CG  . HIS A 1 87  ? -20.324 -2.192  0.025   1.00 26.82  ? 1732 HIS X CG  1 
ATOM   659  N  ND1 . HIS A 1 87  ? -20.304 -1.482  1.207   1.00 27.64  ? 1732 HIS X ND1 1 
ATOM   660  C  CD2 . HIS A 1 87  ? -20.078 -3.483  0.358   1.00 27.10  ? 1732 HIS X CD2 1 
ATOM   661  C  CE1 . HIS A 1 87  ? -20.061 -2.310  2.210   1.00 27.38  ? 1732 HIS X CE1 1 
ATOM   662  N  NE2 . HIS A 1 87  ? -19.920 -3.528  1.721   1.00 27.17  ? 1732 HIS X NE2 1 
ATOM   663  N  N   . ASP A 1 88  ? -20.232 -0.087  -4.009  1.00 24.62  ? 1733 ASP X N   1 
ATOM   664  C  CA  . ASP A 1 88  ? -20.347 -0.175  -5.459  1.00 24.42  ? 1733 ASP X CA  1 
ATOM   665  C  C   . ASP A 1 88  ? -19.361 0.695   -6.220  1.00 24.31  ? 1733 ASP X C   1 
ATOM   666  O  O   . ASP A 1 88  ? -19.320 0.666   -7.443  1.00 24.26  ? 1733 ASP X O   1 
ATOM   667  C  CB  . ASP A 1 88  ? -21.778 0.051   -5.913  1.00 24.33  ? 1733 ASP X CB  1 
ATOM   668  N  N   . PHE A 1 89  ? -18.532 1.434   -5.498  1.00 24.48  ? 1734 PHE X N   1 
ATOM   669  C  CA  . PHE A 1 89  ? -17.542 2.269   -6.146  1.00 24.38  ? 1734 PHE X CA  1 
ATOM   670  C  C   . PHE A 1 89  ? -16.097 1.942   -5.763  1.00 24.58  ? 1734 PHE X C   1 
ATOM   671  O  O   . PHE A 1 89  ? -15.188 2.659   -6.160  1.00 24.66  ? 1734 PHE X O   1 
ATOM   672  C  CB  . PHE A 1 89  ? -17.836 3.727   -5.833  1.00 24.33  ? 1734 PHE X CB  1 
ATOM   673  C  CG  . PHE A 1 89  ? -19.117 4.220   -6.417  1.00 23.83  ? 1734 PHE X CG  1 
ATOM   674  C  CD1 . PHE A 1 89  ? -20.272 4.268   -5.652  1.00 23.76  ? 1734 PHE X CD1 1 
ATOM   675  C  CD2 . PHE A 1 89  ? -19.170 4.644   -7.734  1.00 23.94  ? 1734 PHE X CD2 1 
ATOM   676  C  CE1 . PHE A 1 89  ? -21.469 4.721   -6.199  1.00 23.70  ? 1734 PHE X CE1 1 
ATOM   677  C  CE2 . PHE A 1 89  ? -20.364 5.104   -8.289  1.00 24.28  ? 1734 PHE X CE2 1 
ATOM   678  C  CZ  . PHE A 1 89  ? -21.512 5.144   -7.521  1.00 23.51  ? 1734 PHE X CZ  1 
ATOM   679  N  N   . GLU A 1 90  ? -15.889 0.859   -5.017  1.00 24.80  ? 1735 GLU X N   1 
ATOM   680  C  CA  . GLU A 1 90  ? -14.554 0.486   -4.516  1.00 25.21  ? 1735 GLU X CA  1 
ATOM   681  C  C   . GLU A 1 90  ? -13.542 0.120   -5.615  1.00 25.34  ? 1735 GLU X C   1 
ATOM   682  O  O   . GLU A 1 90  ? -13.925 -0.513  -6.586  1.00 25.43  ? 1735 GLU X O   1 
ATOM   683  C  CB  . GLU A 1 90  ? -14.692 -0.638  -3.519  1.00 24.91  ? 1735 GLU X CB  1 
ATOM   684  N  N   . VAL A 1 91  ? -12.266 0.507   -5.484  1.00 25.50  ? 1736 VAL X N   1 
ATOM   685  C  CA  . VAL A 1 91  ? -11.331 0.207   -6.590  1.00 25.33  ? 1736 VAL X CA  1 
ATOM   686  C  C   . VAL A 1 91  ? -10.923 -1.249  -6.763  1.00 25.66  ? 1736 VAL X C   1 
ATOM   687  O  O   . VAL A 1 91  ? -10.741 -1.996  -5.795  1.00 25.55  ? 1736 VAL X O   1 
ATOM   688  C  CB  . VAL A 1 91  ? -10.105 1.187   -6.766  1.00 24.94  ? 1736 VAL X CB  1 
ATOM   689  C  CG1 . VAL A 1 91  ? -10.088 2.237   -5.753  1.00 24.43  ? 1736 VAL X CG1 1 
ATOM   690  C  CG2 . VAL A 1 91  ? -8.772  0.456   -6.855  1.00 23.96  ? 1736 VAL X CG2 1 
ATOM   691  N  N   . ARG A 1 92  ? -10.812 -1.637  -8.031  1.00 25.63  ? 1737 ARG X N   1 
ATOM   692  C  CA  . ARG A 1 92  ? -10.435 -2.987  -8.353  1.00 25.63  ? 1737 ARG X CA  1 
ATOM   693  C  C   . ARG A 1 92  ? -9.012  -3.274  -8.918  1.00 25.54  ? 1737 ARG X C   1 
ATOM   694  O  O   . ARG A 1 92  ? -8.687  -4.422  -9.135  1.00 25.66  ? 1737 ARG X O   1 
ATOM   695  C  CB  . ARG A 1 92  ? -11.516 -3.591  -9.225  1.00 25.61  ? 1737 ARG X CB  1 
ATOM   696  N  N   . GLY A 1 93  ? -8.150  -2.295  -9.166  1.00 25.48  ? 1738 GLY X N   1 
ATOM   697  C  CA  . GLY A 1 93  ? -6.872  -2.663  -9.775  1.00 25.45  ? 1738 GLY X CA  1 
ATOM   698  C  C   . GLY A 1 93  ? -5.902  -1.577  -10.213 1.00 25.66  ? 1738 GLY X C   1 
ATOM   699  O  O   . GLY A 1 93  ? -6.056  -0.443  -9.784  1.00 25.72  ? 1738 GLY X O   1 
ATOM   700  N  N   . ASP A 1 94  ? -4.922  -1.921  -11.063 1.00 25.81  ? 1739 ASP X N   1 
ATOM   701  C  CA  . ASP A 1 94  ? -3.849  -0.988  -11.472 1.00 26.14  ? 1739 ASP X CA  1 
ATOM   702  C  C   . ASP A 1 94  ? -2.889  -1.368  -12.621 1.00 26.44  ? 1739 ASP X C   1 
ATOM   703  O  O   . ASP A 1 94  ? -2.958  -0.811  -13.702 1.00 26.40  ? 1739 ASP X O   1 
ATOM   704  C  CB  . ASP A 1 94  ? -3.002  -0.559  -10.259 1.00 25.93  ? 1739 ASP X CB  1 
ATOM   705  C  CG  . ASP A 1 94  ? -2.513  -1.722  -9.430  1.00 26.61  ? 1739 ASP X CG  1 
ATOM   706  O  OD1 . ASP A 1 94  ? -1.726  -2.551  -9.939  1.00 25.13  ? 1739 ASP X OD1 1 
ATOM   707  O  OD2 . ASP A 1 94  ? -2.854  -1.888  -8.251  1.00 27.27  ? 1739 ASP X OD2 1 
ATOM   708  N  N   . VAL A 1 95  ? -1.944  -2.259  -12.329 1.00 27.23  ? 1740 VAL X N   1 
ATOM   709  C  CA  . VAL A 1 95  ? -0.904  -2.693  -13.257 1.00 27.36  ? 1740 VAL X CA  1 
ATOM   710  C  C   . VAL A 1 95  ? -0.235  -3.947  -12.653 1.00 27.41  ? 1740 VAL X C   1 
ATOM   711  O  O   . VAL A 1 95  ? 0.403   -4.738  -13.353 1.00 27.04  ? 1740 VAL X O   1 
ATOM   712  C  CB  . VAL A 1 95  ? 0.084   -1.534  -13.604 1.00 27.73  ? 1740 VAL X CB  1 
ATOM   713  C  CG1 . VAL A 1 95  ? 1.423   -1.620  -12.795 1.00 26.53  ? 1740 VAL X CG1 1 
ATOM   714  C  CG2 . VAL A 1 95  ? 0.248   -1.396  -15.149 1.00 26.19  ? 1740 VAL X CG2 1 
ATOM   715  N  N   . VAL A 1 96  ? -0.425  -4.130  -11.348 1.00 27.65  ? 1741 VAL X N   1 
ATOM   716  C  CA  . VAL A 1 96  ? -0.048  -5.377  -10.688 1.00 28.17  ? 1741 VAL X CA  1 
ATOM   717  C  C   . VAL A 1 96  ? -1.288  -6.212  -10.899 1.00 28.44  ? 1741 VAL X C   1 
ATOM   718  O  O   . VAL A 1 96  ? -1.230  -7.415  -11.149 1.00 29.18  ? 1741 VAL X O   1 
ATOM   719  C  CB  . VAL A 1 96  ? 0.148   -5.220  -9.171  1.00 28.08  ? 1741 VAL X CB  1 
ATOM   720  C  CG1 . VAL A 1 96  ? 0.597   -6.499  -8.563  1.00 28.35  ? 1741 VAL X CG1 1 
ATOM   721  C  CG2 . VAL A 1 96  ? 1.161   -4.188  -8.883  1.00 28.08  ? 1741 VAL X CG2 1 
ATOM   722  N  N   . ASN A 1 97  ? -2.428  -5.547  -10.817 1.00 28.39  ? 1742 ASN X N   1 
ATOM   723  C  CA  . ASN A 1 97  ? -3.699  -6.210  -11.031 1.00 27.97  ? 1742 ASN X CA  1 
ATOM   724  C  C   . ASN A 1 97  ? -4.573  -5.446  -12.030 1.00 28.23  ? 1742 ASN X C   1 
ATOM   725  O  O   . ASN A 1 97  ? -4.954  -4.307  -11.794 1.00 28.28  ? 1742 ASN X O   1 
ATOM   726  C  CB  . ASN A 1 97  ? -4.417  -6.524  -9.689  1.00 27.56  ? 1742 ASN X CB  1 
ATOM   727  C  CG  . ASN A 1 97  ? -4.378  -5.364  -8.657  1.00 26.11  ? 1742 ASN X CG  1 
ATOM   728  O  OD1 . ASN A 1 97  ? -3.463  -4.556  -8.646  1.00 23.08  ? 1742 ASN X OD1 1 
ATOM   729  N  ND2 . ASN A 1 97  ? -5.377  -5.325  -7.765  1.00 23.35  ? 1742 ASN X ND2 1 
ATOM   730  N  N   . GLY A 1 98  ? -4.847  -6.050  -13.176 1.00 28.59  ? 1743 GLY X N   1 
ATOM   731  C  CA  . GLY A 1 98  ? -5.722  -5.423  -14.151 1.00 29.14  ? 1743 GLY X CA  1 
ATOM   732  C  C   . GLY A 1 98  ? -7.146  -5.479  -13.633 1.00 29.40  ? 1743 GLY X C   1 
ATOM   733  O  O   . GLY A 1 98  ? -7.435  -6.238  -12.708 1.00 29.67  ? 1743 GLY X O   1 
ATOM   734  N  N   . ARG A 1 99  ? -8.014  -4.667  -14.224 1.00 29.70  ? 1744 ARG X N   1 
ATOM   735  C  CA  . ARG A 1 99  ? -9.432  -4.575  -13.851 1.00 30.05  ? 1744 ARG X CA  1 
ATOM   736  C  C   . ARG A 1 99  ? -9.901  -5.298  -12.579 1.00 30.14  ? 1744 ARG X C   1 
ATOM   737  O  O   . ARG A 1 99  ? -9.863  -4.704  -11.538 1.00 29.88  ? 1744 ARG X O   1 
ATOM   738  C  CB  . ARG A 1 99  ? -10.362 -4.859  -15.055 1.00 30.10  ? 1744 ARG X CB  1 
ATOM   739  N  N   . ASN A 1 100 ? -10.256 -6.580  -12.651 1.00 30.28  ? 1745 ASN X N   1 
ATOM   740  C  CA  . ASN A 1 100 ? -10.900 -7.253  -11.506 1.00 30.57  ? 1745 ASN X CA  1 
ATOM   741  C  C   . ASN A 1 100 ? -10.196 -7.611  -10.142 1.00 30.90  ? 1745 ASN X C   1 
ATOM   742  O  O   . ASN A 1 100 ? -10.840 -7.383  -9.118  1.00 30.97  ? 1745 ASN X O   1 
ATOM   743  C  CB  . ASN A 1 100 ? -11.792 -8.400  -11.993 1.00 30.39  ? 1745 ASN X CB  1 
ATOM   744  N  N   . HIS A 1 101 ? -8.961  -8.151  -10.092 1.00 30.96  ? 1746 HIS X N   1 
ATOM   745  C  CA  . HIS A 1 101 ? -8.326  -8.518  -8.774  1.00 31.51  ? 1746 HIS X CA  1 
ATOM   746  C  C   . HIS A 1 101 ? -8.676  -7.553  -7.643  1.00 31.60  ? 1746 HIS X C   1 
ATOM   747  O  O   . HIS A 1 101 ? -8.669  -6.350  -7.820  1.00 31.93  ? 1746 HIS X O   1 
ATOM   748  C  CB  . HIS A 1 101 ? -6.815  -8.716  -8.860  1.00 31.16  ? 1746 HIS X CB  1 
ATOM   749  N  N   . GLN A 1 102 ? -9.003  -8.055  -6.471  1.00 31.40  ? 1747 GLN X N   1 
ATOM   750  C  CA  . GLN A 1 102 ? -9.656  -7.126  -5.572  1.00 31.17  ? 1747 GLN X CA  1 
ATOM   751  C  C   . GLN A 1 102 ? -8.816  -6.665  -4.440  1.00 30.83  ? 1747 GLN X C   1 
ATOM   752  O  O   . GLN A 1 102 ? -9.193  -6.859  -3.294  1.00 31.06  ? 1747 GLN X O   1 
ATOM   753  C  CB  . GLN A 1 102 ? -10.950 -7.703  -5.078  1.00 31.34  ? 1747 GLN X CB  1 
ATOM   754  N  N   . GLY A 1 103 ? -7.689  -6.051  -4.778  1.00 30.22  ? 1748 GLY X N   1 
ATOM   755  C  CA  . GLY A 1 103 ? -6.764  -5.532  -3.792  1.00 29.89  ? 1748 GLY X CA  1 
ATOM   756  C  C   . GLY A 1 103 ? -7.393  -4.956  -2.536  1.00 29.37  ? 1748 GLY X C   1 
ATOM   757  O  O   . GLY A 1 103 ? -7.343  -5.609  -1.486  1.00 29.24  ? 1748 GLY X O   1 
ATOM   758  N  N   . PRO A 1 104 ? -7.992  -3.763  -2.640  1.00 28.91  ? 1749 PRO X N   1 
ATOM   759  C  CA  . PRO A 1 104 ? -8.657  -3.124  -1.501  1.00 28.74  ? 1749 PRO X CA  1 
ATOM   760  C  C   . PRO A 1 104 ? -9.693  -4.005  -0.828  1.00 28.81  ? 1749 PRO X C   1 
ATOM   761  O  O   . PRO A 1 104 ? -9.757  -3.932  0.384   1.00 28.86  ? 1749 PRO X O   1 
ATOM   762  C  CB  . PRO A 1 104 ? -9.344  -1.909  -2.133  1.00 28.36  ? 1749 PRO X CB  1 
ATOM   763  C  CG  . PRO A 1 104 ? -8.518  -1.595  -3.277  1.00 28.11  ? 1749 PRO X CG  1 
ATOM   764  C  CD  . PRO A 1 104 ? -8.047  -2.903  -3.836  1.00 28.51  ? 1749 PRO X CD  1 
ATOM   765  N  N   . LYS A 1 105 ? -10.437 -4.820  -1.576  1.00 28.97  ? 1750 LYS X N   1 
ATOM   766  C  CA  . LYS A 1 105 ? -11.462 -5.688  -0.987  1.00 29.34  ? 1750 LYS X CA  1 
ATOM   767  C  C   . LYS A 1 105 ? -10.920 -6.754  -0.047  1.00 29.51  ? 1750 LYS X C   1 
ATOM   768  O  O   . LYS A 1 105 ? -11.430 -6.885  1.068   1.00 29.52  ? 1750 LYS X O   1 
ATOM   769  C  CB  . LYS A 1 105 ? -12.338 -6.324  -2.054  1.00 29.30  ? 1750 LYS X CB  1 
ATOM   770  N  N   . ARG A 1 106 ? -9.905  -7.510  -0.517  1.00 29.78  ? 1751 ARG X N   1 
ATOM   771  C  CA  . ARG A 1 106 ? -9.291  -8.473  0.382   1.00 30.13  ? 1751 ARG X CA  1 
ATOM   772  C  C   . ARG A 1 106 ? -8.878  -7.820  1.693   1.00 30.78  ? 1751 ARG X C   1 
ATOM   773  O  O   . ARG A 1 106 ? -9.128  -8.310  2.745   1.00 30.72  ? 1751 ARG X O   1 
ATOM   774  C  CB  . ARG A 1 106 ? -8.093  -9.130  -0.284  1.00 29.77  ? 1751 ARG X CB  1 
ATOM   775  N  N   . ALA A 1 107 ? -8.373  -6.585  1.499   1.00 31.51  ? 1752 ALA X N   1 
ATOM   776  C  CA  . ALA A 1 107 ? -7.863  -5.807  2.614   1.00 32.50  ? 1752 ALA X CA  1 
ATOM   777  C  C   . ALA A 1 107 ? -8.880  -5.297  3.620   1.00 33.05  ? 1752 ALA X C   1 
ATOM   778  O  O   . ALA A 1 107 ? -8.670  -5.500  4.816   1.00 33.28  ? 1752 ALA X O   1 
ATOM   779  C  CB  . ALA A 1 107 ? -6.961  -4.671  2.129   1.00 32.41  ? 1752 ALA X CB  1 
ATOM   780  N  N   . ARG A 1 108 ? -9.960  -4.650  3.169   1.00 33.70  ? 1753 ARG X N   1 
ATOM   781  C  CA  . ARG A 1 108 ? -10.964 -4.159  4.116   1.00 34.43  ? 1753 ARG X CA  1 
ATOM   782  C  C   . ARG A 1 108 ? -11.356 -5.314  5.011   1.00 34.91  ? 1753 ARG X C   1 
ATOM   783  O  O   . ARG A 1 108 ? -11.374 -5.177  6.223   1.00 35.18  ? 1753 ARG X O   1 
ATOM   784  C  CB  . ARG A 1 108 ? -12.230 -3.590  3.463   1.00 34.54  ? 1753 ARG X CB  1 
ATOM   785  C  CG  . ARG A 1 108 ? -12.251 -3.393  1.960   1.00 34.55  ? 1753 ARG X CG  1 
ATOM   786  C  CD  . ARG A 1 108 ? -13.448 -2.597  1.429   1.00 35.39  ? 1753 ARG X CD  1 
ATOM   787  N  NE  . ARG A 1 108 ? -14.679 -3.385  1.327   1.00 36.43  ? 1753 ARG X NE  1 
ATOM   788  C  CZ  . ARG A 1 108 ? -15.579 -3.510  2.301   1.00 36.97  ? 1753 ARG X CZ  1 
ATOM   789  N  NH1 . ARG A 1 108 ? -15.402 -2.883  3.457   1.00 37.53  ? 1753 ARG X NH1 1 
ATOM   790  N  NH2 . ARG A 1 108 ? -16.667 -4.244  2.118   1.00 37.35  ? 1753 ARG X NH2 1 
ATOM   791  N  N   . GLU A 1 109 ? -11.594 -6.469  4.399   1.00 35.60  ? 1754 GLU X N   1 
ATOM   792  C  CA  . GLU A 1 109 ? -11.983 -7.667  5.129   1.00 36.38  ? 1754 GLU X CA  1 
ATOM   793  C  C   . GLU A 1 109 ? -10.887 -8.280  6.021   1.00 36.88  ? 1754 GLU X C   1 
ATOM   794  O  O   . GLU A 1 109 ? -11.052 -8.348  7.241   1.00 37.04  ? 1754 GLU X O   1 
ATOM   795  C  CB  . GLU A 1 109 ? -12.525 -8.710  4.164   1.00 36.35  ? 1754 GLU X CB  1 
ATOM   796  N  N   . SER A 1 110 ? -9.792  -8.738  5.415   1.00 37.37  ? 1755 SER X N   1 
ATOM   797  C  CA  . SER A 1 110 ? -8.700  -9.366  6.159   1.00 37.81  ? 1755 SER X CA  1 
ATOM   798  C  C   . SER A 1 110 ? -7.971  -8.343  7.030   1.00 38.31  ? 1755 SER X C   1 
ATOM   799  O  O   . SER A 1 110 ? -7.442  -7.350  6.539   1.00 38.87  ? 1755 SER X O   1 
ATOM   800  C  CB  . SER A 1 110 ? -7.710  -10.061 5.215   1.00 37.69  ? 1755 SER X CB  1 
ATOM   801  O  OG  . SER A 1 110 ? -8.362  -10.594 4.072   1.00 37.44  ? 1755 SER X OG  1 
ATOM   802  N  N   . GLN A 1 111 ? -7.992  -8.577  8.334   1.00 38.57  ? 1756 GLN X N   1 
ATOM   803  C  CA  . GLN A 1 111 ? -7.336  -7.714  9.300   1.00 38.82  ? 1756 GLN X CA  1 
ATOM   804  C  C   . GLN A 1 111 ? -6.919  -8.685  10.367  1.00 39.13  ? 1756 GLN X C   1 
ATOM   805  O  O   . GLN A 1 111 ? -6.046  -8.404  11.191  1.00 39.34  ? 1756 GLN X O   1 
ATOM   806  C  CB  . GLN A 1 111 ? -8.293  -6.699  9.861   1.00 38.88  ? 1756 GLN X CB  1 
ATOM   807  N  N   . ASP A 1 112 ? -7.594  -9.828  10.357  1.00 39.19  ? 1757 ASP X N   1 
ATOM   808  C  CA  . ASP A 1 112 ? -7.188  -10.942 11.169  1.00 39.36  ? 1757 ASP X CA  1 
ATOM   809  C  C   . ASP A 1 112 ? -5.922  -11.413 10.471  1.00 39.39  ? 1757 ASP X C   1 
ATOM   810  O  O   . ASP A 1 112 ? -4.812  -11.071 10.887  1.00 39.70  ? 1757 ASP X O   1 
ATOM   811  C  CB  . ASP A 1 112 ? -8.247  -12.029 11.160  1.00 39.43  ? 1757 ASP X CB  1 
ATOM   812  N  N   . ARG A 1 113 ? -6.082  -12.141 9.374   1.00 39.15  ? 1758 ARG X N   1 
ATOM   813  C  CA  . ARG A 1 113 ? -4.923  -12.641 8.647   1.00 38.84  ? 1758 ARG X CA  1 
ATOM   814  C  C   . ARG A 1 113 ? -4.309  -11.569 7.749   1.00 38.49  ? 1758 ARG X C   1 
ATOM   815  O  O   . ARG A 1 113 ? -4.812  -11.298 6.661   1.00 38.59  ? 1758 ARG X O   1 
ATOM   816  C  CB  . ARG A 1 113 ? -5.281  -13.892 7.846   1.00 38.84  ? 1758 ARG X CB  1 
ATOM   817  N  N   . LYS A 1 114 ? -3.231  -10.956 8.229   1.00 38.08  ? 1759 LYS X N   1 
ATOM   818  C  CA  . LYS A 1 114 ? -2.498  -9.942  7.474   1.00 37.73  ? 1759 LYS X CA  1 
ATOM   819  C  C   . LYS A 1 114 ? -1.412  -10.618 6.660   1.00 37.52  ? 1759 LYS X C   1 
ATOM   820  O  O   . LYS A 1 114 ? -0.763  -11.526 7.145   1.00 37.51  ? 1759 LYS X O   1 
ATOM   821  C  CB  . LYS A 1 114 ? -1.870  -8.930  8.419   1.00 37.55  ? 1759 LYS X CB  1 
ATOM   822  C  CG  . LYS A 1 114 ? -2.874  -8.098  9.154   1.00 37.47  ? 1759 LYS X CG  1 
ATOM   823  C  CD  . LYS A 1 114 ? -2.276  -6.811  9.667   1.00 36.58  ? 1759 LYS X CD  1 
ATOM   824  C  CE  . LYS A 1 114 ? -3.183  -6.219  10.729  1.00 36.28  ? 1759 LYS X CE  1 
ATOM   825  N  NZ  . LYS A 1 114 ? -2.834  -4.819  11.079  1.00 35.74  ? 1759 LYS X NZ  1 
ATOM   826  N  N   . ILE A 1 115 ? -1.191  -10.158 5.435   1.00 37.19  ? 1760 ILE X N   1 
ATOM   827  C  CA  . ILE A 1 115 ? -0.227  -10.805 4.539   1.00 36.79  ? 1760 ILE X CA  1 
ATOM   828  C  C   . ILE A 1 115 ? 1.214   -10.915 5.052   1.00 36.35  ? 1760 ILE X C   1 
ATOM   829  O  O   . ILE A 1 115 ? 1.962   -11.792 4.626   1.00 36.03  ? 1760 ILE X O   1 
ATOM   830  C  CB  . ILE A 1 115 ? -0.243  -10.117 3.186   1.00 36.77  ? 1760 ILE X CB  1 
ATOM   831  C  CG1 . ILE A 1 115 ? 0.375   -8.725  3.295   1.00 36.93  ? 1760 ILE X CG1 1 
ATOM   832  C  CG2 . ILE A 1 115 ? -1.654  -9.985  2.731   1.00 37.34  ? 1760 ILE X CG2 1 
ATOM   833  C  CD1 . ILE A 1 115 ? 0.693   -8.099  1.990   1.00 37.77  ? 1760 ILE X CD1 1 
ATOM   834  N  N   . PHE A 1 116 ? 1.607   -10.047 5.971   1.00 35.91  ? 1761 PHE X N   1 
ATOM   835  C  CA  . PHE A 1 116 ? 2.959   -10.119 6.475   1.00 35.89  ? 1761 PHE X CA  1 
ATOM   836  C  C   . PHE A 1 116 ? 2.886   -10.567 7.912   1.00 36.09  ? 1761 PHE X C   1 
ATOM   837  O  O   . PHE A 1 116 ? 3.560   -10.026 8.778   1.00 36.10  ? 1761 PHE X O   1 
ATOM   838  C  CB  . PHE A 1 116 ? 3.677   -8.790  6.323   1.00 35.70  ? 1761 PHE X CB  1 
ATOM   839  C  CG  . PHE A 1 116 ? 3.898   -8.388  4.896   1.00 34.87  ? 1761 PHE X CG  1 
ATOM   840  C  CD1 . PHE A 1 116 ? 4.014   -7.063  4.554   1.00 33.63  ? 1761 PHE X CD1 1 
ATOM   841  C  CD2 . PHE A 1 116 ? 4.015   -9.338  3.900   1.00 34.12  ? 1761 PHE X CD2 1 
ATOM   842  C  CE1 . PHE A 1 116 ? 4.212   -6.697  3.258   1.00 33.50  ? 1761 PHE X CE1 1 
ATOM   843  C  CE2 . PHE A 1 116 ? 4.210   -8.969  2.605   1.00 33.45  ? 1761 PHE X CE2 1 
ATOM   844  C  CZ  . PHE A 1 116 ? 4.322   -7.653  2.284   1.00 32.87  ? 1761 PHE X CZ  1 
ATOM   845  N  N   . ARG A 1 117 ? 2.056   -11.599 8.083   1.00 36.20  ? 1762 ARG X N   1 
ATOM   846  C  CA  . ARG A 1 117 ? 1.633   -12.227 9.326   1.00 35.92  ? 1762 ARG X CA  1 
ATOM   847  C  C   . ARG A 1 117 ? 2.603   -12.045 10.471  1.00 35.33  ? 1762 ARG X C   1 
ATOM   848  O  O   . ARG A 1 117 ? 2.496   -11.073 11.217  1.00 35.51  ? 1762 ARG X O   1 
ATOM   849  C  CB  . ARG A 1 117 ? 1.342   -13.704 9.052   1.00 36.35  ? 1762 ARG X CB  1 
ATOM   850  C  CG  . ARG A 1 117 ? 0.056   -14.245 9.683   1.00 38.21  ? 1762 ARG X CG  1 
ATOM   851  C  CD  . ARG A 1 117 ? -1.242  -14.048 8.899   1.00 40.49  ? 1762 ARG X CD  1 
ATOM   852  N  NE  . ARG A 1 117 ? -1.176  -14.459 7.494   1.00 42.84  ? 1762 ARG X NE  1 
ATOM   853  C  CZ  . ARG A 1 117 ? -1.583  -15.640 7.038   1.00 44.28  ? 1762 ARG X CZ  1 
ATOM   854  N  NH1 . ARG A 1 117 ? -2.071  -16.543 7.879   1.00 44.72  ? 1762 ARG X NH1 1 
ATOM   855  N  NH2 . ARG A 1 117 ? -1.501  -15.923 5.743   1.00 45.15  ? 1762 ARG X NH2 1 
ATOM   856  N  N   . GLY A 1 118 ? 3.544   -12.978 10.603  1.00 34.58  ? 1763 GLY X N   1 
ATOM   857  C  CA  . GLY A 1 118 ? 4.603   -12.886 11.590  1.00 33.04  ? 1763 GLY X CA  1 
ATOM   858  C  C   . GLY A 1 118 ? 5.909   -12.806 10.819  1.00 32.14  ? 1763 GLY X C   1 
ATOM   859  O  O   . GLY A 1 118 ? 6.581   -13.815 10.630  1.00 32.02  ? 1763 GLY X O   1 
ATOM   860  N  N   . LEU A 1 119 ? 6.259   -11.610 10.348  1.00 31.02  ? 1764 LEU X N   1 
ATOM   861  C  CA  . LEU A 1 119 ? 7.467   -11.443 9.540   1.00 29.76  ? 1764 LEU X CA  1 
ATOM   862  C  C   . LEU A 1 119 ? 8.410   -10.360 10.058  1.00 28.80  ? 1764 LEU X C   1 
ATOM   863  O  O   . LEU A 1 119 ? 7.978   -9.380  10.655  1.00 28.93  ? 1764 LEU X O   1 
ATOM   864  C  CB  . LEU A 1 119 ? 7.091   -11.104 8.094   1.00 29.86  ? 1764 LEU X CB  1 
ATOM   865  C  CG  . LEU A 1 119 ? 6.372   -12.113 7.192   1.00 29.85  ? 1764 LEU X CG  1 
ATOM   866  C  CD1 . LEU A 1 119 ? 6.271   -11.556 5.789   1.00 29.51  ? 1764 LEU X CD1 1 
ATOM   867  C  CD2 . LEU A 1 119 ? 7.109   -13.432 7.153   1.00 29.89  ? 1764 LEU X CD2 1 
ATOM   868  N  N   . GLU A 1 120 ? 9.703   -10.543 9.830   1.00 27.37  ? 1765 GLU X N   1 
ATOM   869  C  CA  . GLU A 1 120 ? 10.668  -9.508  10.160  1.00 26.23  ? 1765 GLU X CA  1 
ATOM   870  C  C   . GLU A 1 120 ? 11.225  -9.000  8.858   1.00 25.28  ? 1765 GLU X C   1 
ATOM   871  O  O   . GLU A 1 120 ? 11.868  -9.726  8.112   1.00 25.05  ? 1765 GLU X O   1 
ATOM   872  C  CB  . GLU A 1 120 ? 11.780  -10.002 11.084  1.00 26.55  ? 1765 GLU X CB  1 
ATOM   873  C  CG  . GLU A 1 120 ? 11.543  -9.630  12.537  1.00 26.96  ? 1765 GLU X CG  1 
ATOM   874  C  CD  . GLU A 1 120 ? 12.650  -10.077 13.474  1.00 27.87  ? 1765 GLU X CD  1 
ATOM   875  O  OE1 . GLU A 1 120 ? 13.693  -10.589 13.005  1.00 27.72  ? 1765 GLU X OE1 1 
ATOM   876  O  OE2 . GLU A 1 120 ? 12.462  -9.905  14.694  1.00 28.15  ? 1765 GLU X OE2 1 
ATOM   877  N  N   . ILE A 1 121 ? 10.942  -7.743  8.572   1.00 24.36  ? 1766 ILE X N   1 
ATOM   878  C  CA  . ILE A 1 121 ? 11.310  -7.161  7.301   1.00 23.43  ? 1766 ILE X CA  1 
ATOM   879  C  C   . ILE A 1 121 ? 12.344  -6.066  7.468   1.00 23.08  ? 1766 ILE X C   1 
ATOM   880  O  O   . ILE A 1 121 ? 12.298  -5.280  8.418   1.00 22.95  ? 1766 ILE X O   1 
ATOM   881  C  CB  . ILE A 1 121 ? 10.025  -6.677  6.580   1.00 23.32  ? 1766 ILE X CB  1 
ATOM   882  C  CG1 . ILE A 1 121 ? 9.095   -7.874  6.388   1.00 22.91  ? 1766 ILE X CG1 1 
ATOM   883  C  CG2 . ILE A 1 121 ? 10.330  -6.021  5.243   1.00 22.85  ? 1766 ILE X CG2 1 
ATOM   884  C  CD1 . ILE A 1 121 ? 8.022   -7.709  5.379   1.00 23.96  ? 1766 ILE X CD1 1 
ATOM   885  N  N   . CYS A 1 122 ? 13.311  -6.053  6.561   1.00 22.57  ? 1767 CYS X N   1 
ATOM   886  C  CA  . CYS A 1 122 ? 14.337  -5.031  6.579   1.00 22.08  ? 1767 CYS X CA  1 
ATOM   887  C  C   . CYS A 1 122 ? 14.448  -4.308  5.256   1.00 21.59  ? 1767 CYS X C   1 
ATOM   888  O  O   . CYS A 1 122 ? 14.853  -4.885  4.264   1.00 21.72  ? 1767 CYS X O   1 
ATOM   889  C  CB  . CYS A 1 122 ? 15.683  -5.627  6.919   1.00 21.61  ? 1767 CYS X CB  1 
ATOM   890  S  SG  . CYS A 1 122 ? 16.943  -4.352  7.040   1.00 22.28  ? 1767 CYS X SG  1 
ATOM   891  N  N   . CYS A 1 123 ? 14.087  -3.037  5.243   1.00 21.42  ? 1768 CYS X N   1 
ATOM   892  C  CA  . CYS A 1 123 ? 14.202  -2.247  4.033   1.00 21.38  ? 1768 CYS X CA  1 
ATOM   893  C  C   . CYS A 1 123 ? 15.602  -1.693  4.061   1.00 21.71  ? 1768 CYS X C   1 
ATOM   894  O  O   . CYS A 1 123 ? 15.902  -0.732  4.769   1.00 22.01  ? 1768 CYS X O   1 
ATOM   895  C  CB  . CYS A 1 123 ? 13.130  -1.165  3.999   1.00 21.12  ? 1768 CYS X CB  1 
ATOM   896  S  SG  . CYS A 1 123 ? 11.480  -1.911  3.997   1.00 20.20  ? 1768 CYS X SG  1 
ATOM   897  N  N   . TYR A 1 124 ? 16.468  -2.332  3.289   1.00 21.84  ? 1769 TYR X N   1 
ATOM   898  C  CA  . TYR A 1 124 ? 17.885  -2.056  3.351   1.00 21.96  ? 1769 TYR X CA  1 
ATOM   899  C  C   . TYR A 1 124 ? 18.412  -1.300  2.159   1.00 22.25  ? 1769 TYR X C   1 
ATOM   900  O  O   . TYR A 1 124 ? 18.092  -1.618  1.024   1.00 22.00  ? 1769 TYR X O   1 
ATOM   901  C  CB  . TYR A 1 124 ? 18.636  -3.382  3.468   1.00 21.83  ? 1769 TYR X CB  1 
ATOM   902  C  CG  . TYR A 1 124 ? 20.126  -3.228  3.582   1.00 21.81  ? 1769 TYR X CG  1 
ATOM   903  C  CD1 . TYR A 1 124 ? 20.694  -2.744  4.744   1.00 22.50  ? 1769 TYR X CD1 1 
ATOM   904  C  CD2 . TYR A 1 124 ? 20.964  -3.551  2.525   1.00 21.69  ? 1769 TYR X CD2 1 
ATOM   905  C  CE1 . TYR A 1 124 ? 22.063  -2.595  4.862   1.00 23.57  ? 1769 TYR X CE1 1 
ATOM   906  C  CE2 . TYR A 1 124 ? 22.333  -3.395  2.633   1.00 22.51  ? 1769 TYR X CE2 1 
ATOM   907  C  CZ  . TYR A 1 124 ? 22.879  -2.926  3.805   1.00 23.21  ? 1769 TYR X CZ  1 
ATOM   908  O  OH  . TYR A 1 124 ? 24.241  -2.774  3.928   1.00 23.32  ? 1769 TYR X OH  1 
ATOM   909  N  N   . GLY A 1 125 ? 19.263  -0.323  2.430   1.00 23.04  ? 1770 GLY X N   1 
ATOM   910  C  CA  . GLY A 1 125 ? 19.892  0.442   1.380   1.00 24.34  ? 1770 GLY X CA  1 
ATOM   911  C  C   . GLY A 1 125 ? 19.018  1.583   0.913   1.00 25.54  ? 1770 GLY X C   1 
ATOM   912  O  O   . GLY A 1 125 ? 17.936  1.812   1.455   1.00 25.56  ? 1770 GLY X O   1 
ATOM   913  N  N   . PRO A 1 126 ? 19.497  2.301   -0.099  1.00 26.26  ? 1771 PRO X N   1 
ATOM   914  C  CA  . PRO A 1 126 ? 18.811  3.480   -0.630  1.00 26.81  ? 1771 PRO X CA  1 
ATOM   915  C  C   . PRO A 1 126 ? 17.480  3.150   -1.278  1.00 27.58  ? 1771 PRO X C   1 
ATOM   916  O  O   . PRO A 1 126 ? 17.338  2.066   -1.835  1.00 27.77  ? 1771 PRO X O   1 
ATOM   917  C  CB  . PRO A 1 126 ? 19.794  4.000   -1.681  1.00 26.69  ? 1771 PRO X CB  1 
ATOM   918  C  CG  . PRO A 1 126 ? 21.094  3.407   -1.305  1.00 26.41  ? 1771 PRO X CG  1 
ATOM   919  C  CD  . PRO A 1 126 ? 20.764  2.041   -0.802  1.00 26.26  ? 1771 PRO X CD  1 
ATOM   920  N  N   . PHE A 1 127 ? 16.521  4.073   -1.172  1.00 28.32  ? 1772 PHE X N   1 
ATOM   921  C  CA  . PHE A 1 127 ? 15.199  3.934   -1.775  1.00 28.85  ? 1772 PHE X CA  1 
ATOM   922  C  C   . PHE A 1 127 ? 14.827  5.255   -2.475  1.00 30.52  ? 1772 PHE X C   1 
ATOM   923  O  O   . PHE A 1 127 ? 15.315  6.309   -2.069  1.00 30.68  ? 1772 PHE X O   1 
ATOM   924  C  CB  . PHE A 1 127 ? 14.174  3.493   -0.724  1.00 27.91  ? 1772 PHE X CB  1 
ATOM   925  C  CG  . PHE A 1 127 ? 14.200  2.012   -0.449  1.00 25.17  ? 1772 PHE X CG  1 
ATOM   926  C  CD1 . PHE A 1 127 ? 15.005  1.492   0.548   1.00 22.00  ? 1772 PHE X CD1 1 
ATOM   927  C  CD2 . PHE A 1 127 ? 13.439  1.135   -1.209  1.00 22.93  ? 1772 PHE X CD2 1 
ATOM   928  C  CE1 . PHE A 1 127 ? 15.062  0.127   0.797   1.00 19.62  ? 1772 PHE X CE1 1 
ATOM   929  C  CE2 . PHE A 1 127 ? 13.490  -0.242  -0.965  1.00 21.79  ? 1772 PHE X CE2 1 
ATOM   930  C  CZ  . PHE A 1 127 ? 14.305  -0.741  0.048   1.00 20.10  ? 1772 PHE X CZ  1 
ATOM   931  N  N   . THR A 1 128 ? 13.991  5.217   -3.523  1.00 32.28  ? 1773 THR X N   1 
ATOM   932  C  CA  . THR A 1 128 ? 13.706  6.441   -4.302  1.00 34.04  ? 1773 THR X CA  1 
ATOM   933  C  C   . THR A 1 128 ? 12.334  7.101   -4.237  1.00 35.35  ? 1773 THR X C   1 
ATOM   934  O  O   . THR A 1 128 ? 12.189  8.183   -3.679  1.00 35.76  ? 1773 THR X O   1 
ATOM   935  C  CB  . THR A 1 128 ? 13.999  6.242   -5.800  1.00 33.98  ? 1773 THR X CB  1 
ATOM   936  O  OG1 . THR A 1 128 ? 13.096  5.274   -6.351  1.00 34.08  ? 1773 THR X OG1 1 
ATOM   937  C  CG2 . THR A 1 128 ? 15.364  5.658   -6.018  1.00 34.14  ? 1773 THR X CG2 1 
ATOM   938  N  N   . ASN A 1 129 ? 11.348  6.503   -4.897  1.00 36.90  ? 1774 ASN X N   1 
ATOM   939  C  CA  . ASN A 1 129 ? 10.029  7.114   -4.962  1.00 38.44  ? 1774 ASN X CA  1 
ATOM   940  C  C   . ASN A 1 129 ? 9.269   6.796   -3.708  1.00 38.95  ? 1774 ASN X C   1 
ATOM   941  O  O   . ASN A 1 129 ? 8.390   7.547   -3.300  1.00 39.54  ? 1774 ASN X O   1 
ATOM   942  C  CB  . ASN A 1 129 ? 9.261   6.660   -6.200  1.00 38.80  ? 1774 ASN X CB  1 
ATOM   943  C  CG  . ASN A 1 129 ? 9.898   7.153   -7.472  1.00 40.47  ? 1774 ASN X CG  1 
ATOM   944  O  OD1 . ASN A 1 129 ? 10.681  6.443   -8.102  1.00 42.50  ? 1774 ASN X OD1 1 
ATOM   945  N  ND2 . ASN A 1 129 ? 9.595   8.393   -7.845  1.00 42.81  ? 1774 ASN X ND2 1 
ATOM   946  N  N   . ARG A 1 130 ? 9.627   5.675   -3.096  1.00 39.24  ? 1775 ARG X N   1 
ATOM   947  C  CA  . ARG A 1 130 ? 9.013   5.247   -1.859  1.00 39.43  ? 1775 ARG X CA  1 
ATOM   948  C  C   . ARG A 1 130 ? 10.042  5.257   -0.752  1.00 39.37  ? 1775 ARG X C   1 
ATOM   949  O  O   . ARG A 1 130 ? 10.857  4.330   -0.679  1.00 39.29  ? 1775 ARG X O   1 
ATOM   950  C  CB  . ARG A 1 130 ? 8.511   3.816   -1.990  1.00 39.72  ? 1775 ARG X CB  1 
ATOM   951  C  CG  . ARG A 1 130 ? 7.951   3.470   -3.336  1.00 40.53  ? 1775 ARG X CG  1 
ATOM   952  C  CD  . ARG A 1 130 ? 6.572   4.014   -3.536  1.00 42.15  ? 1775 ARG X CD  1 
ATOM   953  N  NE  . ARG A 1 130 ? 6.068   3.710   -4.864  1.00 42.07  ? 1775 ARG X NE  1 
ATOM   954  C  CZ  . ARG A 1 130 ? 5.520   4.612   -5.654  1.00 42.47  ? 1775 ARG X CZ  1 
ATOM   955  N  NH1 . ARG A 1 130 ? 5.408   5.868   -5.246  1.00 41.54  ? 1775 ARG X NH1 1 
ATOM   956  N  NH2 . ARG A 1 130 ? 5.084   4.260   -6.850  1.00 43.03  ? 1775 ARG X NH2 1 
ATOM   957  N  N   . PRO A 1 131 ? 10.097  6.342   0.021   1.00 39.18  ? 1776 PRO X N   1 
ATOM   958  C  CA  . PRO A 1 131 ? 10.888  6.415   1.248   1.00 39.17  ? 1776 PRO X CA  1 
ATOM   959  C  C   . PRO A 1 131 ? 10.921  5.177   2.142   1.00 39.03  ? 1776 PRO X C   1 
ATOM   960  O  O   . PRO A 1 131 ? 9.924   4.462   2.287   1.00 39.07  ? 1776 PRO X O   1 
ATOM   961  C  CB  . PRO A 1 131 ? 10.274  7.624   1.949   1.00 39.13  ? 1776 PRO X CB  1 
ATOM   962  C  CG  . PRO A 1 131 ? 9.998   8.551   0.815   1.00 39.11  ? 1776 PRO X CG  1 
ATOM   963  C  CD  . PRO A 1 131 ? 9.605   7.680   -0.343  1.00 39.05  ? 1776 PRO X CD  1 
ATOM   964  N  N   . THR A 1 132 ? 12.098  4.925   2.705   1.00 38.82  ? 1777 THR X N   1 
ATOM   965  C  CA  . THR A 1 132 ? 12.303  3.815   3.624   1.00 38.76  ? 1777 THR X CA  1 
ATOM   966  C  C   . THR A 1 132 ? 11.224  3.780   4.689   1.00 38.85  ? 1777 THR X C   1 
ATOM   967  O  O   . THR A 1 132 ? 10.681  2.715   4.960   1.00 38.77  ? 1777 THR X O   1 
ATOM   968  C  CB  . THR A 1 132 ? 13.678  3.907   4.306   1.00 38.60  ? 1777 THR X CB  1 
ATOM   969  O  OG1 . THR A 1 132 ? 14.708  3.811   3.322   1.00 38.79  ? 1777 THR X OG1 1 
ATOM   970  C  CG2 . THR A 1 132 ? 13.930  2.685   5.187   1.00 38.33  ? 1777 THR X CG2 1 
ATOM   971  N  N   . ASP A 1 133 ? 10.869  4.939   5.252   1.00 38.73  ? 1778 ASP X N   1 
ATOM   972  C  CA  . ASP A 1 133 ? 9.870   4.919   6.312   1.00 38.54  ? 1778 ASP X CA  1 
ATOM   973  C  C   . ASP A 1 133 ? 8.458   4.702   5.831   1.00 37.60  ? 1778 ASP X C   1 
ATOM   974  O  O   . ASP A 1 133 ? 7.636   4.193   6.578   1.00 37.36  ? 1778 ASP X O   1 
ATOM   975  C  CB  . ASP A 1 133 ? 10.015  6.036   7.371   1.00 39.16  ? 1778 ASP X CB  1 
ATOM   976  C  CG  . ASP A 1 133 ? 9.717   7.441   6.856   1.00 41.55  ? 1778 ASP X CG  1 
ATOM   977  O  OD1 . ASP A 1 133 ? 9.004   7.644   5.842   1.00 44.40  ? 1778 ASP X OD1 1 
ATOM   978  O  OD2 . ASP A 1 133 ? 10.168  8.440   7.465   1.00 44.61  ? 1778 ASP X OD2 1 
ATOM   979  N  N   . GLN A 1 134 ? 8.193   5.050   4.577   1.00 36.82  ? 1779 GLN X N   1 
ATOM   980  C  CA  . GLN A 1 134 ? 6.858   4.838   4.038   1.00 36.31  ? 1779 GLN X CA  1 
ATOM   981  C  C   . GLN A 1 134 ? 6.674   3.373   3.710   1.00 35.24  ? 1779 GLN X C   1 
ATOM   982  O  O   . GLN A 1 134 ? 5.576   2.845   3.850   1.00 34.88  ? 1779 GLN X O   1 
ATOM   983  C  CB  . GLN A 1 134 ? 6.570   5.716   2.820   1.00 36.67  ? 1779 GLN X CB  1 
ATOM   984  C  CG  . GLN A 1 134 ? 6.466   7.199   3.145   1.00 38.28  ? 1779 GLN X CG  1 
ATOM   985  C  CD  . GLN A 1 134 ? 5.444   7.512   4.228   1.00 40.60  ? 1779 GLN X CD  1 
ATOM   986  O  OE1 . GLN A 1 134 ? 5.749   8.214   5.197   1.00 42.02  ? 1779 GLN X OE1 1 
ATOM   987  N  NE2 . GLN A 1 134 ? 4.232   7.002   4.066   1.00 41.21  ? 1779 GLN X NE2 1 
ATOM   988  N  N   . LEU A 1 135 ? 7.763   2.716   3.314   1.00 34.04  ? 1780 LEU X N   1 
ATOM   989  C  CA  . LEU A 1 135 ? 7.712   1.296   3.019   1.00 32.84  ? 1780 LEU X CA  1 
ATOM   990  C  C   . LEU A 1 135 ? 7.656   0.572   4.319   1.00 32.02  ? 1780 LEU X C   1 
ATOM   991  O  O   . LEU A 1 135 ? 7.089   -0.492  4.394   1.00 31.79  ? 1780 LEU X O   1 
ATOM   992  C  CB  . LEU A 1 135 ? 8.941   0.819   2.260   1.00 32.77  ? 1780 LEU X CB  1 
ATOM   993  C  CG  . LEU A 1 135 ? 9.008   1.024   0.748   1.00 32.75  ? 1780 LEU X CG  1 
ATOM   994  C  CD1 . LEU A 1 135 ? 10.174  0.223   0.264   1.00 32.83  ? 1780 LEU X CD1 1 
ATOM   995  C  CD2 . LEU A 1 135 ? 7.743   0.580   0.042   1.00 30.88  ? 1780 LEU X CD2 1 
ATOM   996  N  N   . GLU A 1 136 ? 8.252   1.158   5.346   1.00 31.51  ? 1781 GLU X N   1 
ATOM   997  C  CA  . GLU A 1 136 ? 8.266   0.537   6.655   1.00 31.18  ? 1781 GLU X CA  1 
ATOM   998  C  C   . GLU A 1 136 ? 6.904   0.617   7.293   1.00 30.89  ? 1781 GLU X C   1 
ATOM   999  O  O   . GLU A 1 136 ? 6.455   -0.344  7.904   1.00 30.93  ? 1781 GLU X O   1 
ATOM   1000 C  CB  . GLU A 1 136 ? 9.294   1.192   7.562   1.00 31.09  ? 1781 GLU X CB  1 
ATOM   1001 C  CG  . GLU A 1 136 ? 10.702  0.685   7.344   1.00 32.07  ? 1781 GLU X CG  1 
ATOM   1002 C  CD  . GLU A 1 136 ? 11.735  1.505   8.094   1.00 33.32  ? 1781 GLU X CD  1 
ATOM   1003 O  OE1 . GLU A 1 136 ? 11.357  2.549   8.679   1.00 34.69  ? 1781 GLU X OE1 1 
ATOM   1004 O  OE2 . GLU A 1 136 ? 12.924  1.108   8.103   1.00 32.42  ? 1781 GLU X OE2 1 
ATOM   1005 N  N   . TRP A 1 137 ? 6.250   1.763   7.141   1.00 30.63  ? 1782 TRP X N   1 
ATOM   1006 C  CA  . TRP A 1 137 ? 4.929   1.957   7.691   1.00 30.48  ? 1782 TRP X CA  1 
ATOM   1007 C  C   . TRP A 1 137 ? 3.958   1.034   6.971   1.00 30.29  ? 1782 TRP X C   1 
ATOM   1008 O  O   . TRP A 1 137 ? 3.086   0.436   7.595   1.00 29.96  ? 1782 TRP X O   1 
ATOM   1009 C  CB  . TRP A 1 137 ? 4.494   3.415   7.551   1.00 30.89  ? 1782 TRP X CB  1 
ATOM   1010 C  CG  . TRP A 1 137 ? 3.177   3.661   8.185   1.00 32.01  ? 1782 TRP X CG  1 
ATOM   1011 C  CD1 . TRP A 1 137 ? 2.695   3.054   9.299   1.00 33.33  ? 1782 TRP X CD1 1 
ATOM   1012 C  CD2 . TRP A 1 137 ? 2.160   4.564   7.749   1.00 33.38  ? 1782 TRP X CD2 1 
ATOM   1013 N  NE1 . TRP A 1 137 ? 1.435   3.516   9.584   1.00 34.61  ? 1782 TRP X NE1 1 
ATOM   1014 C  CE2 . TRP A 1 137 ? 1.083   4.449   8.649   1.00 33.97  ? 1782 TRP X CE2 1 
ATOM   1015 C  CE3 . TRP A 1 137 ? 2.048   5.472   6.693   1.00 34.47  ? 1782 TRP X CE3 1 
ATOM   1016 C  CZ2 . TRP A 1 137 ? -0.091  5.188   8.522   1.00 34.20  ? 1782 TRP X CZ2 1 
ATOM   1017 C  CZ3 . TRP A 1 137 ? 0.877   6.212   6.571   1.00 34.74  ? 1782 TRP X CZ3 1 
ATOM   1018 C  CH2 . TRP A 1 137 ? -0.176  6.059   7.478   1.00 34.32  ? 1782 TRP X CH2 1 
ATOM   1019 N  N   . MET A 1 138 ? 4.145   0.914   5.661   1.00 30.27  ? 1783 MET X N   1 
ATOM   1020 C  CA  . MET A 1 138 ? 3.346   0.041   4.817   1.00 30.52  ? 1783 MET X CA  1 
ATOM   1021 C  C   . MET A 1 138 ? 3.478   -1.380  5.321   1.00 30.77  ? 1783 MET X C   1 
ATOM   1022 O  O   . MET A 1 138 ? 2.493   -2.040  5.651   1.00 30.73  ? 1783 MET X O   1 
ATOM   1023 C  CB  . MET A 1 138 ? 3.866   0.131   3.380   1.00 30.47  ? 1783 MET X CB  1 
ATOM   1024 C  CG  . MET A 1 138 ? 3.012   -0.509  2.304   1.00 30.69  ? 1783 MET X CG  1 
ATOM   1025 S  SD  . MET A 1 138 ? 3.632   -0.072  0.648   1.00 32.10  ? 1783 MET X SD  1 
ATOM   1026 C  CE  . MET A 1 138 ? 3.919   1.643   0.862   1.00 27.99  ? 1783 MET X CE  1 
ATOM   1027 N  N   . VAL A 1 139 ? 4.726   -1.815  5.428   1.00 31.39  ? 1784 VAL X N   1 
ATOM   1028 C  CA  . VAL A 1 139 ? 5.072   -3.154  5.873   1.00 31.60  ? 1784 VAL X CA  1 
ATOM   1029 C  C   . VAL A 1 139 ? 4.570   -3.450  7.289   1.00 31.94  ? 1784 VAL X C   1 
ATOM   1030 O  O   . VAL A 1 139 ? 4.039   -4.534  7.529   1.00 32.01  ? 1784 VAL X O   1 
ATOM   1031 C  CB  . VAL A 1 139 ? 6.576   -3.408  5.626   1.00 31.49  ? 1784 VAL X CB  1 
ATOM   1032 C  CG1 . VAL A 1 139 ? 7.259   -4.079  6.779   1.00 32.05  ? 1784 VAL X CG1 1 
ATOM   1033 C  CG2 . VAL A 1 139 ? 6.760   -4.177  4.337   1.00 31.46  ? 1784 VAL X CG2 1 
ATOM   1034 N  N   . GLN A 1 140 ? 4.673   -2.472  8.191   1.00 32.38  ? 1785 GLN X N   1 
ATOM   1035 C  CA  . GLN A 1 140 ? 4.139   -2.606  9.544   1.00 33.25  ? 1785 GLN X CA  1 
ATOM   1036 C  C   . GLN A 1 140 ? 2.637   -2.801  9.522   1.00 33.53  ? 1785 GLN X C   1 
ATOM   1037 O  O   . GLN A 1 140 ? 2.119   -3.696  10.188  1.00 33.65  ? 1785 GLN X O   1 
ATOM   1038 C  CB  . GLN A 1 140 ? 4.435   -1.367  10.378  1.00 33.31  ? 1785 GLN X CB  1 
ATOM   1039 C  CG  . GLN A 1 140 ? 5.452   -1.586  11.459  1.00 35.70  ? 1785 GLN X CG  1 
ATOM   1040 C  CD  . GLN A 1 140 ? 6.039   -0.287  11.975  1.00 38.54  ? 1785 GLN X CD  1 
ATOM   1041 O  OE1 . GLN A 1 140 ? 6.528   -0.229  13.110  1.00 39.08  ? 1785 GLN X OE1 1 
ATOM   1042 N  NE2 . GLN A 1 140 ? 6.005   0.756   11.141  1.00 39.28  ? 1785 GLN X NE2 1 
ATOM   1043 N  N   . LEU A 1 141 ? 1.954   -1.970  8.734   1.00 33.84  ? 1786 LEU X N   1 
ATOM   1044 C  CA  . LEU A 1 141 ? 0.501   -2.010  8.598   1.00 34.04  ? 1786 LEU X CA  1 
ATOM   1045 C  C   . LEU A 1 141 ? -0.010  -3.357  8.106   1.00 34.21  ? 1786 LEU X C   1 
ATOM   1046 O  O   . LEU A 1 141 ? -1.147  -3.732  8.376   1.00 34.30  ? 1786 LEU X O   1 
ATOM   1047 C  CB  . LEU A 1 141 ? 0.040   -0.926  7.636   1.00 34.27  ? 1786 LEU X CB  1 
ATOM   1048 C  CG  . LEU A 1 141 ? -0.649  0.370   8.056   1.00 34.32  ? 1786 LEU X CG  1 
ATOM   1049 C  CD1 . LEU A 1 141 ? -0.522  0.659   9.532   1.00 34.95  ? 1786 LEU X CD1 1 
ATOM   1050 C  CD2 . LEU A 1 141 ? -0.079  1.485   7.225   1.00 34.18  ? 1786 LEU X CD2 1 
ATOM   1051 N  N   . CYS A 1 142 ? 0.830   -4.089  7.385   1.00 34.27  ? 1787 CYS X N   1 
ATOM   1052 C  CA  . CYS A 1 142 ? 0.445   -5.419  6.949   1.00 34.29  ? 1787 CYS X CA  1 
ATOM   1053 C  C   . CYS A 1 142 ? 0.893   -6.501  7.919   1.00 34.02  ? 1787 CYS X C   1 
ATOM   1054 O  O   . CYS A 1 142 ? 0.867   -7.677  7.577   1.00 34.19  ? 1787 CYS X O   1 
ATOM   1055 C  CB  . CYS A 1 142 ? 0.971   -5.728  5.561   1.00 34.25  ? 1787 CYS X CB  1 
ATOM   1056 S  SG  . CYS A 1 142 ? 0.591   -4.464  4.350   1.00 35.65  ? 1787 CYS X SG  1 
ATOM   1057 N  N   . GLY A 1 143 ? 1.325   -6.112  9.115   1.00 33.65  ? 1788 GLY X N   1 
ATOM   1058 C  CA  . GLY A 1 143 ? 1.604   -7.086  10.159  1.00 33.43  ? 1788 GLY X CA  1 
ATOM   1059 C  C   . GLY A 1 143 ? 3.041   -7.477  10.438  1.00 33.10  ? 1788 GLY X C   1 
ATOM   1060 O  O   . GLY A 1 143 ? 3.318   -8.218  11.377  1.00 33.15  ? 1788 GLY X O   1 
ATOM   1061 N  N   . ALA A 1 144 ? 3.960   -6.991  9.618   1.00 32.76  ? 1789 ALA X N   1 
ATOM   1062 C  CA  . ALA A 1 144 ? 5.366   -7.296  9.804   1.00 32.15  ? 1789 ALA X CA  1 
ATOM   1063 C  C   . ALA A 1 144 ? 6.005   -6.493  10.926  1.00 31.77  ? 1789 ALA X C   1 
ATOM   1064 O  O   . ALA A 1 144 ? 5.411   -5.565  11.482  1.00 31.59  ? 1789 ALA X O   1 
ATOM   1065 C  CB  . ALA A 1 144 ? 6.109   -7.054  8.536   1.00 32.26  ? 1789 ALA X CB  1 
ATOM   1066 N  N   . SER A 1 145 ? 7.230   -6.877  11.256  1.00 31.14  ? 1790 SER X N   1 
ATOM   1067 C  CA  . SER A 1 145 ? 8.002   -6.179  12.258  1.00 30.66  ? 1790 SER X CA  1 
ATOM   1068 C  C   . SER A 1 145 ? 9.208   -5.579  11.554  1.00 30.15  ? 1790 SER X C   1 
ATOM   1069 O  O   . SER A 1 145 ? 9.846   -6.213  10.718  1.00 30.02  ? 1790 SER X O   1 
ATOM   1070 C  CB  . SER A 1 145 ? 8.425   -7.126  13.379  1.00 30.79  ? 1790 SER X CB  1 
ATOM   1071 O  OG  . SER A 1 145 ? 8.983   -6.402  14.465  1.00 30.94  ? 1790 SER X OG  1 
ATOM   1072 N  N   . VAL A 1 146 ? 9.523   -4.346  11.892  1.00 29.51  ? 1791 VAL X N   1 
ATOM   1073 C  CA  . VAL A 1 146 ? 10.563  -3.663  11.172  1.00 29.11  ? 1791 VAL X CA  1 
ATOM   1074 C  C   . VAL A 1 146 ? 11.901  -3.827  11.837  1.00 29.36  ? 1791 VAL X C   1 
ATOM   1075 O  O   . VAL A 1 146 ? 12.037  -3.680  13.049  1.00 29.65  ? 1791 VAL X O   1 
ATOM   1076 C  CB  . VAL A 1 146 ? 10.201  -2.186  10.991  1.00 29.04  ? 1791 VAL X CB  1 
ATOM   1077 C  CG1 . VAL A 1 146 ? 11.376  -1.374  10.480  1.00 28.30  ? 1791 VAL X CG1 1 
ATOM   1078 C  CG2 . VAL A 1 146 ? 9.009   -2.069  10.047  1.00 28.95  ? 1791 VAL X CG2 1 
ATOM   1079 N  N   . VAL A 1 147 ? 12.888  -4.191  11.035  1.00 29.28  ? 1792 VAL X N   1 
ATOM   1080 C  CA  . VAL A 1 147 ? 14.250  -4.303  11.497  1.00 29.08  ? 1792 VAL X CA  1 
ATOM   1081 C  C   . VAL A 1 147 ? 14.995  -3.176  10.777  1.00 29.07  ? 1792 VAL X C   1 
ATOM   1082 O  O   . VAL A 1 147 ? 14.759  -2.934  9.597   1.00 29.17  ? 1792 VAL X O   1 
ATOM   1083 C  CB  . VAL A 1 147 ? 14.814  -5.699  11.119  1.00 29.06  ? 1792 VAL X CB  1 
ATOM   1084 C  CG1 . VAL A 1 147 ? 16.229  -5.856  11.544  1.00 28.92  ? 1792 VAL X CG1 1 
ATOM   1085 C  CG2 . VAL A 1 147 ? 13.980  -6.794  11.743  1.00 28.85  ? 1792 VAL X CG2 1 
ATOM   1086 N  N   . LYS A 1 148 ? 15.860  -2.457  11.483  1.00 29.04  ? 1793 LYS X N   1 
ATOM   1087 C  CA  . LYS A 1 148 ? 16.642  -1.400  10.847  1.00 29.08  ? 1793 LYS X CA  1 
ATOM   1088 C  C   . LYS A 1 148 ? 18.012  -1.883  10.345  1.00 28.99  ? 1793 LYS X C   1 
ATOM   1089 O  O   . LYS A 1 148 ? 18.437  -1.511  9.254   1.00 29.06  ? 1793 LYS X O   1 
ATOM   1090 C  CB  . LYS A 1 148 ? 16.797  -0.192  11.778  1.00 29.26  ? 1793 LYS X CB  1 
ATOM   1091 N  N   . GLU A 1 149 ? 18.709  -2.702  11.130  1.00 28.69  ? 1794 GLU X N   1 
ATOM   1092 C  CA  . GLU A 1 149 ? 20.025  -3.192  10.711  1.00 28.46  ? 1794 GLU X CA  1 
ATOM   1093 C  C   . GLU A 1 149 ? 20.011  -4.695  10.508  1.00 27.63  ? 1794 GLU X C   1 
ATOM   1094 O  O   . GLU A 1 149 ? 19.452  -5.416  11.316  1.00 27.18  ? 1794 GLU X O   1 
ATOM   1095 C  CB  . GLU A 1 149 ? 21.087  -2.840  11.743  1.00 28.74  ? 1794 GLU X CB  1 
ATOM   1096 C  CG  . GLU A 1 149 ? 20.802  -1.570  12.514  1.00 31.34  ? 1794 GLU X CG  1 
ATOM   1097 C  CD  . GLU A 1 149 ? 21.842  -0.486  12.298  1.00 35.06  ? 1794 GLU X CD  1 
ATOM   1098 O  OE1 . GLU A 1 149 ? 22.959  -0.802  11.818  1.00 36.60  ? 1794 GLU X OE1 1 
ATOM   1099 O  OE2 . GLU A 1 149 ? 21.544  0.686   12.641  1.00 36.50  ? 1794 GLU X OE2 1 
ATOM   1100 N  N   . LEU A 1 150 ? 20.678  -5.164  9.455   1.00 27.10  ? 1795 LEU X N   1 
ATOM   1101 C  CA  . LEU A 1 150 ? 20.666  -6.582  9.082   1.00 26.77  ? 1795 LEU X CA  1 
ATOM   1102 C  C   . LEU A 1 150 ? 20.997  -7.528  10.228  1.00 26.57  ? 1795 LEU X C   1 
ATOM   1103 O  O   . LEU A 1 150 ? 20.419  -8.599  10.355  1.00 26.87  ? 1795 LEU X O   1 
ATOM   1104 C  CB  . LEU A 1 150 ? 21.605  -6.834  7.905   1.00 26.61  ? 1795 LEU X CB  1 
ATOM   1105 C  CG  . LEU A 1 150 ? 21.228  -6.100  6.621   1.00 26.56  ? 1795 LEU X CG  1 
ATOM   1106 C  CD1 . LEU A 1 150 ? 22.324  -6.254  5.584   1.00 26.60  ? 1795 LEU X CD1 1 
ATOM   1107 C  CD2 . LEU A 1 150 ? 19.907  -6.613  6.095   1.00 25.82  ? 1795 LEU X CD2 1 
ATOM   1108 N  N   . SER A 1 151 ? 21.907  -7.099  11.091  1.00 26.18  ? 1796 SER X N   1 
ATOM   1109 C  CA  . SER A 1 151 ? 22.297  -7.874  12.253  1.00 25.29  ? 1796 SER X CA  1 
ATOM   1110 C  C   . SER A 1 151 ? 21.260  -7.865  13.396  1.00 24.79  ? 1796 SER X C   1 
ATOM   1111 O  O   . SER A 1 151 ? 21.476  -8.500  14.419  1.00 24.33  ? 1796 SER X O   1 
ATOM   1112 C  CB  . SER A 1 151 ? 23.610  -7.330  12.766  1.00 25.34  ? 1796 SER X CB  1 
ATOM   1113 O  OG  . SER A 1 151 ? 23.404  -6.041  13.310  1.00 25.88  ? 1796 SER X OG  1 
ATOM   1114 N  N   . SER A 1 152 ? 20.132  -7.174  13.226  1.00 24.34  ? 1797 SER X N   1 
ATOM   1115 C  CA  . SER A 1 152 ? 19.127  -7.097  14.293  1.00 23.76  ? 1797 SER X CA  1 
ATOM   1116 C  C   . SER A 1 152 ? 17.964  -8.067  14.146  1.00 23.19  ? 1797 SER X C   1 
ATOM   1117 O  O   . SER A 1 152 ? 17.006  -8.011  14.921  1.00 22.90  ? 1797 SER X O   1 
ATOM   1118 C  CB  . SER A 1 152 ? 18.600  -5.675  14.465  1.00 23.89  ? 1797 SER X CB  1 
ATOM   1119 O  OG  . SER A 1 152 ? 19.668  -4.744  14.518  1.00 24.37  ? 1797 SER X OG  1 
ATOM   1120 N  N   . PHE A 1 153 ? 18.049  -8.936  13.146  1.00 22.65  ? 1798 PHE X N   1 
ATOM   1121 C  CA  . PHE A 1 153 ? 17.070  -9.995  12.966  1.00 22.33  ? 1798 PHE X CA  1 
ATOM   1122 C  C   . PHE A 1 153 ? 17.095  -10.953 14.170  1.00 22.86  ? 1798 PHE X C   1 
ATOM   1123 O  O   . PHE A 1 153 ? 18.153  -11.410 14.571  1.00 22.58  ? 1798 PHE X O   1 
ATOM   1124 C  CB  . PHE A 1 153 ? 17.397  -10.782 11.707  1.00 21.68  ? 1798 PHE X CB  1 
ATOM   1125 C  CG  . PHE A 1 153 ? 16.894  -10.156 10.451  1.00 20.01  ? 1798 PHE X CG  1 
ATOM   1126 C  CD1 . PHE A 1 153 ? 17.745  -9.935  9.385   1.00 18.51  ? 1798 PHE X CD1 1 
ATOM   1127 C  CD2 . PHE A 1 153 ? 15.562  -9.813  10.314  1.00 18.27  ? 1798 PHE X CD2 1 
ATOM   1128 C  CE1 . PHE A 1 153 ? 17.282  -9.364  8.218   1.00 17.18  ? 1798 PHE X CE1 1 
ATOM   1129 C  CE2 . PHE A 1 153 ? 15.100  -9.253  9.148   1.00 16.11  ? 1798 PHE X CE2 1 
ATOM   1130 C  CZ  . PHE A 1 153 ? 15.961  -9.036  8.100   1.00 15.64  ? 1798 PHE X CZ  1 
ATOM   1131 N  N   . THR A 1 154 ? 15.918  -11.208 14.735  1.00 23.63  ? 1799 THR X N   1 
ATOM   1132 C  CA  . THR A 1 154 ? 15.685  -12.117 15.854  1.00 24.31  ? 1799 THR X CA  1 
ATOM   1133 C  C   . THR A 1 154 ? 16.349  -13.481 15.669  1.00 25.05  ? 1799 THR X C   1 
ATOM   1134 O  O   . THR A 1 154 ? 16.255  -14.107 14.619  1.00 24.95  ? 1799 THR X O   1 
ATOM   1135 C  CB  . THR A 1 154 ? 14.146  -12.251 16.046  1.00 24.35  ? 1799 THR X CB  1 
ATOM   1136 O  OG1 . THR A 1 154 ? 13.666  -11.134 16.801  1.00 24.60  ? 1799 THR X OG1 1 
ATOM   1137 C  CG2 . THR A 1 154 ? 13.737  -13.423 16.903  1.00 24.37  ? 1799 THR X CG2 1 
ATOM   1138 N  N   . LEU A 1 155 ? 17.039  -13.939 16.709  1.00 26.31  ? 1800 LEU X N   1 
ATOM   1139 C  CA  . LEU A 1 155 ? 17.752  -15.206 16.663  1.00 27.11  ? 1800 LEU X CA  1 
ATOM   1140 C  C   . LEU A 1 155 ? 16.817  -16.372 17.001  1.00 27.72  ? 1800 LEU X C   1 
ATOM   1141 O  O   . LEU A 1 155 ? 17.245  -17.417 17.495  1.00 27.64  ? 1800 LEU X O   1 
ATOM   1142 C  CB  . LEU A 1 155 ? 18.924  -15.159 17.604  1.00 27.22  ? 1800 LEU X CB  1 
ATOM   1143 N  N   . GLY A 1 156 ? 15.540  -16.187 16.685  1.00 28.30  ? 1801 GLY X N   1 
ATOM   1144 C  CA  . GLY A 1 156 ? 14.507  -17.145 17.006  1.00 28.77  ? 1801 GLY X CA  1 
ATOM   1145 C  C   . GLY A 1 156 ? 13.742  -17.699 15.826  1.00 28.95  ? 1801 GLY X C   1 
ATOM   1146 O  O   . GLY A 1 156 ? 13.416  -17.000 14.861  1.00 29.06  ? 1801 GLY X O   1 
ATOM   1147 N  N   . THR A 1 157 ? 13.439  -18.983 15.966  1.00 29.10  ? 1802 THR X N   1 
ATOM   1148 C  CA  . THR A 1 157 ? 12.750  -19.820 14.989  1.00 29.05  ? 1802 THR X CA  1 
ATOM   1149 C  C   . THR A 1 157 ? 11.422  -19.331 14.419  1.00 28.87  ? 1802 THR X C   1 
ATOM   1150 O  O   . THR A 1 157 ? 11.097  -19.634 13.274  1.00 28.95  ? 1802 THR X O   1 
ATOM   1151 C  CB  . THR A 1 157 ? 12.518  -21.185 15.621  1.00 29.01  ? 1802 THR X CB  1 
ATOM   1152 N  N   . GLY A 1 158 ? 10.655  -18.608 15.226  1.00 28.65  ? 1803 GLY X N   1 
ATOM   1153 C  CA  . GLY A 1 158 ? 9.294   -18.253 14.877  1.00 28.34  ? 1803 GLY X CA  1 
ATOM   1154 C  C   . GLY A 1 158 ? 9.096   -17.238 13.777  1.00 28.31  ? 1803 GLY X C   1 
ATOM   1155 O  O   . GLY A 1 158 ? 8.018   -17.156 13.176  1.00 28.57  ? 1803 GLY X O   1 
ATOM   1156 N  N   . VAL A 1 159 ? 10.126  -16.456 13.493  1.00 27.76  ? 1804 VAL X N   1 
ATOM   1157 C  CA  . VAL A 1 159 ? 9.957   -15.418 12.497  1.00 27.16  ? 1804 VAL X CA  1 
ATOM   1158 C  C   . VAL A 1 159 ? 10.781  -15.710 11.237  1.00 26.39  ? 1804 VAL X C   1 
ATOM   1159 O  O   . VAL A 1 159 ? 11.705  -16.529 11.261  1.00 26.15  ? 1804 VAL X O   1 
ATOM   1160 C  CB  . VAL A 1 159 ? 10.207  -14.017 13.130  1.00 27.27  ? 1804 VAL X CB  1 
ATOM   1161 C  CG1 . VAL A 1 159 ? 11.520  -13.417 12.683  1.00 27.93  ? 1804 VAL X CG1 1 
ATOM   1162 C  CG2 . VAL A 1 159 ? 9.057   -13.079 12.830  1.00 27.73  ? 1804 VAL X CG2 1 
ATOM   1163 N  N   . HIS A 1 160 ? 10.399  -15.090 10.125  1.00 25.52  ? 1805 HIS X N   1 
ATOM   1164 C  CA  . HIS A 1 160 ? 11.143  -15.249 8.890   1.00 24.66  ? 1805 HIS X CA  1 
ATOM   1165 C  C   . HIS A 1 160 ? 11.691  -13.903 8.494   1.00 23.87  ? 1805 HIS X C   1 
ATOM   1166 O  O   . HIS A 1 160 ? 10.945  -12.941 8.342   1.00 23.86  ? 1805 HIS X O   1 
ATOM   1167 C  CB  . HIS A 1 160 ? 10.275  -15.800 7.772   1.00 24.60  ? 1805 HIS X CB  1 
ATOM   1168 C  CG  . HIS A 1 160 ? 9.721   -17.159 8.050   1.00 25.36  ? 1805 HIS X CG  1 
ATOM   1169 N  ND1 . HIS A 1 160 ? 8.779   -17.391 9.029   1.00 26.12  ? 1805 HIS X ND1 1 
ATOM   1170 C  CD2 . HIS A 1 160 ? 9.966   -18.358 7.470   1.00 25.95  ? 1805 HIS X CD2 1 
ATOM   1171 C  CE1 . HIS A 1 160 ? 8.472   -18.673 9.044   1.00 26.59  ? 1805 HIS X CE1 1 
ATOM   1172 N  NE2 . HIS A 1 160 ? 9.177   -19.283 8.106   1.00 26.43  ? 1805 HIS X NE2 1 
ATOM   1173 N  N   . PRO A 1 161 ? 13.006  -13.836 8.346   1.00 23.12  ? 1806 PRO X N   1 
ATOM   1174 C  CA  . PRO A 1 161 ? 13.667  -12.593 7.963   1.00 22.57  ? 1806 PRO X CA  1 
ATOM   1175 C  C   . PRO A 1 161 ? 13.549  -12.370 6.459   1.00 22.09  ? 1806 PRO X C   1 
ATOM   1176 O  O   . PRO A 1 161 ? 13.689  -13.318 5.700   1.00 22.13  ? 1806 PRO X O   1 
ATOM   1177 C  CB  . PRO A 1 161 ? 15.132  -12.847 8.314   1.00 22.47  ? 1806 PRO X CB  1 
ATOM   1178 C  CG  . PRO A 1 161 ? 15.273  -14.285 8.561   1.00 22.44  ? 1806 PRO X CG  1 
ATOM   1179 C  CD  . PRO A 1 161 ? 13.951  -14.949 8.521   1.00 22.94  ? 1806 PRO X CD  1 
ATOM   1180 N  N   . ILE A 1 162 ? 13.246  -11.147 6.032   1.00 21.10  ? 1807 ILE X N   1 
ATOM   1181 C  CA  . ILE A 1 162 ? 13.221  -10.835 4.615   1.00 20.23  ? 1807 ILE X CA  1 
ATOM   1182 C  C   . ILE A 1 162 ? 13.989  -9.551  4.423   1.00 19.60  ? 1807 ILE X C   1 
ATOM   1183 O  O   . ILE A 1 162 ? 13.831  -8.627  5.201   1.00 19.40  ? 1807 ILE X O   1 
ATOM   1184 C  CB  . ILE A 1 162 ? 11.783  -10.609 4.127   1.00 20.44  ? 1807 ILE X CB  1 
ATOM   1185 C  CG1 . ILE A 1 162 ? 10.826  -11.615 4.773   1.00 20.63  ? 1807 ILE X CG1 1 
ATOM   1186 C  CG2 . ILE A 1 162 ? 11.724  -10.618 2.594   1.00 20.27  ? 1807 ILE X CG2 1 
ATOM   1187 C  CD1 . ILE A 1 162 ? 9.745   -12.126 3.871   1.00 21.13  ? 1807 ILE X CD1 1 
ATOM   1188 N  N   . VAL A 1 163 ? 14.837  -9.477  3.409   1.00 19.14  ? 1808 VAL X N   1 
ATOM   1189 C  CA  . VAL A 1 163 ? 15.504  -8.216  3.129   1.00 18.98  ? 1808 VAL X CA  1 
ATOM   1190 C  C   . VAL A 1 163 ? 14.961  -7.640  1.834   1.00 19.28  ? 1808 VAL X C   1 
ATOM   1191 O  O   . VAL A 1 163 ? 15.061  -8.241  0.775   1.00 18.99  ? 1808 VAL X O   1 
ATOM   1192 C  CB  . VAL A 1 163 ? 17.021  -8.342  3.038   1.00 18.82  ? 1808 VAL X CB  1 
ATOM   1193 C  CG1 . VAL A 1 163 ? 17.635  -6.971  2.896   1.00 18.55  ? 1808 VAL X CG1 1 
ATOM   1194 C  CG2 . VAL A 1 163 ? 17.563  -9.003  4.265   1.00 18.80  ? 1808 VAL X CG2 1 
ATOM   1195 N  N   . VAL A 1 164 ? 14.362  -6.468  1.938   1.00 19.57  ? 1809 VAL X N   1 
ATOM   1196 C  CA  . VAL A 1 164 ? 13.778  -5.795  0.803   1.00 19.81  ? 1809 VAL X CA  1 
ATOM   1197 C  C   . VAL A 1 164 ? 14.762  -4.732  0.348   1.00 20.16  ? 1809 VAL X C   1 
ATOM   1198 O  O   . VAL A 1 164 ? 15.350  -4.041  1.172   1.00 20.24  ? 1809 VAL X O   1 
ATOM   1199 C  CB  . VAL A 1 164 ? 12.451  -5.212  1.224   1.00 19.84  ? 1809 VAL X CB  1 
ATOM   1200 C  CG1 . VAL A 1 164 ? 11.847  -4.355  0.136   1.00 20.06  ? 1809 VAL X CG1 1 
ATOM   1201 C  CG2 . VAL A 1 164 ? 11.526  -6.352  1.606   1.00 19.83  ? 1809 VAL X CG2 1 
ATOM   1202 N  N   . VAL A 1 165 ? 14.985  -4.634  -0.959  1.00 20.64  ? 1810 VAL X N   1 
ATOM   1203 C  CA  . VAL A 1 165 ? 16.004  -3.747  -1.516  1.00 21.45  ? 1810 VAL X CA  1 
ATOM   1204 C  C   . VAL A 1 165 ? 15.450  -3.046  -2.780  1.00 21.89  ? 1810 VAL X C   1 
ATOM   1205 O  O   . VAL A 1 165 ? 14.541  -3.559  -3.416  1.00 21.82  ? 1810 VAL X O   1 
ATOM   1206 C  CB  . VAL A 1 165 ? 17.309  -4.596  -1.847  1.00 21.47  ? 1810 VAL X CB  1 
ATOM   1207 C  CG1 . VAL A 1 165 ? 18.381  -3.803  -2.572  1.00 21.57  ? 1810 VAL X CG1 1 
ATOM   1208 C  CG2 . VAL A 1 165 ? 17.927  -5.200  -0.596  1.00 21.63  ? 1810 VAL X CG2 1 
ATOM   1209 N  N   . GLN A 1 166 ? 15.933  -1.856  -3.126  1.00 22.70  ? 1811 GLN X N   1 
ATOM   1210 C  CA  . GLN A 1 166 ? 15.559  -1.274  -4.419  1.00 23.79  ? 1811 GLN X CA  1 
ATOM   1211 C  C   . GLN A 1 166 ? 16.812  -1.109  -5.255  1.00 24.51  ? 1811 GLN X C   1 
ATOM   1212 O  O   . GLN A 1 166 ? 17.568  -0.164  -5.035  1.00 24.65  ? 1811 GLN X O   1 
ATOM   1213 C  CB  . GLN A 1 166 ? 14.880  0.078   -4.285  1.00 23.89  ? 1811 GLN X CB  1 
ATOM   1214 C  CG  . GLN A 1 166 ? 14.178  0.507   -5.559  1.00 23.85  ? 1811 GLN X CG  1 
ATOM   1215 C  CD  . GLN A 1 166 ? 13.904  1.987   -5.589  1.00 23.87  ? 1811 GLN X CD  1 
ATOM   1216 O  OE1 . GLN A 1 166 ? 14.154  2.686   -4.612  1.00 24.37  ? 1811 GLN X OE1 1 
ATOM   1217 N  NE2 . GLN A 1 166 ? 13.404  2.474   -6.713  1.00 23.90  ? 1811 GLN X NE2 1 
ATOM   1218 N  N   . PRO A 1 167 ? 17.093  -2.103  -6.097  1.00 25.22  ? 1812 PRO X N   1 
ATOM   1219 C  CA  . PRO A 1 167 ? 18.251  -2.125  -6.995  1.00 25.64  ? 1812 PRO X CA  1 
ATOM   1220 C  C   . PRO A 1 167 ? 18.681  -0.834  -7.654  1.00 26.06  ? 1812 PRO X C   1 
ATOM   1221 O  O   . PRO A 1 167 ? 19.846  -0.459  -7.541  1.00 26.00  ? 1812 PRO X O   1 
ATOM   1222 C  CB  . PRO A 1 167 ? 17.844  -3.172  -8.022  1.00 25.65  ? 1812 PRO X CB  1 
ATOM   1223 C  CG  . PRO A 1 167 ? 17.128  -4.173  -7.183  1.00 25.54  ? 1812 PRO X CG  1 
ATOM   1224 C  CD  . PRO A 1 167 ? 16.422  -3.415  -6.101  1.00 25.27  ? 1812 PRO X CD  1 
ATOM   1225 N  N   . ASP A 1 168 ? 17.741  -0.149  -8.278  1.00 26.60  ? 1813 ASP X N   1 
ATOM   1226 C  CA  . ASP A 1 168 ? 18.031  1.067   -9.006  1.00 27.39  ? 1813 ASP X CA  1 
ATOM   1227 C  C   . ASP A 1 168 ? 18.761  2.150   -8.209  1.00 27.50  ? 1813 ASP X C   1 
ATOM   1228 O  O   . ASP A 1 168 ? 19.714  2.752   -8.700  1.00 27.46  ? 1813 ASP X O   1 
ATOM   1229 C  CB  . ASP A 1 168 ? 16.722  1.597   -9.576  1.00 27.69  ? 1813 ASP X CB  1 
ATOM   1230 C  CG  . ASP A 1 168 ? 16.068  0.602   -10.516 1.00 29.27  ? 1813 ASP X CG  1 
ATOM   1231 O  OD1 . ASP A 1 168 ? 16.637  -0.500  -10.703 1.00 30.91  ? 1813 ASP X OD1 1 
ATOM   1232 O  OD2 . ASP A 1 168 ? 14.998  0.828   -11.123 1.00 31.20  ? 1813 ASP X OD2 1 
ATOM   1233 N  N   . ALA A 1 169 ? 18.342  2.332   -6.960  1.00 27.74  ? 1814 ALA X N   1 
ATOM   1234 C  CA  . ALA A 1 169 ? 18.844  3.374   -6.063  1.00 27.82  ? 1814 ALA X CA  1 
ATOM   1235 C  C   . ALA A 1 169 ? 20.329  3.368   -5.670  1.00 28.05  ? 1814 ALA X C   1 
ATOM   1236 O  O   . ALA A 1 169 ? 20.840  4.390   -5.212  1.00 28.16  ? 1814 ALA X O   1 
ATOM   1237 C  CB  . ALA A 1 169 ? 18.008  3.384   -4.823  1.00 27.76  ? 1814 ALA X CB  1 
ATOM   1238 N  N   . TRP A 1 170 ? 21.016  2.238   -5.822  1.00 28.11  ? 1815 TRP X N   1 
ATOM   1239 C  CA  . TRP A 1 170 ? 22.422  2.169   -5.436  1.00 28.27  ? 1815 TRP X CA  1 
ATOM   1240 C  C   . TRP A 1 170 ? 23.376  2.294   -6.623  1.00 28.47  ? 1815 TRP X C   1 
ATOM   1241 O  O   . TRP A 1 170 ? 23.000  2.004   -7.758  1.00 28.68  ? 1815 TRP X O   1 
ATOM   1242 C  CB  . TRP A 1 170 ? 22.694  0.890   -4.682  1.00 28.22  ? 1815 TRP X CB  1 
ATOM   1243 N  N   . THR A 1 171 ? 24.608  2.725   -6.349  1.00 28.61  ? 1816 THR X N   1 
ATOM   1244 C  CA  . THR A 1 171 ? 25.640  2.862   -7.379  1.00 28.75  ? 1816 THR X CA  1 
ATOM   1245 C  C   . THR A 1 171 ? 27.031  2.747   -6.773  1.00 28.82  ? 1816 THR X C   1 
ATOM   1246 O  O   . THR A 1 171 ? 27.472  1.658   -6.404  1.00 28.88  ? 1816 THR X O   1 
ATOM   1247 C  CB  . THR A 1 171 ? 25.498  4.183   -8.132  1.00 28.84  ? 1816 THR X CB  1 
ATOM   1248 N  N   . GLY A 1 175 ? 21.378  -1.341  -2.561  1.00 31.76  ? 1820 GLY X N   1 
ATOM   1249 C  CA  . GLY A 1 175 ? 21.988  -2.557  -2.055  1.00 31.78  ? 1820 GLY X CA  1 
ATOM   1250 C  C   . GLY A 1 175 ? 22.894  -3.282  -3.040  1.00 31.74  ? 1820 GLY X C   1 
ATOM   1251 O  O   . GLY A 1 175 ? 22.973  -2.925  -4.217  1.00 31.70  ? 1820 GLY X O   1 
ATOM   1252 N  N   . PHE A 1 176 ? 23.569  -4.320  -2.548  1.00 31.66  ? 1821 PHE X N   1 
ATOM   1253 C  CA  . PHE A 1 176 ? 24.488  -5.120  -3.356  1.00 31.54  ? 1821 PHE X CA  1 
ATOM   1254 C  C   . PHE A 1 176 ? 24.015  -6.565  -3.502  1.00 31.41  ? 1821 PHE X C   1 
ATOM   1255 O  O   . PHE A 1 176 ? 22.929  -6.933  -3.054  1.00 31.46  ? 1821 PHE X O   1 
ATOM   1256 C  CB  . PHE A 1 176 ? 25.892  -5.088  -2.747  1.00 31.43  ? 1821 PHE X CB  1 
ATOM   1257 N  N   . HIS A 1 177 ? 24.854  -7.385  -4.128  1.00 31.16  ? 1822 HIS X N   1 
ATOM   1258 C  CA  . HIS A 1 177 ? 24.580  -8.807  -4.268  1.00 30.96  ? 1822 HIS X CA  1 
ATOM   1259 C  C   . HIS A 1 177 ? 25.302  -9.492  -3.114  1.00 30.92  ? 1822 HIS X C   1 
ATOM   1260 O  O   . HIS A 1 177 ? 25.493  -10.708 -3.116  1.00 31.03  ? 1822 HIS X O   1 
ATOM   1261 C  CB  . HIS A 1 177 ? 25.172  -9.365  -5.566  1.00 30.91  ? 1822 HIS X CB  1 
ATOM   1262 C  CG  . HIS A 1 177 ? 24.756  -8.649  -6.815  1.00 30.44  ? 1822 HIS X CG  1 
ATOM   1263 N  ND1 . HIS A 1 177 ? 25.219  -7.392  -7.143  1.00 30.16  ? 1822 HIS X ND1 1 
ATOM   1264 C  CD2 . HIS A 1 177 ? 23.978  -9.044  -7.850  1.00 29.95  ? 1822 HIS X CD2 1 
ATOM   1265 C  CE1 . HIS A 1 177 ? 24.716  -7.031  -8.309  1.00 30.16  ? 1822 HIS X CE1 1 
ATOM   1266 N  NE2 . HIS A 1 177 ? 23.961  -8.015  -8.762  1.00 29.95  ? 1822 HIS X NE2 1 
ATOM   1267 N  N   . ALA A 1 178 ? 25.726  -8.700  -2.138  1.00 30.69  ? 1823 ALA X N   1 
ATOM   1268 C  CA  . ALA A 1 178 ? 26.510  -9.200  -1.025  1.00 30.46  ? 1823 ALA X CA  1 
ATOM   1269 C  C   . ALA A 1 178 ? 25.790  -9.051  0.309   1.00 30.29  ? 1823 ALA X C   1 
ATOM   1270 O  O   . ALA A 1 178 ? 26.437  -8.886  1.345   1.00 30.36  ? 1823 ALA X O   1 
ATOM   1271 C  CB  . ALA A 1 178 ? 27.849  -8.479  -0.979  1.00 30.45  ? 1823 ALA X CB  1 
ATOM   1272 N  N   . ILE A 1 179 ? 24.461  -9.101  0.291   1.00 29.87  ? 1824 ILE X N   1 
ATOM   1273 C  CA  . ILE A 1 179 ? 23.690  -8.997  1.528   1.00 29.51  ? 1824 ILE X CA  1 
ATOM   1274 C  C   . ILE A 1 179 ? 23.759  -10.352 2.218   1.00 29.16  ? 1824 ILE X C   1 
ATOM   1275 O  O   . ILE A 1 179 ? 23.874  -10.435 3.444   1.00 28.97  ? 1824 ILE X O   1 
ATOM   1276 C  CB  . ILE A 1 179 ? 22.215  -8.614  1.246   1.00 29.57  ? 1824 ILE X CB  1 
ATOM   1277 C  CG1 . ILE A 1 179 ? 22.108  -7.476  0.221   1.00 30.08  ? 1824 ILE X CG1 1 
ATOM   1278 C  CG2 . ILE A 1 179 ? 21.474  -8.263  2.522   1.00 29.31  ? 1824 ILE X CG2 1 
ATOM   1279 C  CD1 . ILE A 1 179 ? 22.849  -6.220  0.593   1.00 30.20  ? 1824 ILE X CD1 1 
ATOM   1280 N  N   . GLY A 1 180 ? 23.743  -11.407 1.400   1.00 28.76  ? 1825 GLY X N   1 
ATOM   1281 C  CA  . GLY A 1 180 ? 23.824  -12.779 1.857   1.00 28.20  ? 1825 GLY X CA  1 
ATOM   1282 C  C   . GLY A 1 180 ? 25.103  -13.018 2.623   1.00 28.12  ? 1825 GLY X C   1 
ATOM   1283 O  O   . GLY A 1 180 ? 25.161  -13.907 3.457   1.00 28.39  ? 1825 GLY X O   1 
ATOM   1284 N  N   . GLN A 1 181 ? 26.122  -12.202 2.353   1.00 27.63  ? 1826 GLN X N   1 
ATOM   1285 C  CA  . GLN A 1 181 ? 27.400  -12.253 3.056   1.00 26.89  ? 1826 GLN X CA  1 
ATOM   1286 C  C   . GLN A 1 181 ? 27.299  -11.682 4.459   1.00 26.53  ? 1826 GLN X C   1 
ATOM   1287 O  O   . GLN A 1 181 ? 28.175  -11.908 5.279   1.00 26.95  ? 1826 GLN X O   1 
ATOM   1288 C  CB  . GLN A 1 181 ? 28.461  -11.455 2.287   1.00 26.85  ? 1826 GLN X CB  1 
ATOM   1289 C  CG  . GLN A 1 181 ? 29.369  -12.298 1.386   1.00 27.45  ? 1826 GLN X CG  1 
ATOM   1290 C  CD  . GLN A 1 181 ? 29.968  -11.522 0.212   1.00 27.48  ? 1826 GLN X CD  1 
ATOM   1291 O  OE1 . GLN A 1 181 ? 30.532  -10.441 0.387   1.00 27.49  ? 1826 GLN X OE1 1 
ATOM   1292 N  NE2 . GLN A 1 181 ? 29.855  -12.087 -0.986  1.00 27.24  ? 1826 GLN X NE2 1 
ATOM   1293 N  N   . MET A 1 182 ? 26.245  -10.926 4.741   1.00 26.04  ? 1827 MET X N   1 
ATOM   1294 C  CA  . MET A 1 182 ? 26.125  -10.266 6.034   1.00 25.31  ? 1827 MET X CA  1 
ATOM   1295 C  C   . MET A 1 182 ? 24.976  -10.799 6.875   1.00 25.02  ? 1827 MET X C   1 
ATOM   1296 O  O   . MET A 1 182 ? 24.855  -10.454 8.052   1.00 24.58  ? 1827 MET X O   1 
ATOM   1297 C  CB  . MET A 1 182 ? 25.984  -8.756  5.841   1.00 25.33  ? 1827 MET X CB  1 
ATOM   1298 C  CG  . MET A 1 182 ? 27.230  -8.063  5.308   1.00 25.34  ? 1827 MET X CG  1 
ATOM   1299 S  SD  . MET A 1 182 ? 26.869  -6.442  4.584   1.00 26.30  ? 1827 MET X SD  1 
ATOM   1300 C  CE  . MET A 1 182 ? 28.531  -5.818  4.250   1.00 26.53  ? 1827 MET X CE  1 
ATOM   1301 N  N   . CYS A 1 183 ? 24.136  -11.638 6.276   1.00 24.86  ? 1828 CYS X N   1 
ATOM   1302 C  CA  . CYS A 1 183 ? 23.000  -12.214 6.994   1.00 24.80  ? 1828 CYS X CA  1 
ATOM   1303 C  C   . CYS A 1 183 ? 22.425  -13.442 6.317   1.00 24.84  ? 1828 CYS X C   1 
ATOM   1304 O  O   . CYS A 1 183 ? 22.697  -13.719 5.148   1.00 24.80  ? 1828 CYS X O   1 
ATOM   1305 C  CB  . CYS A 1 183 ? 21.883  -11.183 7.176   1.00 24.82  ? 1828 CYS X CB  1 
ATOM   1306 S  SG  . CYS A 1 183 ? 21.252  -10.515 5.632   1.00 24.49  ? 1828 CYS X SG  1 
ATOM   1307 N  N   . GLU A 1 184 ? 21.598  -14.163 7.060   1.00 25.04  ? 1829 GLU X N   1 
ATOM   1308 C  CA  . GLU A 1 184 ? 20.979  -15.374 6.541   1.00 25.36  ? 1829 GLU X CA  1 
ATOM   1309 C  C   . GLU A 1 184 ? 19.521  -15.152 6.221   1.00 25.05  ? 1829 GLU X C   1 
ATOM   1310 O  O   . GLU A 1 184 ? 18.646  -15.832 6.756   1.00 25.16  ? 1829 GLU X O   1 
ATOM   1311 C  CB  . GLU A 1 184 ? 21.115  -16.509 7.545   1.00 25.61  ? 1829 GLU X CB  1 
ATOM   1312 C  CG  . GLU A 1 184 ? 22.530  -17.042 7.640   1.00 27.16  ? 1829 GLU X CG  1 
ATOM   1313 C  CD  . GLU A 1 184 ? 22.935  -17.797 6.393   1.00 29.25  ? 1829 GLU X CD  1 
ATOM   1314 O  OE1 . GLU A 1 184 ? 22.169  -18.685 5.953   1.00 30.39  ? 1829 GLU X OE1 1 
ATOM   1315 O  OE2 . GLU A 1 184 ? 24.028  -17.524 5.854   1.00 30.00  ? 1829 GLU X OE2 1 
ATOM   1316 N  N   . ALA A 1 185 ? 19.261  -14.200 5.337   1.00 24.67  ? 1830 ALA X N   1 
ATOM   1317 C  CA  . ALA A 1 185 ? 17.894  -13.894 4.946   1.00 24.17  ? 1830 ALA X CA  1 
ATOM   1318 C  C   . ALA A 1 185 ? 17.733  -13.859 3.434   1.00 23.60  ? 1830 ALA X C   1 
ATOM   1319 O  O   . ALA A 1 185 ? 18.694  -13.574 2.714   1.00 23.46  ? 1830 ALA X O   1 
ATOM   1320 C  CB  . ALA A 1 185 ? 17.490  -12.557 5.537   1.00 24.37  ? 1830 ALA X CB  1 
ATOM   1321 N  N   . PRO A 1 186 ? 16.548  -14.223 2.943   1.00 23.13  ? 1831 PRO X N   1 
ATOM   1322 C  CA  . PRO A 1 186 ? 16.233  -14.008 1.534   1.00 22.62  ? 1831 PRO X CA  1 
ATOM   1323 C  C   . PRO A 1 186 ? 16.182  -12.512 1.245   1.00 22.34  ? 1831 PRO X C   1 
ATOM   1324 O  O   . PRO A 1 186 ? 15.667  -11.745 2.049   1.00 22.32  ? 1831 PRO X O   1 
ATOM   1325 C  CB  . PRO A 1 186 ? 14.863  -14.665 1.381   1.00 22.42  ? 1831 PRO X CB  1 
ATOM   1326 C  CG  . PRO A 1 186 ? 14.309  -14.691 2.735   1.00 22.37  ? 1831 PRO X CG  1 
ATOM   1327 C  CD  . PRO A 1 186 ? 15.478  -14.984 3.617   1.00 23.07  ? 1831 PRO X CD  1 
ATOM   1328 N  N   . VAL A 1 187 ? 16.769  -12.119 0.120   1.00 22.31  ? 1832 VAL X N   1 
ATOM   1329 C  CA  . VAL A 1 187 ? 16.834  -10.733 -0.319  1.00 22.34  ? 1832 VAL X CA  1 
ATOM   1330 C  C   . VAL A 1 187 ? 15.930  -10.520 -1.518  1.00 22.72  ? 1832 VAL X C   1 
ATOM   1331 O  O   . VAL A 1 187 ? 16.128  -11.116 -2.577  1.00 22.80  ? 1832 VAL X O   1 
ATOM   1332 C  CB  . VAL A 1 187 ? 18.256  -10.371 -0.739  1.00 22.21  ? 1832 VAL X CB  1 
ATOM   1333 C  CG1 . VAL A 1 187 ? 18.320  -8.978  -1.327  1.00 22.40  ? 1832 VAL X CG1 1 
ATOM   1334 C  CG2 . VAL A 1 187 ? 19.162  -10.479 0.429   1.00 22.31  ? 1832 VAL X CG2 1 
ATOM   1335 N  N   . VAL A 1 188 ? 14.909  -9.692  -1.357  1.00 23.07  ? 1833 VAL X N   1 
ATOM   1336 C  CA  . VAL A 1 188 ? 14.000  -9.445  -2.459  1.00 23.13  ? 1833 VAL X CA  1 
ATOM   1337 C  C   . VAL A 1 188 ? 13.998  -7.991  -2.871  1.00 23.46  ? 1833 VAL X C   1 
ATOM   1338 O  O   . VAL A 1 188 ? 14.399  -7.103  -2.133  1.00 23.54  ? 1833 VAL X O   1 
ATOM   1339 C  CB  . VAL A 1 188 ? 12.566  -9.898  -2.152  1.00 22.93  ? 1833 VAL X CB  1 
ATOM   1340 C  CG1 . VAL A 1 188 ? 12.528  -11.389 -1.890  1.00 23.54  ? 1833 VAL X CG1 1 
ATOM   1341 C  CG2 . VAL A 1 188 ? 12.009  -9.150  -0.981  1.00 22.59  ? 1833 VAL X CG2 1 
ATOM   1342 N  N   . THR A 1 189 ? 13.558  -7.759  -4.091  1.00 24.01  ? 1834 THR X N   1 
ATOM   1343 C  CA  . THR A 1 189 ? 13.499  -6.420  -4.620  1.00 24.25  ? 1834 THR X CA  1 
ATOM   1344 C  C   . THR A 1 189 ? 12.214  -5.788  -4.057  1.00 24.47  ? 1834 THR X C   1 
ATOM   1345 O  O   . THR A 1 189 ? 11.293  -6.517  -3.679  1.00 24.54  ? 1834 THR X O   1 
ATOM   1346 C  CB  . THR A 1 189 ? 13.575  -6.503  -6.156  1.00 24.11  ? 1834 THR X CB  1 
ATOM   1347 O  OG1 . THR A 1 189 ? 13.391  -5.208  -6.733  1.00 24.90  ? 1834 THR X OG1 1 
ATOM   1348 C  CG2 . THR A 1 189 ? 12.436  -7.329  -6.711  1.00 23.97  ? 1834 THR X CG2 1 
ATOM   1349 N  N   . ARG A 1 190 ? 12.151  -4.456  -3.972  1.00 24.71  ? 1835 ARG X N   1 
ATOM   1350 C  CA  . ARG A 1 190 ? 11.005  -3.778  -3.331  1.00 25.19  ? 1835 ARG X CA  1 
ATOM   1351 C  C   . ARG A 1 190 ? 9.638   -4.027  -3.975  1.00 25.22  ? 1835 ARG X C   1 
ATOM   1352 O  O   . ARG A 1 190 ? 8.592   -3.851  -3.337  1.00 25.02  ? 1835 ARG X O   1 
ATOM   1353 C  CB  . ARG A 1 190 ? 11.277  -2.283  -3.117  1.00 25.48  ? 1835 ARG X CB  1 
ATOM   1354 C  CG  . ARG A 1 190 ? 10.471  -1.323  -3.960  1.00 26.60  ? 1835 ARG X CG  1 
ATOM   1355 C  CD  . ARG A 1 190 ? 11.042  0.073   -3.958  1.00 29.24  ? 1835 ARG X CD  1 
ATOM   1356 N  NE  . ARG A 1 190 ? 10.228  1.085   -4.634  1.00 31.88  ? 1835 ARG X NE  1 
ATOM   1357 C  CZ  . ARG A 1 190 ? 10.002  1.154   -5.947  1.00 33.13  ? 1835 ARG X CZ  1 
ATOM   1358 N  NH1 . ARG A 1 190 ? 10.501  0.260   -6.785  1.00 34.15  ? 1835 ARG X NH1 1 
ATOM   1359 N  NH2 . ARG A 1 190 ? 9.260   2.132   -6.431  1.00 35.09  ? 1835 ARG X NH2 1 
ATOM   1360 N  N   . GLU A 1 191 ? 9.678   -4.500  -5.217  1.00 25.28  ? 1836 GLU X N   1 
ATOM   1361 C  CA  . GLU A 1 191 ? 8.503   -4.905  -5.964  1.00 25.77  ? 1836 GLU X CA  1 
ATOM   1362 C  C   . GLU A 1 191 ? 7.747   -6.026  -5.247  1.00 25.43  ? 1836 GLU X C   1 
ATOM   1363 O  O   . GLU A 1 191 ? 6.548   -6.174  -5.445  1.00 25.44  ? 1836 GLU X O   1 
ATOM   1364 C  CB  . GLU A 1 191 ? 8.916   -5.363  -7.372  1.00 26.15  ? 1836 GLU X CB  1 
ATOM   1365 C  CG  . GLU A 1 191 ? 9.016   -4.290  -8.464  1.00 28.38  ? 1836 GLU X CG  1 
ATOM   1366 C  CD  . GLU A 1 191 ? 9.658   -2.977  -8.021  1.00 31.78  ? 1836 GLU X CD  1 
ATOM   1367 O  OE1 . GLU A 1 191 ? 8.940   -2.098  -7.495  1.00 33.37  ? 1836 GLU X OE1 1 
ATOM   1368 O  OE2 . GLU A 1 191 ? 10.880  -2.804  -8.211  1.00 32.99  ? 1836 GLU X OE2 1 
ATOM   1369 N  N   . TRP A 1 192 ? 8.444   -6.813  -4.427  1.00 25.16  ? 1837 TRP X N   1 
ATOM   1370 C  CA  . TRP A 1 192 ? 7.777   -7.849  -3.649  1.00 24.71  ? 1837 TRP X CA  1 
ATOM   1371 C  C   . TRP A 1 192 ? 6.781   -7.191  -2.707  1.00 24.66  ? 1837 TRP X C   1 
ATOM   1372 O  O   . TRP A 1 192 ? 5.617   -7.569  -2.723  1.00 24.32  ? 1837 TRP X O   1 
ATOM   1373 C  CB  . TRP A 1 192 ? 8.753   -8.738  -2.874  1.00 24.47  ? 1837 TRP X CB  1 
ATOM   1374 C  CG  . TRP A 1 192 ? 8.046   -9.693  -1.938  1.00 23.66  ? 1837 TRP X CG  1 
ATOM   1375 C  CD1 . TRP A 1 192 ? 7.345   -10.816 -2.279  1.00 22.93  ? 1837 TRP X CD1 1 
ATOM   1376 C  CD2 . TRP A 1 192 ? 7.966   -9.598  -0.511  1.00 22.84  ? 1837 TRP X CD2 1 
ATOM   1377 N  NE1 . TRP A 1 192 ? 6.838   -11.422 -1.154  1.00 21.99  ? 1837 TRP X NE1 1 
ATOM   1378 C  CE2 . TRP A 1 192 ? 7.203   -10.695 -0.056  1.00 21.93  ? 1837 TRP X CE2 1 
ATOM   1379 C  CE3 . TRP A 1 192 ? 8.467   -8.692  0.432   1.00 22.27  ? 1837 TRP X CE3 1 
ATOM   1380 C  CZ2 . TRP A 1 192 ? 6.925   -10.903 1.286   1.00 21.53  ? 1837 TRP X CZ2 1 
ATOM   1381 C  CZ3 . TRP A 1 192 ? 8.190   -8.900  1.763   1.00 21.58  ? 1837 TRP X CZ3 1 
ATOM   1382 C  CH2 . TRP A 1 192 ? 7.433   -9.999  2.179   1.00 21.86  ? 1837 TRP X CH2 1 
ATOM   1383 N  N   . VAL A 1 193 ? 7.228   -6.190  -1.940  1.00 24.53  ? 1838 VAL X N   1 
ATOM   1384 C  CA  . VAL A 1 193 ? 6.353   -5.464  -1.015  1.00 24.72  ? 1838 VAL X CA  1 
ATOM   1385 C  C   . VAL A 1 193 ? 5.207   -4.801  -1.771  1.00 25.41  ? 1838 VAL X C   1 
ATOM   1386 O  O   . VAL A 1 193 ? 4.030   -4.982  -1.435  1.00 25.51  ? 1838 VAL X O   1 
ATOM   1387 C  CB  . VAL A 1 193 ? 7.104   -4.353  -0.249  1.00 24.73  ? 1838 VAL X CB  1 
ATOM   1388 C  CG1 . VAL A 1 193 ? 6.130   -3.437  0.498   1.00 24.49  ? 1838 VAL X CG1 1 
ATOM   1389 C  CG2 . VAL A 1 193 ? 8.120   -4.933  0.726   1.00 24.18  ? 1838 VAL X CG2 1 
ATOM   1390 N  N   . LEU A 1 194 ? 5.561   -4.072  -2.823  1.00 25.81  ? 1839 LEU X N   1 
ATOM   1391 C  CA  . LEU A 1 194 ? 4.580   -3.318  -3.578  1.00 25.96  ? 1839 LEU X CA  1 
ATOM   1392 C  C   . LEU A 1 194 ? 3.475   -4.192  -4.154  1.00 26.34  ? 1839 LEU X C   1 
ATOM   1393 O  O   . LEU A 1 194 ? 2.309   -3.902  -3.924  1.00 26.92  ? 1839 LEU X O   1 
ATOM   1394 C  CB  . LEU A 1 194 ? 5.251   -2.450  -4.639  1.00 25.88  ? 1839 LEU X CB  1 
ATOM   1395 C  CG  . LEU A 1 194 ? 6.142   -1.294  -4.178  1.00 25.09  ? 1839 LEU X CG  1 
ATOM   1396 C  CD1 . LEU A 1 194 ? 6.554   -0.455  -5.377  1.00 24.18  ? 1839 LEU X CD1 1 
ATOM   1397 C  CD2 . LEU A 1 194 ? 5.473   -0.435  -3.111  1.00 23.74  ? 1839 LEU X CD2 1 
ATOM   1398 N  N   . ASP A 1 195 ? 3.827   -5.269  -4.855  1.00 26.43  ? 1840 ASP X N   1 
ATOM   1399 C  CA  . ASP A 1 195 ? 2.813   -6.182  -5.376  1.00 26.63  ? 1840 ASP X CA  1 
ATOM   1400 C  C   . ASP A 1 195 ? 2.003   -6.801  -4.251  1.00 26.93  ? 1840 ASP X C   1 
ATOM   1401 O  O   . ASP A 1 195 ? 0.783   -6.766  -4.281  1.00 27.02  ? 1840 ASP X O   1 
ATOM   1402 C  CB  . ASP A 1 195 ? 3.433   -7.301  -6.203  1.00 26.43  ? 1840 ASP X CB  1 
ATOM   1403 C  CG  . ASP A 1 195 ? 4.149   -6.792  -7.431  1.00 26.71  ? 1840 ASP X CG  1 
ATOM   1404 O  OD1 . ASP A 1 195 ? 4.140   -5.570  -7.674  1.00 26.69  ? 1840 ASP X OD1 1 
ATOM   1405 O  OD2 . ASP A 1 195 ? 4.766   -7.544  -8.213  1.00 27.21  ? 1840 ASP X OD2 1 
ATOM   1406 N  N   . SER A 1 196 ? 2.690   -7.319  -3.237  1.00 27.73  ? 1841 SER X N   1 
ATOM   1407 C  CA  . SER A 1 196 ? 2.028   -8.000  -2.125  1.00 28.30  ? 1841 SER X CA  1 
ATOM   1408 C  C   . SER A 1 196 ? 0.969   -7.113  -1.517  1.00 28.82  ? 1841 SER X C   1 
ATOM   1409 O  O   . SER A 1 196 ? -0.127  -7.559  -1.233  1.00 28.91  ? 1841 SER X O   1 
ATOM   1410 C  CB  . SER A 1 196 ? 3.023   -8.441  -1.038  1.00 28.16  ? 1841 SER X CB  1 
ATOM   1411 O  OG  . SER A 1 196 ? 4.014   -9.324  -1.540  1.00 27.23  ? 1841 SER X OG  1 
ATOM   1412 N  N   . VAL A 1 197 ? 1.302   -5.846  -1.351  1.00 29.52  ? 1842 VAL X N   1 
ATOM   1413 C  CA  . VAL A 1 197 ? 0.361   -4.900  -0.805  1.00 30.35  ? 1842 VAL X CA  1 
ATOM   1414 C  C   . VAL A 1 197 ? -0.745  -4.567  -1.810  1.00 30.62  ? 1842 VAL X C   1 
ATOM   1415 O  O   . VAL A 1 197 ? -1.917  -4.656  -1.457  1.00 30.64  ? 1842 VAL X O   1 
ATOM   1416 C  CB  . VAL A 1 197 ? 1.090   -3.662  -0.296  1.00 30.26  ? 1842 VAL X CB  1 
ATOM   1417 C  CG1 . VAL A 1 197 ? 0.121   -2.551  0.021   1.00 30.87  ? 1842 VAL X CG1 1 
ATOM   1418 C  CG2 . VAL A 1 197 ? 1.869   -4.037  0.935   1.00 30.72  ? 1842 VAL X CG2 1 
ATOM   1419 N  N   . ALA A 1 198 ? -0.373  -4.246  -3.053  1.00 31.05  ? 1843 ALA X N   1 
ATOM   1420 C  CA  . ALA A 1 198 ? -1.335  -3.922  -4.125  1.00 31.35  ? 1843 ALA X CA  1 
ATOM   1421 C  C   . ALA A 1 198 ? -2.446  -4.954  -4.213  1.00 31.55  ? 1843 ALA X C   1 
ATOM   1422 O  O   . ALA A 1 198 ? -3.614  -4.610  -4.138  1.00 31.56  ? 1843 ALA X O   1 
ATOM   1423 C  CB  . ALA A 1 198 ? -0.633  -3.805  -5.471  1.00 31.32  ? 1843 ALA X CB  1 
ATOM   1424 N  N   . LEU A 1 199 ? -2.043  -6.218  -4.314  1.00 31.81  ? 1844 LEU X N   1 
ATOM   1425 C  CA  . LEU A 1 199 ? -2.926  -7.380  -4.396  1.00 32.11  ? 1844 LEU X CA  1 
ATOM   1426 C  C   . LEU A 1 199 ? -3.465  -7.919  -3.073  1.00 32.23  ? 1844 LEU X C   1 
ATOM   1427 O  O   . LEU A 1 199 ? -4.211  -8.889  -3.089  1.00 32.54  ? 1844 LEU X O   1 
ATOM   1428 C  CB  . LEU A 1 199 ? -2.116  -8.560  -4.943  1.00 32.01  ? 1844 LEU X CB  1 
ATOM   1429 C  CG  . LEU A 1 199 ? -1.669  -8.656  -6.393  1.00 31.95  ? 1844 LEU X CG  1 
ATOM   1430 C  CD1 . LEU A 1 199 ? -0.444  -9.554  -6.504  1.00 29.86  ? 1844 LEU X CD1 1 
ATOM   1431 C  CD2 . LEU A 1 199 ? -2.808  -9.166  -7.258  1.00 30.95  ? 1844 LEU X CD2 1 
ATOM   1432 N  N   . TYR A 1 200 ? -3.066  -7.339  -1.947  1.00 31.99  ? 1845 TYR X N   1 
ATOM   1433 C  CA  . TYR A 1 200 ? -3.349  -7.897  -0.612  1.00 32.03  ? 1845 TYR X CA  1 
ATOM   1434 C  C   . TYR A 1 200 ? -3.155  -9.413  -0.424  1.00 31.78  ? 1845 TYR X C   1 
ATOM   1435 O  O   . TYR A 1 200 ? -3.949  -10.084 0.232   1.00 32.08  ? 1845 TYR X O   1 
ATOM   1436 C  CB  . TYR A 1 200 ? -4.660  -7.432  0.014   1.00 32.15  ? 1845 TYR X CB  1 
ATOM   1437 C  CG  . TYR A 1 200 ? -4.418  -7.251  1.485   1.00 33.28  ? 1845 TYR X CG  1 
ATOM   1438 C  CD1 . TYR A 1 200 ? -3.523  -6.284  1.919   1.00 34.61  ? 1845 TYR X CD1 1 
ATOM   1439 C  CD2 . TYR A 1 200 ? -4.992  -8.090  2.430   1.00 33.43  ? 1845 TYR X CD2 1 
ATOM   1440 C  CE1 . TYR A 1 200 ? -3.239  -6.117  3.253   1.00 35.47  ? 1845 TYR X CE1 1 
ATOM   1441 C  CE2 . TYR A 1 200 ? -4.718  -7.931  3.773   1.00 34.98  ? 1845 TYR X CE2 1 
ATOM   1442 C  CZ  . TYR A 1 200 ? -3.834  -6.940  4.180   1.00 35.73  ? 1845 TYR X CZ  1 
ATOM   1443 O  OH  . TYR A 1 200 ? -3.534  -6.754  5.512   1.00 36.14  ? 1845 TYR X OH  1 
ATOM   1444 N  N   . GLN A 1 201 ? -2.083  -9.940  -0.998  1.00 31.20  ? 1846 GLN X N   1 
ATOM   1445 C  CA  . GLN A 1 201 ? -1.774  -11.352 -0.893  1.00 30.19  ? 1846 GLN X CA  1 
ATOM   1446 C  C   . GLN A 1 201 ? -0.277  -11.477 -0.936  1.00 29.80  ? 1846 GLN X C   1 
ATOM   1447 O  O   . GLN A 1 201 ? 0.376   -10.958 -1.851  1.00 29.58  ? 1846 GLN X O   1 
ATOM   1448 C  CB  . GLN A 1 201 ? -2.394  -12.124 -2.020  1.00 30.30  ? 1846 GLN X CB  1 
ATOM   1449 N  N   . CYS A 1 202 ? 0.253   -12.154 0.080   1.00 29.26  ? 1847 CYS X N   1 
ATOM   1450 C  CA  . CYS A 1 202 ? 1.677   -12.365 0.218   1.00 28.23  ? 1847 CYS X CA  1 
ATOM   1451 C  C   . CYS A 1 202 ? 2.192   -13.150 -0.958  1.00 27.79  ? 1847 CYS X C   1 
ATOM   1452 O  O   . CYS A 1 202 ? 1.783   -14.274 -1.219  1.00 27.44  ? 1847 CYS X O   1 
ATOM   1453 C  CB  . CYS A 1 202 ? 2.001   -13.092 1.509   1.00 28.40  ? 1847 CYS X CB  1 
ATOM   1454 S  SG  . CYS A 1 202 ? 3.777   -13.141 1.833   1.00 27.68  ? 1847 CYS X SG  1 
ATOM   1455 N  N   . GLN A 1 203 ? 3.093   -12.508 -1.671  1.00 27.52  ? 1848 GLN X N   1 
ATOM   1456 C  CA  . GLN A 1 203 ? 3.623   -13.030 -2.901  1.00 27.44  ? 1848 GLN X CA  1 
ATOM   1457 C  C   . GLN A 1 203 ? 4.753   -13.975 -2.610  1.00 27.67  ? 1848 GLN X C   1 
ATOM   1458 O  O   . GLN A 1 203 ? 5.489   -13.790 -1.645  1.00 27.88  ? 1848 GLN X O   1 
ATOM   1459 C  CB  . GLN A 1 203 ? 4.085   -11.839 -3.746  1.00 27.48  ? 1848 GLN X CB  1 
ATOM   1460 C  CG  . GLN A 1 203 ? 3.729   -11.875 -5.221  1.00 26.31  ? 1848 GLN X CG  1 
ATOM   1461 C  CD  . GLN A 1 203 ? 2.252   -12.091 -5.522  1.00 24.25  ? 1848 GLN X CD  1 
ATOM   1462 O  OE1 . GLN A 1 203 ? 1.925   -12.543 -6.614  1.00 23.16  ? 1848 GLN X OE1 1 
ATOM   1463 N  NE2 . GLN A 1 203 ? 1.366   -11.763 -4.577  1.00 22.36  ? 1848 GLN X NE2 1 
ATOM   1464 N  N   . GLU A 1 204 ? 4.878   -15.009 -3.428  1.00 27.90  ? 1849 GLU X N   1 
ATOM   1465 C  CA  . GLU A 1 204 ? 5.937   -15.983 -3.225  1.00 27.92  ? 1849 GLU X CA  1 
ATOM   1466 C  C   . GLU A 1 204 ? 7.257   -15.354 -3.627  1.00 28.01  ? 1849 GLU X C   1 
ATOM   1467 O  O   . GLU A 1 204 ? 7.448   -15.010 -4.791  1.00 28.10  ? 1849 GLU X O   1 
ATOM   1468 C  CB  . GLU A 1 204 ? 5.667   -17.242 -4.033  1.00 27.93  ? 1849 GLU X CB  1 
ATOM   1469 N  N   . LEU A 1 205 ? 8.164   -15.231 -2.658  1.00 28.23  ? 1850 LEU X N   1 
ATOM   1470 C  CA  . LEU A 1 205 ? 9.468   -14.563 -2.820  1.00 28.63  ? 1850 LEU X CA  1 
ATOM   1471 C  C   . LEU A 1 205 ? 10.237  -14.895 -4.095  1.00 28.86  ? 1850 LEU X C   1 
ATOM   1472 O  O   . LEU A 1 205 ? 11.013  -14.082 -4.587  1.00 28.99  ? 1850 LEU X O   1 
ATOM   1473 C  CB  . LEU A 1 205 ? 10.378  -14.852 -1.619  1.00 28.38  ? 1850 LEU X CB  1 
ATOM   1474 C  CG  . LEU A 1 205 ? 9.805   -15.019 -0.207  1.00 28.14  ? 1850 LEU X CG  1 
ATOM   1475 C  CD1 . LEU A 1 205 ? 10.875  -15.587 0.766   1.00 28.91  ? 1850 LEU X CD1 1 
ATOM   1476 C  CD2 . LEU A 1 205 ? 9.228   -13.739 0.323   1.00 26.29  ? 1850 LEU X CD2 1 
ATOM   1477 N  N   . ASP A 1 206 ? 9.972   -16.089 -4.613  1.00 29.23  ? 1851 ASP X N   1 
ATOM   1478 C  CA  . ASP A 1 206 ? 10.576  -16.680 -5.800  1.00 29.44  ? 1851 ASP X CA  1 
ATOM   1479 C  C   . ASP A 1 206 ? 10.909  -15.742 -6.961  1.00 29.62  ? 1851 ASP X C   1 
ATOM   1480 O  O   . ASP A 1 206 ? 12.035  -15.703 -7.447  1.00 29.78  ? 1851 ASP X O   1 
ATOM   1481 C  CB  . ASP A 1 206 ? 9.687   -17.789 -6.270  1.00 29.12  ? 1851 ASP X CB  1 
ATOM   1482 N  N   . THR A 1 207 ? 9.937   -14.948 -7.365  1.00 29.89  ? 1852 THR X N   1 
ATOM   1483 C  CA  . THR A 1 207 ? 10.085  -14.107 -8.540  1.00 30.33  ? 1852 THR X CA  1 
ATOM   1484 C  C   . THR A 1 207 ? 10.800  -12.790 -8.279  1.00 30.61  ? 1852 THR X C   1 
ATOM   1485 O  O   . THR A 1 207 ? 11.100  -12.033 -9.207  1.00 30.97  ? 1852 THR X O   1 
ATOM   1486 C  CB  . THR A 1 207 ? 8.695   -13.841 -9.128  1.00 30.34  ? 1852 THR X CB  1 
ATOM   1487 O  OG1 . THR A 1 207 ? 7.725   -13.861 -8.069  1.00 30.30  ? 1852 THR X OG1 1 
ATOM   1488 C  CG2 . THR A 1 207 ? 8.271   -15.011 -9.981  1.00 30.13  ? 1852 THR X CG2 1 
ATOM   1489 N  N   . TYR A 1 208 ? 11.085  -12.527 -7.015  1.00 30.59  ? 1853 TYR X N   1 
ATOM   1490 C  CA  . TYR A 1 208 ? 11.684  -11.272 -6.637  1.00 30.28  ? 1853 TYR X CA  1 
ATOM   1491 C  C   . TYR A 1 208 ? 13.058  -11.426 -6.008  1.00 30.31  ? 1853 TYR X C   1 
ATOM   1492 O  O   . TYR A 1 208 ? 13.728  -10.423 -5.753  1.00 30.39  ? 1853 TYR X O   1 
ATOM   1493 C  CB  . TYR A 1 208 ? 10.783  -10.600 -5.630  1.00 30.33  ? 1853 TYR X CB  1 
ATOM   1494 C  CG  . TYR A 1 208 ? 9.370   -10.375 -6.094  1.00 30.33  ? 1853 TYR X CG  1 
ATOM   1495 C  CD1 . TYR A 1 208 ? 8.340   -11.180 -5.634  1.00 30.11  ? 1853 TYR X CD1 1 
ATOM   1496 C  CD2 . TYR A 1 208 ? 9.056   -9.329  -6.962  1.00 29.60  ? 1853 TYR X CD2 1 
ATOM   1497 C  CE1 . TYR A 1 208 ? 7.043   -10.964 -6.037  1.00 29.22  ? 1853 TYR X CE1 1 
ATOM   1498 C  CE2 . TYR A 1 208 ? 7.758   -9.111  -7.367  1.00 28.69  ? 1853 TYR X CE2 1 
ATOM   1499 C  CZ  . TYR A 1 208 ? 6.761   -9.933  -6.894  1.00 28.50  ? 1853 TYR X CZ  1 
ATOM   1500 O  OH  . TYR A 1 208 ? 5.466   -9.740  -7.272  1.00 28.62  ? 1853 TYR X OH  1 
ATOM   1501 N  N   . LEU A 1 209 ? 13.468  -12.665 -5.744  1.00 30.04  ? 1854 LEU X N   1 
ATOM   1502 C  CA  . LEU A 1 209 ? 14.743  -12.918 -5.085  1.00 30.02  ? 1854 LEU X CA  1 
ATOM   1503 C  C   . LEU A 1 209 ? 15.935  -12.432 -5.885  1.00 30.02  ? 1854 LEU X C   1 
ATOM   1504 O  O   . LEU A 1 209 ? 15.957  -12.531 -7.102  1.00 30.03  ? 1854 LEU X O   1 
ATOM   1505 C  CB  . LEU A 1 209 ? 14.929  -14.404 -4.816  1.00 30.06  ? 1854 LEU X CB  1 
ATOM   1506 C  CG  . LEU A 1 209 ? 13.897  -15.129 -3.963  1.00 30.36  ? 1854 LEU X CG  1 
ATOM   1507 C  CD1 . LEU A 1 209 ? 13.939  -16.620 -4.251  1.00 31.13  ? 1854 LEU X CD1 1 
ATOM   1508 C  CD2 . LEU A 1 209 ? 14.105  -14.856 -2.489  1.00 31.00  ? 1854 LEU X CD2 1 
ATOM   1509 N  N   . ILE A 1 210 ? 16.937  -11.925 -5.183  1.00 30.18  ? 1855 ILE X N   1 
ATOM   1510 C  CA  . ILE A 1 210 ? 18.130  -11.404 -5.830  1.00 30.39  ? 1855 ILE X CA  1 
ATOM   1511 C  C   . ILE A 1 210 ? 19.368  -12.300 -5.660  1.00 30.70  ? 1855 ILE X C   1 
ATOM   1512 O  O   . ILE A 1 210 ? 19.541  -12.938 -4.613  1.00 30.92  ? 1855 ILE X O   1 
ATOM   1513 C  CB  . ILE A 1 210 ? 18.355  -9.948  -5.338  1.00 30.45  ? 1855 ILE X CB  1 
ATOM   1514 C  CG1 . ILE A 1 210 ? 17.289  -9.053  -5.969  1.00 30.48  ? 1855 ILE X CG1 1 
ATOM   1515 C  CG2 . ILE A 1 210 ? 19.751  -9.408  -5.650  1.00 30.25  ? 1855 ILE X CG2 1 
ATOM   1516 C  CD1 . ILE A 1 210 ? 17.683  -7.625  -6.067  1.00 30.30  ? 1855 ILE X CD1 1 
ATOM   1517 N  N   . PRO A 1 211 ? 20.150  -12.428 -6.741  1.00 30.80  ? 1856 PRO X N   1 
ATOM   1518 C  CA  . PRO A 1 211 ? 21.464  -13.072 -6.731  1.00 30.84  ? 1856 PRO X CA  1 
ATOM   1519 C  C   . PRO A 1 211 ? 22.353  -12.696 -5.566  1.00 30.96  ? 1856 PRO X C   1 
ATOM   1520 O  O   . PRO A 1 211 ? 22.847  -11.578 -5.529  1.00 30.82  ? 1856 PRO X O   1 
ATOM   1521 C  CB  . PRO A 1 211 ? 22.108  -12.515 -8.001  1.00 30.87  ? 1856 PRO X CB  1 
ATOM   1522 C  CG  . PRO A 1 211 ? 20.988  -12.331 -8.929  1.00 30.63  ? 1856 PRO X CG  1 
ATOM   1523 C  CD  . PRO A 1 211 ? 19.766  -12.044 -8.112  1.00 30.75  ? 1856 PRO X CD  1 
ATOM   1524 N  N   . GLN A 1 212 ? 22.543  -13.617 -4.631  1.00 31.28  ? 1857 GLN X N   1 
ATOM   1525 C  CA  . GLN A 1 212 ? 23.463  -13.380 -3.532  1.00 31.49  ? 1857 GLN X CA  1 
ATOM   1526 C  C   . GLN A 1 212 ? 24.743  -14.175 -3.758  1.00 32.35  ? 1857 GLN X C   1 
ATOM   1527 O  O   . GLN A 1 212 ? 24.734  -15.410 -3.876  1.00 32.50  ? 1857 GLN X O   1 
ATOM   1528 C  CB  . GLN A 1 212 ? 22.822  -13.662 -2.170  1.00 31.16  ? 1857 GLN X CB  1 
ATOM   1529 C  CG  . GLN A 1 212 ? 21.736  -12.639 -1.772  1.00 29.44  ? 1857 GLN X CG  1 
ATOM   1530 C  CD  . GLN A 1 212 ? 22.167  -11.197 -1.988  1.00 26.79  ? 1857 GLN X CD  1 
ATOM   1531 O  OE1 . GLN A 1 212 ? 23.031  -10.698 -1.290  1.00 25.14  ? 1857 GLN X OE1 1 
ATOM   1532 N  NE2 . GLN A 1 212 ? 21.562  -10.534 -2.956  1.00 26.73  ? 1857 GLN X NE2 1 
ATOM   1533 N  N   . ILE A 1 213 ? 25.836  -13.426 -3.866  1.00 33.15  ? 1858 ILE X N   1 
ATOM   1534 C  CA  . ILE A 1 213 ? 27.159  -13.971 -4.116  1.00 33.91  ? 1858 ILE X CA  1 
ATOM   1535 C  C   . ILE A 1 213 ? 27.664  -14.649 -2.852  1.00 34.39  ? 1858 ILE X C   1 
ATOM   1536 O  O   . ILE A 1 213 ? 27.632  -14.050 -1.773  1.00 34.62  ? 1858 ILE X O   1 
ATOM   1537 C  CB  . ILE A 1 213 ? 28.117  -12.815 -4.542  1.00 33.91  ? 1858 ILE X CB  1 
ATOM   1538 C  CG1 . ILE A 1 213 ? 27.880  -12.405 -5.992  1.00 34.38  ? 1858 ILE X CG1 1 
ATOM   1539 C  CG2 . ILE A 1 213 ? 29.579  -13.187 -4.390  1.00 33.99  ? 1858 ILE X CG2 1 
ATOM   1540 C  CD1 . ILE A 1 213 ? 28.637  -11.145 -6.384  1.00 35.00  ? 1858 ILE X CD1 1 
ATOM   1541 N  N   . PRO A 1 214 ? 28.070  -15.910 -2.970  1.00 34.82  ? 1859 PRO X N   1 
ATOM   1542 C  CA  . PRO A 1 214 ? 28.709  -16.611 -1.857  1.00 35.13  ? 1859 PRO X CA  1 
ATOM   1543 C  C   . PRO A 1 214 ? 29.966  -15.846 -1.498  1.00 35.38  ? 1859 PRO X C   1 
ATOM   1544 O  O   . PRO A 1 214 ? 30.776  -15.629 -2.401  1.00 35.41  ? 1859 PRO X O   1 
ATOM   1545 C  CB  . PRO A 1 214 ? 29.106  -17.955 -2.465  1.00 35.00  ? 1859 PRO X CB  1 
ATOM   1546 C  CG  . PRO A 1 214 ? 28.241  -18.125 -3.621  1.00 34.87  ? 1859 PRO X CG  1 
ATOM   1547 C  CD  . PRO A 1 214 ? 27.942  -16.763 -4.161  1.00 34.97  ? 1859 PRO X CD  1 
ATOM   1548 O  OXT . PRO A 1 214 ? 30.118  -15.436 -0.347  1.00 35.87  ? 1859 PRO X OXT 1 
HETATM 1549 CO CO  . CO  B 2 .   ? 9.197   -21.296 7.641   1.00 47.56  ? 301  CO  X CO  1 
HETATM 1550 S  S   . SO4 C 3 .   ? 5.824   2.002   -9.456  1.00 125.32 ? 201  SO4 X S   1 
HETATM 1551 O  O1  . SO4 C 3 .   ? 6.339   3.184   -10.136 1.00 125.35 ? 201  SO4 X O1  1 
HETATM 1552 O  O2  . SO4 C 3 .   ? 6.521   0.818   -9.951  1.00 125.48 ? 201  SO4 X O2  1 
HETATM 1553 O  O3  . SO4 C 3 .   ? 6.058   2.125   -8.020  1.00 125.09 ? 201  SO4 X O3  1 
HETATM 1554 O  O4  . SO4 C 3 .   ? 4.393   1.868   -9.719  1.00 125.04 ? 201  SO4 X O4  1 
HETATM 1555 S  S   . SO4 D 3 .   ? 3.274   8.999   -5.295  1.00 69.84  ? 202  SO4 X S   1 
HETATM 1556 O  O1  . SO4 D 3 .   ? 4.528   8.408   -4.844  1.00 70.24  ? 202  SO4 X O1  1 
HETATM 1557 O  O2  . SO4 D 3 .   ? 3.323   10.443  -5.108  1.00 71.07  ? 202  SO4 X O2  1 
HETATM 1558 O  O3  . SO4 D 3 .   ? 3.092   8.704   -6.713  1.00 70.27  ? 202  SO4 X O3  1 
HETATM 1559 O  O4  . SO4 D 3 .   ? 2.154   8.487   -4.519  1.00 69.25  ? 202  SO4 X O4  1 
HETATM 1560 O  O   . HOH E 4 .   ? -3.931  18.040  6.470   1.00 20.38  ? 1    HOH X O   1 
HETATM 1561 O  O   . HOH E 4 .   ? 17.980  -14.918 -7.035  1.00 14.17  ? 2    HOH X O   1 
HETATM 1562 O  O   . HOH E 4 .   ? -0.942  11.282  -5.589  1.00 24.51  ? 3    HOH X O   1 
HETATM 1563 O  O   . HOH E 4 .   ? -25.827 20.278  7.702   1.00 13.60  ? 4    HOH X O   1 
HETATM 1564 O  O   . HOH E 4 .   ? -12.942 -3.000  -2.299  1.00 28.53  ? 5    HOH X O   1 
HETATM 1565 O  O   . HOH E 4 .   ? -13.785 20.728  4.504   1.00 11.67  ? 6    HOH X O   1 
HETATM 1566 O  O   . HOH E 4 .   ? -11.840 19.184  5.662   1.00 48.00  ? 7    HOH X O   1 
HETATM 1567 O  O   . HOH E 4 .   ? -14.627 -2.802  -8.108  1.00 30.08  ? 8    HOH X O   1 
HETATM 1568 O  O   . HOH E 4 .   ? -15.666 -7.460  4.598   1.00 19.95  ? 9    HOH X O   1 
HETATM 1569 O  O   . HOH E 4 .   ? 13.403  -2.528  -7.663  1.00 26.48  ? 10   HOH X O   1 
HETATM 1570 O  O   . HOH E 4 .   ? -6.596  -4.805  7.496   1.00 7.43   ? 11   HOH X O   1 
HETATM 1571 O  O   . HOH E 4 .   ? -5.913  12.291  9.080   1.00 32.03  ? 12   HOH X O   1 
HETATM 1572 O  O   . HOH E 4 .   ? 10.108  10.946  -3.708  1.00 56.54  ? 13   HOH X O   1 
HETATM 1573 O  O   . HOH E 4 .   ? 11.982  7.424   4.710   1.00 54.40  ? 14   HOH X O   1 
HETATM 1574 O  O   . HOH E 4 .   ? 0.542   -16.271 -2.682  1.00 13.02  ? 15   HOH X O   1 
HETATM 1575 O  O   . HOH E 4 .   ? -21.232 6.541   -12.867 1.00 35.14  ? 16   HOH X O   1 
HETATM 1576 O  O   . HOH E 4 .   ? 26.954  -1.110  -6.217  1.00 2.02   ? 17   HOH X O   1 
HETATM 1577 O  O   . HOH E 4 .   ? -5.676  -8.507  -15.147 1.00 41.22  ? 18   HOH X O   1 
HETATM 1578 O  O   . HOH E 4 .   ? -16.422 22.911  -5.953  1.00 77.30  ? 19   HOH X O   1 
HETATM 1579 O  O   . HOH E 4 .   ? -1.217  -14.708 -0.060  1.00 84.71  ? 20   HOH X O   1 
HETATM 1580 O  O   . HOH E 4 .   ? 22.888  -3.319  8.814   1.00 34.84  ? 21   HOH X O   1 
HETATM 1581 O  O   . HOH E 4 .   ? -7.001  5.931   -14.312 1.00 42.41  ? 22   HOH X O   1 
HETATM 1582 O  O   . HOH E 4 .   ? 12.666  10.867  1.919   1.00 44.99  ? 23   HOH X O   1 
HETATM 1583 O  O   . HOH E 4 .   ? 7.807   -2.510  14.468  1.00 35.36  ? 24   HOH X O   1 
HETATM 1584 O  O   . HOH E 4 .   ? -4.361  -16.555 3.209   1.00 46.05  ? 25   HOH X O   1 
HETATM 1585 O  O   . HOH E 4 .   ? -5.117  14.798  -6.336  1.00 39.30  ? 26   HOH X O   1 
HETATM 1586 O  O   . HOH E 4 .   ? 26.547  -9.528  -9.930  1.00 2.12   ? 27   HOH X O   1 
HETATM 1587 O  O   . HOH E 4 .   ? 30.488  0.758   -6.147  1.00 8.41   ? 28   HOH X O   1 
HETATM 1588 O  O   . HOH E 4 .   ? -4.436  20.842  -1.188  1.00 40.56  ? 29   HOH X O   1 
HETATM 1589 O  O   . HOH E 4 .   ? 17.763  -0.458  -1.507  1.00 23.96  ? 30   HOH X O   1 
HETATM 1590 O  O   . HOH E 4 .   ? -4.593  10.774  -12.189 1.00 9.33   ? 31   HOH X O   1 
HETATM 1591 O  O   . HOH E 4 .   ? -21.385 21.872  -0.476  1.00 30.78  ? 32   HOH X O   1 
HETATM 1592 O  O   . HOH E 4 .   ? -12.940 -3.631  -12.071 1.00 9.25   ? 33   HOH X O   1 
HETATM 1593 O  O   . HOH E 4 .   ? 19.095  0.767   5.593   1.00 30.86  ? 34   HOH X O   1 
HETATM 1594 O  O   . HOH E 4 .   ? 3.802   8.754   8.010   1.00 83.68  ? 35   HOH X O   1 
HETATM 1595 O  O   . HOH E 4 .   ? 22.686  -15.978 3.258   1.00 17.98  ? 36   HOH X O   1 
HETATM 1596 O  O   . HOH E 4 .   ? 6.074   -3.350  -9.029  1.00 23.89  ? 37   HOH X O   1 
HETATM 1597 O  O   . HOH E 4 .   ? -9.339  -11.773 -6.016  1.00 24.11  ? 38   HOH X O   1 
HETATM 1598 O  O   . HOH E 4 .   ? 7.600   -3.734  -11.550 1.00 37.57  ? 39   HOH X O   1 
HETATM 1599 O  O   . HOH E 4 .   ? 0.153   11.368  2.331   1.00 45.33  ? 40   HOH X O   1 
HETATM 1600 O  O   . HOH E 4 .   ? -15.482 19.557  5.531   1.00 36.17  ? 41   HOH X O   1 
HETATM 1601 O  O   . HOH E 4 .   ? 17.470  -2.511  14.160  1.00 36.30  ? 42   HOH X O   1 
HETATM 1602 O  O   . HOH E 4 .   ? -3.635  -16.528 -1.316  1.00 51.44  ? 43   HOH X O   1 
HETATM 1603 O  O   . HOH E 4 .   ? 24.668  -20.309 5.807   1.00 41.53  ? 44   HOH X O   1 
HETATM 1604 O  O   . HOH E 4 .   ? 7.157   9.381   -2.178  1.00 44.81  ? 45   HOH X O   1 
HETATM 1605 O  O   . HOH E 4 .   ? -25.372 7.507   -14.392 1.00 54.65  ? 46   HOH X O   1 
HETATM 1606 O  O   . HOH E 4 .   ? 5.413   7.886   -8.052  1.00 31.91  ? 47   HOH X O   1 
HETATM 1607 O  O   . HOH E 4 .   ? -14.775 -6.580  -9.331  1.00 2.02   ? 48   HOH X O   1 
HETATM 1608 O  O   . HOH E 4 .   ? 0.962   0.539   12.574  1.00 40.55  ? 49   HOH X O   1 
HETATM 1609 O  O   . HOH E 4 .   ? 24.339  -0.504  -1.377  1.00 2.93   ? 50   HOH X O   1 
HETATM 1610 O  O   . HOH E 4 .   ? 13.887  7.733   1.138   1.00 34.32  ? 51   HOH X O   1 
HETATM 1611 O  O   . HOH E 4 .   ? -7.512  13.562  -12.470 1.00 26.02  ? 52   HOH X O   1 
HETATM 1612 O  O   . HOH E 4 .   ? 3.572   7.038   10.653  1.00 52.28  ? 53   HOH X O   1 
HETATM 1613 O  O   . HOH E 4 .   ? -4.752  -6.602  -17.434 1.00 16.64  ? 54   HOH X O   1 
HETATM 1614 O  O   . HOH E 4 .   ? 6.472   9.885   1.146   1.00 57.08  ? 55   HOH X O   1 
HETATM 1615 O  O   . HOH E 4 .   ? 21.498  -11.474 12.017  1.00 31.60  ? 56   HOH X O   1 
HETATM 1616 O  O   . HOH E 4 .   ? 26.121  -7.851  9.075   1.00 22.49  ? 57   HOH X O   1 
HETATM 1617 O  O   . HOH E 4 .   ? 25.131  -0.352  -8.293  1.00 12.76  ? 58   HOH X O   1 
HETATM 1618 O  O   . HOH E 4 .   ? 7.659   11.101  5.783   1.00 70.62  ? 59   HOH X O   1 
# 
